data_3PLW
# 
_entry.id   3PLW 
# 
_audit_conform.dict_name       mmcif_pdbx.dic 
_audit_conform.dict_version    5.387 
_audit_conform.dict_location   http://mmcif.pdb.org/dictionaries/ascii/mmcif_pdbx.dic 
# 
loop_
_database_2.database_id 
_database_2.database_code 
_database_2.pdbx_database_accession 
_database_2.pdbx_DOI 
PDB   3PLW         pdb_00003plw 10.2210/pdb3plw/pdb 
RCSB  RCSB062533   ?            ?                   
WWPDB D_1000062533 ?            ?                   
# 
loop_
_pdbx_audit_revision_history.ordinal 
_pdbx_audit_revision_history.data_content_type 
_pdbx_audit_revision_history.major_revision 
_pdbx_audit_revision_history.minor_revision 
_pdbx_audit_revision_history.revision_date 
1 'Structure model' 1 0 2010-12-29 
2 'Structure model' 1 1 2011-07-13 
3 'Structure model' 1 2 2017-11-08 
4 'Structure model' 1 3 2018-02-07 
5 'Structure model' 1 4 2024-02-21 
# 
_pdbx_audit_revision_details.ordinal             1 
_pdbx_audit_revision_details.revision_ordinal    1 
_pdbx_audit_revision_details.data_content_type   'Structure model' 
_pdbx_audit_revision_details.provider            repository 
_pdbx_audit_revision_details.type                'Initial release' 
_pdbx_audit_revision_details.description         ? 
_pdbx_audit_revision_details.details             ? 
# 
loop_
_pdbx_audit_revision_group.ordinal 
_pdbx_audit_revision_group.revision_ordinal 
_pdbx_audit_revision_group.data_content_type 
_pdbx_audit_revision_group.group 
1 2 'Structure model' 'Version format compliance' 
2 3 'Structure model' Advisory                    
3 3 'Structure model' 'Refinement description'    
4 4 'Structure model' 'Experimental preparation'  
5 5 'Structure model' Advisory                    
6 5 'Structure model' 'Data collection'           
7 5 'Structure model' 'Database references'       
8 5 'Structure model' 'Derived calculations'      
# 
loop_
_pdbx_audit_revision_category.ordinal 
_pdbx_audit_revision_category.revision_ordinal 
_pdbx_audit_revision_category.data_content_type 
_pdbx_audit_revision_category.category 
1  3 'Structure model' pdbx_unobs_or_zero_occ_atoms 
2  3 'Structure model' software                     
3  4 'Structure model' exptl_crystal_grow           
4  5 'Structure model' chem_comp_atom               
5  5 'Structure model' chem_comp_bond               
6  5 'Structure model' database_2                   
7  5 'Structure model' pdbx_struct_conn_angle       
8  5 'Structure model' pdbx_unobs_or_zero_occ_atoms 
9  5 'Structure model' struct_conn                  
10 5 'Structure model' struct_site                  
# 
loop_
_pdbx_audit_revision_item.ordinal 
_pdbx_audit_revision_item.revision_ordinal 
_pdbx_audit_revision_item.data_content_type 
_pdbx_audit_revision_item.item 
1  3 'Structure model' '_software.name'                              
2  4 'Structure model' '_exptl_crystal_grow.pdbx_details'            
3  4 'Structure model' '_exptl_crystal_grow.temp'                    
4  5 'Structure model' '_database_2.pdbx_DOI'                        
5  5 'Structure model' '_database_2.pdbx_database_accession'         
6  5 'Structure model' '_pdbx_struct_conn_angle.ptnr1_auth_comp_id'  
7  5 'Structure model' '_pdbx_struct_conn_angle.ptnr1_auth_seq_id'   
8  5 'Structure model' '_pdbx_struct_conn_angle.ptnr1_label_asym_id' 
9  5 'Structure model' '_pdbx_struct_conn_angle.ptnr1_label_atom_id' 
10 5 'Structure model' '_pdbx_struct_conn_angle.ptnr1_label_comp_id' 
11 5 'Structure model' '_pdbx_struct_conn_angle.ptnr1_label_seq_id'  
12 5 'Structure model' '_pdbx_struct_conn_angle.ptnr2_auth_seq_id'   
13 5 'Structure model' '_pdbx_struct_conn_angle.ptnr2_label_asym_id' 
14 5 'Structure model' '_pdbx_struct_conn_angle.ptnr3_auth_comp_id'  
15 5 'Structure model' '_pdbx_struct_conn_angle.ptnr3_auth_seq_id'   
16 5 'Structure model' '_pdbx_struct_conn_angle.ptnr3_label_asym_id' 
17 5 'Structure model' '_pdbx_struct_conn_angle.ptnr3_label_atom_id' 
18 5 'Structure model' '_pdbx_struct_conn_angle.ptnr3_label_comp_id' 
19 5 'Structure model' '_pdbx_struct_conn_angle.ptnr3_label_seq_id'  
20 5 'Structure model' '_pdbx_struct_conn_angle.value'               
21 5 'Structure model' '_struct_conn.pdbx_dist_value'                
22 5 'Structure model' '_struct_conn.ptnr1_auth_comp_id'             
23 5 'Structure model' '_struct_conn.ptnr1_auth_seq_id'              
24 5 'Structure model' '_struct_conn.ptnr1_label_asym_id'            
25 5 'Structure model' '_struct_conn.ptnr1_label_atom_id'            
26 5 'Structure model' '_struct_conn.ptnr1_label_comp_id'            
27 5 'Structure model' '_struct_conn.ptnr1_label_seq_id'             
28 5 'Structure model' '_struct_conn.ptnr2_auth_comp_id'             
29 5 'Structure model' '_struct_conn.ptnr2_auth_seq_id'              
30 5 'Structure model' '_struct_conn.ptnr2_label_asym_id'            
31 5 'Structure model' '_struct_conn.ptnr2_label_atom_id'            
32 5 'Structure model' '_struct_conn.ptnr2_label_comp_id'            
33 5 'Structure model' '_struct_site.pdbx_auth_asym_id'              
34 5 'Structure model' '_struct_site.pdbx_auth_comp_id'              
35 5 'Structure model' '_struct_site.pdbx_auth_seq_id'               
# 
_pdbx_database_status.entry_id                        3PLW 
_pdbx_database_status.status_code                     REL 
_pdbx_database_status.deposit_site                    RCSB 
_pdbx_database_status.process_site                    RCSB 
_pdbx_database_status.recvd_initial_deposition_date   2010-11-15 
_pdbx_database_status.status_code_sf                  REL 
_pdbx_database_status.status_code_mr                  ? 
_pdbx_database_status.SG_entry                        ? 
_pdbx_database_status.status_code_cs                  ? 
_pdbx_database_status.pdb_format_compatible           Y 
_pdbx_database_status.methods_development_category    ? 
_pdbx_database_status.status_code_nmr_data            ? 
# 
loop_
_audit_author.name 
_audit_author.pdbx_ordinal 
_audit_author.identifier_ORCID 
'Keck, J.L.' 1 ? 
'Lu, D.'     2 ? 
'Cox, M.M.'  3 ? 
# 
_citation.id                        primary 
_citation.title                     
'Creating Directed Double-strand Breaks with the Ref Protein: A NOVEL RecA-DEPENDENT NUCLEASE FROM BACTERIOPHAGE P1.' 
_citation.journal_abbrev            J.Biol.Chem. 
_citation.journal_volume            286 
_citation.page_first                8240 
_citation.page_last                 8251 
_citation.year                      2011 
_citation.journal_id_ASTM           JBCHA3 
_citation.country                   US 
_citation.journal_id_ISSN           0021-9258 
_citation.journal_id_CSD            0071 
_citation.book_publisher            ? 
_citation.pdbx_database_id_PubMed   21193392 
_citation.pdbx_database_id_DOI      10.1074/jbc.M110.205088 
# 
loop_
_citation_author.citation_id 
_citation_author.name 
_citation_author.ordinal 
_citation_author.identifier_ORCID 
primary 'Gruenig, M.C.'   1 ? 
primary 'Lu, D.'          2 ? 
primary 'Won, S.J.'       3 ? 
primary 'Dulberger, C.L.' 4 ? 
primary 'Manlick, A.J.'   5 ? 
primary 'Keck, J.L.'      6 ? 
primary 'Cox, M.M.'       7 ? 
# 
loop_
_entity.id 
_entity.type 
_entity.src_method 
_entity.pdbx_description 
_entity.formula_weight 
_entity.pdbx_number_of_molecules 
_entity.pdbx_ec 
_entity.pdbx_mutation 
_entity.pdbx_fragment 
_entity.details 
1 polymer     man 'Recombination enhancement function protein' 21374.977 1   ? ? ? ? 
2 non-polymer syn 'ZINC ION'                                   65.409    2   ? ? ? ? 
3 non-polymer syn 'SULFATE ION'                                96.063    1   ? ? ? ? 
4 water       nat water                                        18.015    126 ? ? ? ? 
# 
_entity_poly.entity_id                      1 
_entity_poly.type                           'polypeptide(L)' 
_entity_poly.nstd_linkage                   no 
_entity_poly.nstd_monomer                   no 
_entity_poly.pdbx_seq_one_letter_code       
;MKTIEQKIEQCRKWQKAARERAIARQREKLADPVWRESQYQKMRDTLDRRIAKQKERPPASKTRKSAVKIKSRGLKGRTP
TAEERRIANALGALPCIACYMHGVISNEVSLHHIAGRTAPGCHKKQLPLCRWHHQHAAPAEVREKYPWLVPVHADGVVGG
KKEFTLLNKSEMELLADAYEMANIMH
;
_entity_poly.pdbx_seq_one_letter_code_can   
;MKTIEQKIEQCRKWQKAARERAIARQREKLADPVWRESQYQKMRDTLDRRIAKQKERPPASKTRKSAVKIKSRGLKGRTP
TAEERRIANALGALPCIACYMHGVISNEVSLHHIAGRTAPGCHKKQLPLCRWHHQHAAPAEVREKYPWLVPVHADGVVGG
KKEFTLLNKSEMELLADAYEMANIMH
;
_entity_poly.pdbx_strand_id                 A 
_entity_poly.pdbx_target_identifier         ? 
# 
loop_
_pdbx_entity_nonpoly.entity_id 
_pdbx_entity_nonpoly.name 
_pdbx_entity_nonpoly.comp_id 
2 'ZINC ION'    ZN  
3 'SULFATE ION' SO4 
4 water         HOH 
# 
loop_
_entity_poly_seq.entity_id 
_entity_poly_seq.num 
_entity_poly_seq.mon_id 
_entity_poly_seq.hetero 
1 1   MET n 
1 2   LYS n 
1 3   THR n 
1 4   ILE n 
1 5   GLU n 
1 6   GLN n 
1 7   LYS n 
1 8   ILE n 
1 9   GLU n 
1 10  GLN n 
1 11  CYS n 
1 12  ARG n 
1 13  LYS n 
1 14  TRP n 
1 15  GLN n 
1 16  LYS n 
1 17  ALA n 
1 18  ALA n 
1 19  ARG n 
1 20  GLU n 
1 21  ARG n 
1 22  ALA n 
1 23  ILE n 
1 24  ALA n 
1 25  ARG n 
1 26  GLN n 
1 27  ARG n 
1 28  GLU n 
1 29  LYS n 
1 30  LEU n 
1 31  ALA n 
1 32  ASP n 
1 33  PRO n 
1 34  VAL n 
1 35  TRP n 
1 36  ARG n 
1 37  GLU n 
1 38  SER n 
1 39  GLN n 
1 40  TYR n 
1 41  GLN n 
1 42  LYS n 
1 43  MET n 
1 44  ARG n 
1 45  ASP n 
1 46  THR n 
1 47  LEU n 
1 48  ASP n 
1 49  ARG n 
1 50  ARG n 
1 51  ILE n 
1 52  ALA n 
1 53  LYS n 
1 54  GLN n 
1 55  LYS n 
1 56  GLU n 
1 57  ARG n 
1 58  PRO n 
1 59  PRO n 
1 60  ALA n 
1 61  SER n 
1 62  LYS n 
1 63  THR n 
1 64  ARG n 
1 65  LYS n 
1 66  SER n 
1 67  ALA n 
1 68  VAL n 
1 69  LYS n 
1 70  ILE n 
1 71  LYS n 
1 72  SER n 
1 73  ARG n 
1 74  GLY n 
1 75  LEU n 
1 76  LYS n 
1 77  GLY n 
1 78  ARG n 
1 79  THR n 
1 80  PRO n 
1 81  THR n 
1 82  ALA n 
1 83  GLU n 
1 84  GLU n 
1 85  ARG n 
1 86  ARG n 
1 87  ILE n 
1 88  ALA n 
1 89  ASN n 
1 90  ALA n 
1 91  LEU n 
1 92  GLY n 
1 93  ALA n 
1 94  LEU n 
1 95  PRO n 
1 96  CYS n 
1 97  ILE n 
1 98  ALA n 
1 99  CYS n 
1 100 TYR n 
1 101 MET n 
1 102 HIS n 
1 103 GLY n 
1 104 VAL n 
1 105 ILE n 
1 106 SER n 
1 107 ASN n 
1 108 GLU n 
1 109 VAL n 
1 110 SER n 
1 111 LEU n 
1 112 HIS n 
1 113 HIS n 
1 114 ILE n 
1 115 ALA n 
1 116 GLY n 
1 117 ARG n 
1 118 THR n 
1 119 ALA n 
1 120 PRO n 
1 121 GLY n 
1 122 CYS n 
1 123 HIS n 
1 124 LYS n 
1 125 LYS n 
1 126 GLN n 
1 127 LEU n 
1 128 PRO n 
1 129 LEU n 
1 130 CYS n 
1 131 ARG n 
1 132 TRP n 
1 133 HIS n 
1 134 HIS n 
1 135 GLN n 
1 136 HIS n 
1 137 ALA n 
1 138 ALA n 
1 139 PRO n 
1 140 ALA n 
1 141 GLU n 
1 142 VAL n 
1 143 ARG n 
1 144 GLU n 
1 145 LYS n 
1 146 TYR n 
1 147 PRO n 
1 148 TRP n 
1 149 LEU n 
1 150 VAL n 
1 151 PRO n 
1 152 VAL n 
1 153 HIS n 
1 154 ALA n 
1 155 ASP n 
1 156 GLY n 
1 157 VAL n 
1 158 VAL n 
1 159 GLY n 
1 160 GLY n 
1 161 LYS n 
1 162 LYS n 
1 163 GLU n 
1 164 PHE n 
1 165 THR n 
1 166 LEU n 
1 167 LEU n 
1 168 ASN n 
1 169 LYS n 
1 170 SER n 
1 171 GLU n 
1 172 MET n 
1 173 GLU n 
1 174 LEU n 
1 175 LEU n 
1 176 ALA n 
1 177 ASP n 
1 178 ALA n 
1 179 TYR n 
1 180 GLU n 
1 181 MET n 
1 182 ALA n 
1 183 ASN n 
1 184 ILE n 
1 185 MET n 
1 186 HIS n 
# 
_entity_src_gen.entity_id                          1 
_entity_src_gen.pdbx_src_id                        1 
_entity_src_gen.pdbx_alt_source_flag               sample 
_entity_src_gen.pdbx_seq_type                      ? 
_entity_src_gen.pdbx_beg_seq_num                   ? 
_entity_src_gen.pdbx_end_seq_num                   ? 
_entity_src_gen.gene_src_common_name               'Bacteriophage P1' 
_entity_src_gen.gene_src_genus                     ? 
_entity_src_gen.pdbx_gene_src_gene                 ref 
_entity_src_gen.gene_src_species                   ? 
_entity_src_gen.gene_src_strain                    ? 
_entity_src_gen.gene_src_tissue                    ? 
_entity_src_gen.gene_src_tissue_fraction           ? 
_entity_src_gen.gene_src_details                   ? 
_entity_src_gen.pdbx_gene_src_fragment             ? 
_entity_src_gen.pdbx_gene_src_scientific_name      'Enterobacteria phage P1' 
_entity_src_gen.pdbx_gene_src_ncbi_taxonomy_id     10678 
_entity_src_gen.pdbx_gene_src_variant              ? 
_entity_src_gen.pdbx_gene_src_cell_line            ? 
_entity_src_gen.pdbx_gene_src_atcc                 ? 
_entity_src_gen.pdbx_gene_src_organ                ? 
_entity_src_gen.pdbx_gene_src_organelle            ? 
_entity_src_gen.pdbx_gene_src_cell                 ? 
_entity_src_gen.pdbx_gene_src_cellular_location    ? 
_entity_src_gen.host_org_common_name               ? 
_entity_src_gen.pdbx_host_org_scientific_name      'Escherichia coli' 
_entity_src_gen.pdbx_host_org_ncbi_taxonomy_id     562 
_entity_src_gen.host_org_genus                     ? 
_entity_src_gen.pdbx_host_org_gene                 ? 
_entity_src_gen.pdbx_host_org_organ                ? 
_entity_src_gen.host_org_species                   ? 
_entity_src_gen.pdbx_host_org_tissue               ? 
_entity_src_gen.pdbx_host_org_tissue_fraction      ? 
_entity_src_gen.pdbx_host_org_strain               ? 
_entity_src_gen.pdbx_host_org_variant              ? 
_entity_src_gen.pdbx_host_org_cell_line            ? 
_entity_src_gen.pdbx_host_org_atcc                 ? 
_entity_src_gen.pdbx_host_org_culture_collection   ? 
_entity_src_gen.pdbx_host_org_cell                 ? 
_entity_src_gen.pdbx_host_org_organelle            ? 
_entity_src_gen.pdbx_host_org_cellular_location    ? 
_entity_src_gen.pdbx_host_org_vector_type          ? 
_entity_src_gen.pdbx_host_org_vector               ? 
_entity_src_gen.host_org_details                   ? 
_entity_src_gen.expression_system_id               ? 
_entity_src_gen.plasmid_name                       ? 
_entity_src_gen.plasmid_details                    ? 
_entity_src_gen.pdbx_description                   ? 
# 
loop_
_chem_comp.id 
_chem_comp.type 
_chem_comp.mon_nstd_flag 
_chem_comp.name 
_chem_comp.pdbx_synonyms 
_chem_comp.formula 
_chem_comp.formula_weight 
ALA 'L-peptide linking' y ALANINE         ? 'C3 H7 N O2'     89.093  
ARG 'L-peptide linking' y ARGININE        ? 'C6 H15 N4 O2 1' 175.209 
ASN 'L-peptide linking' y ASPARAGINE      ? 'C4 H8 N2 O3'    132.118 
ASP 'L-peptide linking' y 'ASPARTIC ACID' ? 'C4 H7 N O4'     133.103 
CYS 'L-peptide linking' y CYSTEINE        ? 'C3 H7 N O2 S'   121.158 
GLN 'L-peptide linking' y GLUTAMINE       ? 'C5 H10 N2 O3'   146.144 
GLU 'L-peptide linking' y 'GLUTAMIC ACID' ? 'C5 H9 N O4'     147.129 
GLY 'peptide linking'   y GLYCINE         ? 'C2 H5 N O2'     75.067  
HIS 'L-peptide linking' y HISTIDINE       ? 'C6 H10 N3 O2 1' 156.162 
HOH non-polymer         . WATER           ? 'H2 O'           18.015  
ILE 'L-peptide linking' y ISOLEUCINE      ? 'C6 H13 N O2'    131.173 
LEU 'L-peptide linking' y LEUCINE         ? 'C6 H13 N O2'    131.173 
LYS 'L-peptide linking' y LYSINE          ? 'C6 H15 N2 O2 1' 147.195 
MET 'L-peptide linking' y METHIONINE      ? 'C5 H11 N O2 S'  149.211 
PHE 'L-peptide linking' y PHENYLALANINE   ? 'C9 H11 N O2'    165.189 
PRO 'L-peptide linking' y PROLINE         ? 'C5 H9 N O2'     115.130 
SER 'L-peptide linking' y SERINE          ? 'C3 H7 N O3'     105.093 
SO4 non-polymer         . 'SULFATE ION'   ? 'O4 S -2'        96.063  
THR 'L-peptide linking' y THREONINE       ? 'C4 H9 N O3'     119.119 
TRP 'L-peptide linking' y TRYPTOPHAN      ? 'C11 H12 N2 O2'  204.225 
TYR 'L-peptide linking' y TYROSINE        ? 'C9 H11 N O3'    181.189 
VAL 'L-peptide linking' y VALINE          ? 'C5 H11 N O2'    117.146 
ZN  non-polymer         . 'ZINC ION'      ? 'Zn 2'           65.409  
# 
loop_
_pdbx_poly_seq_scheme.asym_id 
_pdbx_poly_seq_scheme.entity_id 
_pdbx_poly_seq_scheme.seq_id 
_pdbx_poly_seq_scheme.mon_id 
_pdbx_poly_seq_scheme.ndb_seq_num 
_pdbx_poly_seq_scheme.pdb_seq_num 
_pdbx_poly_seq_scheme.auth_seq_num 
_pdbx_poly_seq_scheme.pdb_mon_id 
_pdbx_poly_seq_scheme.auth_mon_id 
_pdbx_poly_seq_scheme.pdb_strand_id 
_pdbx_poly_seq_scheme.pdb_ins_code 
_pdbx_poly_seq_scheme.hetero 
A 1 1   MET 1   1   ?   ?   ?   A . n 
A 1 2   LYS 2   2   ?   ?   ?   A . n 
A 1 3   THR 3   3   ?   ?   ?   A . n 
A 1 4   ILE 4   4   ?   ?   ?   A . n 
A 1 5   GLU 5   5   ?   ?   ?   A . n 
A 1 6   GLN 6   6   ?   ?   ?   A . n 
A 1 7   LYS 7   7   ?   ?   ?   A . n 
A 1 8   ILE 8   8   ?   ?   ?   A . n 
A 1 9   GLU 9   9   ?   ?   ?   A . n 
A 1 10  GLN 10  10  ?   ?   ?   A . n 
A 1 11  CYS 11  11  ?   ?   ?   A . n 
A 1 12  ARG 12  12  ?   ?   ?   A . n 
A 1 13  LYS 13  13  ?   ?   ?   A . n 
A 1 14  TRP 14  14  ?   ?   ?   A . n 
A 1 15  GLN 15  15  ?   ?   ?   A . n 
A 1 16  LYS 16  16  ?   ?   ?   A . n 
A 1 17  ALA 17  17  ?   ?   ?   A . n 
A 1 18  ALA 18  18  ?   ?   ?   A . n 
A 1 19  ARG 19  19  ?   ?   ?   A . n 
A 1 20  GLU 20  20  ?   ?   ?   A . n 
A 1 21  ARG 21  21  ?   ?   ?   A . n 
A 1 22  ALA 22  22  ?   ?   ?   A . n 
A 1 23  ILE 23  23  ?   ?   ?   A . n 
A 1 24  ALA 24  24  ?   ?   ?   A . n 
A 1 25  ARG 25  25  ?   ?   ?   A . n 
A 1 26  GLN 26  26  ?   ?   ?   A . n 
A 1 27  ARG 27  27  ?   ?   ?   A . n 
A 1 28  GLU 28  28  ?   ?   ?   A . n 
A 1 29  LYS 29  29  ?   ?   ?   A . n 
A 1 30  LEU 30  30  ?   ?   ?   A . n 
A 1 31  ALA 31  31  ?   ?   ?   A . n 
A 1 32  ASP 32  32  ?   ?   ?   A . n 
A 1 33  PRO 33  33  ?   ?   ?   A . n 
A 1 34  VAL 34  34  ?   ?   ?   A . n 
A 1 35  TRP 35  35  ?   ?   ?   A . n 
A 1 36  ARG 36  36  ?   ?   ?   A . n 
A 1 37  GLU 37  37  ?   ?   ?   A . n 
A 1 38  SER 38  38  ?   ?   ?   A . n 
A 1 39  GLN 39  39  ?   ?   ?   A . n 
A 1 40  TYR 40  40  ?   ?   ?   A . n 
A 1 41  GLN 41  41  ?   ?   ?   A . n 
A 1 42  LYS 42  42  ?   ?   ?   A . n 
A 1 43  MET 43  43  ?   ?   ?   A . n 
A 1 44  ARG 44  44  ?   ?   ?   A . n 
A 1 45  ASP 45  45  ?   ?   ?   A . n 
A 1 46  THR 46  46  ?   ?   ?   A . n 
A 1 47  LEU 47  47  ?   ?   ?   A . n 
A 1 48  ASP 48  48  ?   ?   ?   A . n 
A 1 49  ARG 49  49  ?   ?   ?   A . n 
A 1 50  ARG 50  50  ?   ?   ?   A . n 
A 1 51  ILE 51  51  ?   ?   ?   A . n 
A 1 52  ALA 52  52  ?   ?   ?   A . n 
A 1 53  LYS 53  53  ?   ?   ?   A . n 
A 1 54  GLN 54  54  ?   ?   ?   A . n 
A 1 55  LYS 55  55  ?   ?   ?   A . n 
A 1 56  GLU 56  56  ?   ?   ?   A . n 
A 1 57  ARG 57  57  ?   ?   ?   A . n 
A 1 58  PRO 58  58  ?   ?   ?   A . n 
A 1 59  PRO 59  59  ?   ?   ?   A . n 
A 1 60  ALA 60  60  ?   ?   ?   A . n 
A 1 61  SER 61  61  ?   ?   ?   A . n 
A 1 62  LYS 62  62  ?   ?   ?   A . n 
A 1 63  THR 63  63  ?   ?   ?   A . n 
A 1 64  ARG 64  64  ?   ?   ?   A . n 
A 1 65  LYS 65  65  ?   ?   ?   A . n 
A 1 66  SER 66  66  ?   ?   ?   A . n 
A 1 67  ALA 67  67  ?   ?   ?   A . n 
A 1 68  VAL 68  68  ?   ?   ?   A . n 
A 1 69  LYS 69  69  ?   ?   ?   A . n 
A 1 70  ILE 70  70  ?   ?   ?   A . n 
A 1 71  LYS 71  71  ?   ?   ?   A . n 
A 1 72  SER 72  72  ?   ?   ?   A . n 
A 1 73  ARG 73  73  ?   ?   ?   A . n 
A 1 74  GLY 74  74  ?   ?   ?   A . n 
A 1 75  LEU 75  75  ?   ?   ?   A . n 
A 1 76  LYS 76  76  ?   ?   ?   A . n 
A 1 77  GLY 77  77  77  GLY GLY A . n 
A 1 78  ARG 78  78  78  ARG ARG A . n 
A 1 79  THR 79  79  79  THR THR A . n 
A 1 80  PRO 80  80  80  PRO PRO A . n 
A 1 81  THR 81  81  81  THR THR A . n 
A 1 82  ALA 82  82  82  ALA ALA A . n 
A 1 83  GLU 83  83  83  GLU GLU A . n 
A 1 84  GLU 84  84  84  GLU GLU A . n 
A 1 85  ARG 85  85  85  ARG ARG A . n 
A 1 86  ARG 86  86  86  ARG ARG A . n 
A 1 87  ILE 87  87  87  ILE ILE A . n 
A 1 88  ALA 88  88  88  ALA ALA A . n 
A 1 89  ASN 89  89  89  ASN ASN A . n 
A 1 90  ALA 90  90  90  ALA ALA A . n 
A 1 91  LEU 91  91  91  LEU LEU A . n 
A 1 92  GLY 92  92  92  GLY GLY A . n 
A 1 93  ALA 93  93  93  ALA ALA A . n 
A 1 94  LEU 94  94  94  LEU LEU A . n 
A 1 95  PRO 95  95  95  PRO PRO A . n 
A 1 96  CYS 96  96  96  CYS CYS A . n 
A 1 97  ILE 97  97  97  ILE ILE A . n 
A 1 98  ALA 98  98  98  ALA ALA A . n 
A 1 99  CYS 99  99  99  CYS CYS A . n 
A 1 100 TYR 100 100 100 TYR TYR A . n 
A 1 101 MET 101 101 101 MET MET A . n 
A 1 102 HIS 102 102 102 HIS HIS A . n 
A 1 103 GLY 103 103 103 GLY GLY A . n 
A 1 104 VAL 104 104 104 VAL VAL A . n 
A 1 105 ILE 105 105 105 ILE ILE A . n 
A 1 106 SER 106 106 106 SER SER A . n 
A 1 107 ASN 107 107 107 ASN ASN A . n 
A 1 108 GLU 108 108 108 GLU GLU A . n 
A 1 109 VAL 109 109 109 VAL VAL A . n 
A 1 110 SER 110 110 110 SER SER A . n 
A 1 111 LEU 111 111 111 LEU LEU A . n 
A 1 112 HIS 112 112 112 HIS HIS A . n 
A 1 113 HIS 113 113 113 HIS HIS A . n 
A 1 114 ILE 114 114 114 ILE ILE A . n 
A 1 115 ALA 115 115 115 ALA ALA A . n 
A 1 116 GLY 116 116 116 GLY GLY A . n 
A 1 117 ARG 117 117 117 ARG ARG A . n 
A 1 118 THR 118 118 118 THR THR A . n 
A 1 119 ALA 119 119 119 ALA ALA A . n 
A 1 120 PRO 120 120 120 PRO PRO A . n 
A 1 121 GLY 121 121 121 GLY GLY A . n 
A 1 122 CYS 122 122 122 CYS CYS A . n 
A 1 123 HIS 123 123 123 HIS HIS A . n 
A 1 124 LYS 124 124 124 LYS LYS A . n 
A 1 125 LYS 125 125 125 LYS LYS A . n 
A 1 126 GLN 126 126 126 GLN GLN A . n 
A 1 127 LEU 127 127 127 LEU LEU A . n 
A 1 128 PRO 128 128 128 PRO PRO A . n 
A 1 129 LEU 129 129 129 LEU LEU A . n 
A 1 130 CYS 130 130 130 CYS CYS A . n 
A 1 131 ARG 131 131 131 ARG ARG A . n 
A 1 132 TRP 132 132 132 TRP TRP A . n 
A 1 133 HIS 133 133 133 HIS HIS A . n 
A 1 134 HIS 134 134 134 HIS HIS A . n 
A 1 135 GLN 135 135 135 GLN GLN A . n 
A 1 136 HIS 136 136 136 HIS HIS A . n 
A 1 137 ALA 137 137 137 ALA ALA A . n 
A 1 138 ALA 138 138 138 ALA ALA A . n 
A 1 139 PRO 139 139 139 PRO PRO A . n 
A 1 140 ALA 140 140 140 ALA ALA A . n 
A 1 141 GLU 141 141 141 GLU GLU A . n 
A 1 142 VAL 142 142 142 VAL VAL A . n 
A 1 143 ARG 143 143 143 ARG ARG A . n 
A 1 144 GLU 144 144 144 GLU GLU A . n 
A 1 145 LYS 145 145 145 LYS LYS A . n 
A 1 146 TYR 146 146 146 TYR TYR A . n 
A 1 147 PRO 147 147 147 PRO PRO A . n 
A 1 148 TRP 148 148 148 TRP TRP A . n 
A 1 149 LEU 149 149 149 LEU LEU A . n 
A 1 150 VAL 150 150 150 VAL VAL A . n 
A 1 151 PRO 151 151 151 PRO PRO A . n 
A 1 152 VAL 152 152 152 VAL VAL A . n 
A 1 153 HIS 153 153 153 HIS HIS A . n 
A 1 154 ALA 154 154 154 ALA ALA A . n 
A 1 155 ASP 155 155 155 ASP ASP A . n 
A 1 156 GLY 156 156 156 GLY GLY A . n 
A 1 157 VAL 157 157 157 VAL VAL A . n 
A 1 158 VAL 158 158 158 VAL VAL A . n 
A 1 159 GLY 159 159 159 GLY GLY A . n 
A 1 160 GLY 160 160 160 GLY GLY A . n 
A 1 161 LYS 161 161 161 LYS LYS A . n 
A 1 162 LYS 162 162 162 LYS LYS A . n 
A 1 163 GLU 163 163 163 GLU GLU A . n 
A 1 164 PHE 164 164 164 PHE PHE A . n 
A 1 165 THR 165 165 165 THR THR A . n 
A 1 166 LEU 166 166 166 LEU LEU A . n 
A 1 167 LEU 167 167 167 LEU LEU A . n 
A 1 168 ASN 168 168 168 ASN ASN A . n 
A 1 169 LYS 169 169 169 LYS LYS A . n 
A 1 170 SER 170 170 170 SER SER A . n 
A 1 171 GLU 171 171 171 GLU GLU A . n 
A 1 172 MET 172 172 172 MET MET A . n 
A 1 173 GLU 173 173 173 GLU GLU A . n 
A 1 174 LEU 174 174 174 LEU LEU A . n 
A 1 175 LEU 175 175 175 LEU LEU A . n 
A 1 176 ALA 176 176 176 ALA ALA A . n 
A 1 177 ASP 177 177 177 ASP ASP A . n 
A 1 178 ALA 178 178 178 ALA ALA A . n 
A 1 179 TYR 179 179 179 TYR TYR A . n 
A 1 180 GLU 180 180 180 GLU GLU A . n 
A 1 181 MET 181 181 181 MET MET A . n 
A 1 182 ALA 182 182 182 ALA ALA A . n 
A 1 183 ASN 183 183 183 ASN ASN A . n 
A 1 184 ILE 184 184 184 ILE ILE A . n 
A 1 185 MET 185 185 185 MET MET A . n 
A 1 186 HIS 186 186 186 HIS HIS A . n 
# 
loop_
_pdbx_nonpoly_scheme.asym_id 
_pdbx_nonpoly_scheme.entity_id 
_pdbx_nonpoly_scheme.mon_id 
_pdbx_nonpoly_scheme.ndb_seq_num 
_pdbx_nonpoly_scheme.pdb_seq_num 
_pdbx_nonpoly_scheme.auth_seq_num 
_pdbx_nonpoly_scheme.pdb_mon_id 
_pdbx_nonpoly_scheme.auth_mon_id 
_pdbx_nonpoly_scheme.pdb_strand_id 
_pdbx_nonpoly_scheme.pdb_ins_code 
B 2 ZN  1   187 1   ZN  ZN  A . 
C 2 ZN  1   188 2   ZN  ZN  A . 
D 3 SO4 1   189 1   SO4 SO4 A . 
E 4 HOH 1   190 1   HOH HOH A . 
E 4 HOH 2   191 2   HOH HOH A . 
E 4 HOH 3   192 3   HOH HOH A . 
E 4 HOH 4   193 4   HOH HOH A . 
E 4 HOH 5   194 5   HOH HOH A . 
E 4 HOH 6   195 6   HOH HOH A . 
E 4 HOH 7   196 7   HOH HOH A . 
E 4 HOH 8   197 8   HOH HOH A . 
E 4 HOH 9   198 9   HOH HOH A . 
E 4 HOH 10  199 10  HOH HOH A . 
E 4 HOH 11  200 11  HOH HOH A . 
E 4 HOH 12  201 12  HOH HOH A . 
E 4 HOH 13  202 13  HOH HOH A . 
E 4 HOH 14  203 14  HOH HOH A . 
E 4 HOH 15  204 15  HOH HOH A . 
E 4 HOH 16  205 16  HOH HOH A . 
E 4 HOH 17  206 17  HOH HOH A . 
E 4 HOH 18  207 18  HOH HOH A . 
E 4 HOH 19  208 19  HOH HOH A . 
E 4 HOH 20  209 20  HOH HOH A . 
E 4 HOH 21  210 21  HOH HOH A . 
E 4 HOH 22  211 22  HOH HOH A . 
E 4 HOH 23  212 23  HOH HOH A . 
E 4 HOH 24  213 24  HOH HOH A . 
E 4 HOH 25  214 25  HOH HOH A . 
E 4 HOH 26  215 26  HOH HOH A . 
E 4 HOH 27  216 27  HOH HOH A . 
E 4 HOH 28  217 28  HOH HOH A . 
E 4 HOH 29  218 29  HOH HOH A . 
E 4 HOH 30  219 30  HOH HOH A . 
E 4 HOH 31  220 31  HOH HOH A . 
E 4 HOH 32  221 32  HOH HOH A . 
E 4 HOH 33  222 33  HOH HOH A . 
E 4 HOH 34  223 34  HOH HOH A . 
E 4 HOH 35  224 35  HOH HOH A . 
E 4 HOH 36  225 36  HOH HOH A . 
E 4 HOH 37  226 37  HOH HOH A . 
E 4 HOH 38  227 38  HOH HOH A . 
E 4 HOH 39  228 39  HOH HOH A . 
E 4 HOH 40  229 40  HOH HOH A . 
E 4 HOH 41  230 41  HOH HOH A . 
E 4 HOH 42  231 42  HOH HOH A . 
E 4 HOH 43  232 43  HOH HOH A . 
E 4 HOH 44  233 44  HOH HOH A . 
E 4 HOH 45  234 45  HOH HOH A . 
E 4 HOH 46  235 46  HOH HOH A . 
E 4 HOH 47  236 47  HOH HOH A . 
E 4 HOH 48  237 48  HOH HOH A . 
E 4 HOH 49  238 49  HOH HOH A . 
E 4 HOH 50  239 50  HOH HOH A . 
E 4 HOH 51  240 51  HOH HOH A . 
E 4 HOH 52  241 52  HOH HOH A . 
E 4 HOH 53  242 53  HOH HOH A . 
E 4 HOH 54  243 54  HOH HOH A . 
E 4 HOH 55  244 55  HOH HOH A . 
E 4 HOH 56  245 56  HOH HOH A . 
E 4 HOH 57  246 57  HOH HOH A . 
E 4 HOH 58  247 58  HOH HOH A . 
E 4 HOH 59  248 59  HOH HOH A . 
E 4 HOH 60  249 60  HOH HOH A . 
E 4 HOH 61  250 61  HOH HOH A . 
E 4 HOH 62  251 62  HOH HOH A . 
E 4 HOH 63  252 63  HOH HOH A . 
E 4 HOH 64  253 64  HOH HOH A . 
E 4 HOH 65  254 65  HOH HOH A . 
E 4 HOH 66  255 66  HOH HOH A . 
E 4 HOH 67  256 67  HOH HOH A . 
E 4 HOH 68  257 68  HOH HOH A . 
E 4 HOH 69  258 69  HOH HOH A . 
E 4 HOH 70  259 70  HOH HOH A . 
E 4 HOH 71  260 71  HOH HOH A . 
E 4 HOH 72  261 72  HOH HOH A . 
E 4 HOH 73  262 73  HOH HOH A . 
E 4 HOH 74  263 74  HOH HOH A . 
E 4 HOH 75  264 75  HOH HOH A . 
E 4 HOH 76  265 76  HOH HOH A . 
E 4 HOH 77  266 77  HOH HOH A . 
E 4 HOH 78  267 78  HOH HOH A . 
E 4 HOH 79  268 79  HOH HOH A . 
E 4 HOH 80  269 80  HOH HOH A . 
E 4 HOH 81  270 81  HOH HOH A . 
E 4 HOH 82  271 82  HOH HOH A . 
E 4 HOH 83  272 83  HOH HOH A . 
E 4 HOH 84  273 84  HOH HOH A . 
E 4 HOH 85  274 85  HOH HOH A . 
E 4 HOH 86  275 86  HOH HOH A . 
E 4 HOH 87  276 87  HOH HOH A . 
E 4 HOH 88  277 88  HOH HOH A . 
E 4 HOH 89  278 89  HOH HOH A . 
E 4 HOH 90  279 90  HOH HOH A . 
E 4 HOH 91  280 91  HOH HOH A . 
E 4 HOH 92  281 92  HOH HOH A . 
E 4 HOH 93  282 93  HOH HOH A . 
E 4 HOH 94  283 94  HOH HOH A . 
E 4 HOH 95  284 95  HOH HOH A . 
E 4 HOH 96  285 96  HOH HOH A . 
E 4 HOH 97  286 97  HOH HOH A . 
E 4 HOH 98  287 98  HOH HOH A . 
E 4 HOH 99  288 99  HOH HOH A . 
E 4 HOH 100 289 100 HOH HOH A . 
E 4 HOH 101 290 101 HOH HOH A . 
E 4 HOH 102 291 102 HOH HOH A . 
E 4 HOH 103 292 103 HOH HOH A . 
E 4 HOH 104 293 104 HOH HOH A . 
E 4 HOH 105 294 105 HOH HOH A . 
E 4 HOH 106 295 106 HOH HOH A . 
E 4 HOH 107 296 107 HOH HOH A . 
E 4 HOH 108 297 108 HOH HOH A . 
E 4 HOH 109 298 109 HOH HOH A . 
E 4 HOH 110 299 110 HOH HOH A . 
E 4 HOH 111 300 111 HOH HOH A . 
E 4 HOH 112 301 112 HOH HOH A . 
E 4 HOH 113 302 113 HOH HOH A . 
E 4 HOH 114 303 114 HOH HOH A . 
E 4 HOH 115 304 115 HOH HOH A . 
E 4 HOH 116 305 116 HOH HOH A . 
E 4 HOH 117 306 117 HOH HOH A . 
E 4 HOH 118 307 118 HOH HOH A . 
E 4 HOH 119 308 119 HOH HOH A . 
E 4 HOH 120 309 120 HOH HOH A . 
E 4 HOH 121 310 121 HOH HOH A . 
E 4 HOH 122 311 122 HOH HOH A . 
E 4 HOH 123 312 123 HOH HOH A . 
E 4 HOH 124 313 124 HOH HOH A . 
E 4 HOH 125 314 125 HOH HOH A . 
E 4 HOH 126 315 126 HOH HOH A . 
# 
loop_
_pdbx_unobs_or_zero_occ_atoms.id 
_pdbx_unobs_or_zero_occ_atoms.PDB_model_num 
_pdbx_unobs_or_zero_occ_atoms.polymer_flag 
_pdbx_unobs_or_zero_occ_atoms.occupancy_flag 
_pdbx_unobs_or_zero_occ_atoms.auth_asym_id 
_pdbx_unobs_or_zero_occ_atoms.auth_comp_id 
_pdbx_unobs_or_zero_occ_atoms.auth_seq_id 
_pdbx_unobs_or_zero_occ_atoms.PDB_ins_code 
_pdbx_unobs_or_zero_occ_atoms.auth_atom_id 
_pdbx_unobs_or_zero_occ_atoms.label_alt_id 
_pdbx_unobs_or_zero_occ_atoms.label_asym_id 
_pdbx_unobs_or_zero_occ_atoms.label_comp_id 
_pdbx_unobs_or_zero_occ_atoms.label_seq_id 
_pdbx_unobs_or_zero_occ_atoms.label_atom_id 
1 1 Y 0 A THR 79  ? CA  A A THR 79  CA  
2 1 Y 0 A THR 79  ? CB  A A THR 79  CB  
3 1 Y 0 A THR 79  ? OG1 A A THR 79  OG1 
4 1 Y 0 A THR 79  ? CG2 A A THR 79  CG2 
5 1 Y 1 A HIS 186 ? O   ? A HIS 186 O   
# 
loop_
_software.pdbx_ordinal 
_software.name 
_software.version 
_software.date 
_software.type 
_software.contact_author 
_software.contact_author_email 
_software.classification 
_software.location 
_software.language 
_software.citation_id 
1 SCALEPACK   .        ?               program 'Zbyszek Otwinowski'    hkl@hkl-xray.com         'data scaling'    
http://www.hkl-xray.com/                     ?          ? 
2 RESOLVE     2.15     10-Nov-2009     program 'Thomas C. Terwilliger' terwilliger@lanl.gov     phasing           
http://www.solve.lanl.gov/                   ?          ? 
3 REFMAC      5.5.0102 ?               program 'Garib N. Murshudov'    garib@ysbl.york.ac.uk    refinement        
http://www.ccp4.ac.uk/dist/html/refmac5.html Fortran_77 ? 
4 PDB_EXTRACT 3.10     'June 10, 2010' package PDB                     deposit@deposit.rcsb.org 'data extraction' 
http://sw-tools.pdb.org/apps/PDB_EXTRACT/    C++        ? 
5 HKL-2000    .        ?               ?       ?                       ?                        'data collection' ? ?          ? 
6 DENZO       .        ?               ?       ?                       ?                        'data reduction'  ? ?          ? 
7 PHENIX      .        ?               ?       ?                       ?                        phasing           ? ?          ? 
# 
_cell.length_a           71.733 
_cell.length_b           71.733 
_cell.length_c           54.236 
_cell.angle_alpha        90.000 
_cell.angle_beta         90.000 
_cell.angle_gamma        120.000 
_cell.entry_id           3PLW 
_cell.pdbx_unique_axis   ? 
_cell.Z_PDB              6 
_cell.length_a_esd       ? 
_cell.length_b_esd       ? 
_cell.length_c_esd       ? 
_cell.angle_alpha_esd    ? 
_cell.angle_beta_esd     ? 
_cell.angle_gamma_esd    ? 
# 
_symmetry.space_group_name_H-M             'P 32 2 1' 
_symmetry.entry_id                         3PLW 
_symmetry.Int_Tables_number                154 
_symmetry.pdbx_full_space_group_name_H-M   ? 
_symmetry.cell_setting                     ? 
_symmetry.space_group_name_Hall            ? 
# 
_exptl.crystals_number   1 
_exptl.entry_id          3PLW 
_exptl.method            'X-RAY DIFFRACTION' 
# 
_exptl_crystal.id                    1 
_exptl_crystal.density_Matthews      1.88 
_exptl_crystal.density_meas          ? 
_exptl_crystal.density_percent_sol   34.73 
_exptl_crystal.description           ? 
_exptl_crystal.F_000                 ? 
_exptl_crystal.preparation           ? 
# 
_exptl_crystal_grow.crystal_id      1 
_exptl_crystal_grow.method          'VAPOR DIFFUSION, HANGING DROP' 
_exptl_crystal_grow.pH              8.0 
_exptl_crystal_grow.temp            ? 
_exptl_crystal_grow.pdbx_details    
'0.2 M ammonium nitrate, 20% PEG3350, 0.01 M Tris-HCl, pH 8.0, 100 mM sodium chloride, VAPOR DIFFUSION, HANGING DROP' 
_exptl_crystal_grow.temp_details    ? 
_exptl_crystal_grow.pdbx_pH_range   ? 
# 
_diffrn.id                     1 
_diffrn.ambient_temp           200 
_diffrn.ambient_temp_details   ? 
_diffrn.crystal_id             1 
# 
_diffrn_detector.diffrn_id              1 
_diffrn_detector.detector               CCD 
_diffrn_detector.type                   'MARMOSAIC 300 mm CCD' 
_diffrn_detector.pdbx_collection_date   2010-02-18 
_diffrn_detector.details                ? 
# 
_diffrn_radiation.diffrn_id                        1 
_diffrn_radiation.pdbx_diffrn_protocol             'SINGLE WAVELENGTH' 
_diffrn_radiation.monochromator                    ? 
_diffrn_radiation.wavelength_id                    1 
_diffrn_radiation.pdbx_monochromatic_or_laue_m_l   M 
_diffrn_radiation.pdbx_scattering_type             x-ray 
# 
_diffrn_radiation_wavelength.id           1 
_diffrn_radiation_wavelength.wavelength   0.97856 
_diffrn_radiation_wavelength.wt           1.0 
# 
_diffrn_source.diffrn_id                   1 
_diffrn_source.source                      SYNCHROTRON 
_diffrn_source.type                        'APS BEAMLINE 21-ID-G' 
_diffrn_source.pdbx_wavelength_list        0.97856 
_diffrn_source.pdbx_wavelength             ? 
_diffrn_source.pdbx_synchrotron_site       APS 
_diffrn_source.pdbx_synchrotron_beamline   21-ID-G 
# 
_reflns.entry_id                     3PLW 
_reflns.d_resolution_high            1.400 
_reflns.d_resolution_low             50.000 
_reflns.number_obs                   30636 
_reflns.pdbx_Rmerge_I_obs            0.086 
_reflns.pdbx_netI_over_sigmaI        10.000 
_reflns.pdbx_chi_squared             1.215 
_reflns.pdbx_redundancy              13.100 
_reflns.percent_possible_obs         95.900 
_reflns.observed_criterion_sigma_F   0 
_reflns.observed_criterion_sigma_I   0 
_reflns.number_all                   31956 
_reflns.pdbx_Rsym_value              ? 
_reflns.B_iso_Wilson_estimate        ? 
_reflns.R_free_details               ? 
_reflns.limit_h_max                  ? 
_reflns.limit_h_min                  ? 
_reflns.limit_k_max                  ? 
_reflns.limit_k_min                  ? 
_reflns.limit_l_max                  ? 
_reflns.limit_l_min                  ? 
_reflns.observed_criterion_F_max     ? 
_reflns.observed_criterion_F_min     ? 
_reflns.pdbx_scaling_rejects         ? 
_reflns.pdbx_diffrn_id               1 
_reflns.pdbx_ordinal                 1 
# 
loop_
_reflns_shell.d_res_high 
_reflns_shell.d_res_low 
_reflns_shell.number_measured_obs 
_reflns_shell.number_measured_all 
_reflns_shell.number_unique_obs 
_reflns_shell.Rmerge_I_obs 
_reflns_shell.meanI_over_sigI_obs 
_reflns_shell.pdbx_Rsym_value 
_reflns_shell.pdbx_chi_squared 
_reflns_shell.pdbx_redundancy 
_reflns_shell.percent_possible_obs 
_reflns_shell.number_unique_all 
_reflns_shell.percent_possible_all 
_reflns_shell.pdbx_diffrn_id 
_reflns_shell.pdbx_ordinal 
1.400 1.420  ? ? ? 0.435 ? ? 0.941 5.600  ? 1094 69.400 ? 1  
1.420 1.450  ? ? ? 0.445 ? ? 0.964 6.700  ? 1272 81.700 ? 2  
1.450 1.480  ? ? ? 0.446 ? ? 0.972 7.800  ? 1432 90.400 ? 3  
1.480 1.510  ? ? ? 0.430 ? ? 0.969 9.400  ? 1504 96.000 ? 4  
1.510 1.540  ? ? ? 0.377 ? ? 0.966 10.900 ? 1547 97.500 ? 5  
1.540 1.580  ? ? ? 0.365 ? ? 0.958 12.500 ? 1549 97.900 ? 6  
1.580 1.620  ? ? ? 0.346 ? ? 0.950 13.500 ? 1546 98.000 ? 7  
1.620 1.660  ? ? ? 0.288 ? ? 0.992 14.300 ? 1562 97.900 ? 8  
1.660 1.710  ? ? ? 0.251 ? ? 1.040 14.800 ? 1552 98.000 ? 9  
1.710 1.760  ? ? ? 0.226 ? ? 1.118 15.000 ? 1550 98.300 ? 10 
1.760 1.830  ? ? ? 0.185 ? ? 1.210 15.000 ? 1584 98.600 ? 11 
1.830 1.900  ? ? ? 0.155 ? ? 1.312 15.000 ? 1544 98.800 ? 12 
1.900 1.990  ? ? ? 0.133 ? ? 1.384 15.000 ? 1597 99.000 ? 13 
1.990 2.090  ? ? ? 0.112 ? ? 1.466 15.000 ? 1575 98.400 ? 14 
2.090 2.220  ? ? ? 0.091 ? ? 1.542 15.000 ? 1576 99.400 ? 15 
2.220 2.390  ? ? ? 0.085 ? ? 1.652 14.900 ? 1596 99.200 ? 16 
2.390 2.630  ? ? ? 0.073 ? ? 1.524 14.900 ? 1601 99.500 ? 17 
2.630 3.020  ? ? ? 0.060 ? ? 1.315 14.700 ? 1618 99.600 ? 18 
3.020 3.800  ? ? ? 0.051 ? ? 1.103 14.500 ? 1634 99.800 ? 19 
3.800 50.000 ? ? ? 0.048 ? ? 1.112 13.600 ? 1703 98.800 ? 20 
# 
_refine.entry_id                                 3PLW 
_refine.ls_d_res_high                            1.4000 
_refine.ls_d_res_low                             40.0000 
_refine.pdbx_ls_sigma_F                          0.000 
_refine.pdbx_data_cutoff_high_absF               ? 
_refine.pdbx_data_cutoff_low_absF                ? 
_refine.ls_percent_reflns_obs                    95.9000 
_refine.ls_number_reflns_obs                     30628 
_refine.ls_number_reflns_all                     31940 
_refine.pdbx_ls_cross_valid_method               THROUGHOUT 
_refine.pdbx_R_Free_selection_details            RANDOM 
_refine.details                                  
'HYDROGENS HAVE BEEN ADDED IN THE RIDING POSITIONS U VALUES  : REFINED INDIVIDUALLY' 
_refine.ls_R_factor_all                          ? 
_refine.ls_R_factor_obs                          0.1637 
_refine.ls_R_factor_R_work                       0.1633 
_refine.ls_wR_factor_R_work                      ? 
_refine.ls_R_factor_R_free                       0.1717 
_refine.ls_wR_factor_R_free                      ? 
_refine.ls_percent_reflns_R_free                 5.1000 
_refine.ls_number_reflns_R_free                  1556 
_refine.ls_R_factor_R_free_error                 ? 
_refine.B_iso_mean                               15.6966 
_refine.solvent_model_param_bsol                 ? 
_refine.solvent_model_param_ksol                 ? 
_refine.pdbx_isotropic_thermal_model             ? 
_refine.aniso_B[1][1]                            0.5600 
_refine.aniso_B[2][2]                            0.5600 
_refine.aniso_B[3][3]                            -0.8400 
_refine.aniso_B[1][2]                            0.2800 
_refine.aniso_B[1][3]                            0.0000 
_refine.aniso_B[2][3]                            0.0000 
_refine.correlation_coeff_Fo_to_Fc               0.9670 
_refine.correlation_coeff_Fo_to_Fc_free          0.9690 
_refine.overall_SU_R_Cruickshank_DPI             ? 
_refine.overall_SU_R_free                        ? 
_refine.pdbx_overall_ESU_R_Free                  0.0470 
_refine.overall_SU_ML                            0.0270 
_refine.overall_SU_B                             0.6840 
_refine.solvent_model_details                    MASK 
_refine.pdbx_solvent_vdw_probe_radii             1.4000 
_refine.pdbx_solvent_ion_probe_radii             0.8000 
_refine.pdbx_solvent_shrinkage_radii             0.8000 
_refine.ls_number_parameters                     ? 
_refine.ls_number_restraints                     ? 
_refine.pdbx_starting_model                      ? 
_refine.pdbx_method_to_determine_struct          SAD 
_refine.pdbx_stereochemistry_target_values       'MAXIMUM LIKELIHOOD' 
_refine.pdbx_stereochem_target_val_spec_case     ? 
_refine.overall_FOM_work_R_set                   ? 
_refine.B_iso_max                                81.880 
_refine.B_iso_min                                6.440 
_refine.occupancy_max                            1.000 
_refine.occupancy_min                            0.000 
_refine.pdbx_ls_sigma_I                          ? 
_refine.ls_redundancy_reflns_obs                 ? 
_refine.ls_R_factor_R_free_error_details         ? 
_refine.pdbx_data_cutoff_high_rms_absF           ? 
_refine.overall_FOM_free_R_set                   ? 
_refine.pdbx_overall_phase_error                 ? 
_refine.pdbx_refine_id                           'X-RAY DIFFRACTION' 
_refine.pdbx_overall_ESU_R                       ? 
_refine.pdbx_diffrn_id                           1 
_refine.pdbx_TLS_residual_ADP_flag               ? 
_refine.pdbx_overall_SU_R_free_Cruickshank_DPI   ? 
_refine.pdbx_overall_SU_R_Blow_DPI               ? 
_refine.pdbx_overall_SU_R_free_Blow_DPI          ? 
# 
_refine_hist.pdbx_refine_id                   'X-RAY DIFFRACTION' 
_refine_hist.cycle_id                         LAST 
_refine_hist.pdbx_number_atoms_protein        853 
_refine_hist.pdbx_number_atoms_nucleic_acid   0 
_refine_hist.pdbx_number_atoms_ligand         7 
_refine_hist.number_atoms_solvent             126 
_refine_hist.number_atoms_total               986 
_refine_hist.d_res_high                       1.4000 
_refine_hist.d_res_low                        40.0000 
# 
loop_
_refine_ls_restr.type 
_refine_ls_restr.number 
_refine_ls_restr.dev_ideal 
_refine_ls_restr.dev_ideal_target 
_refine_ls_restr.weight 
_refine_ls_restr.pdbx_refine_id 
_refine_ls_restr.pdbx_restraint_function 
r_bond_refined_d       960  0.008  0.021  ? 'X-RAY DIFFRACTION' ? 
r_angle_refined_deg    1316 1.183  1.953  ? 'X-RAY DIFFRACTION' ? 
r_dihedral_angle_1_deg 127  5.560  5.000  ? 'X-RAY DIFFRACTION' ? 
r_dihedral_angle_2_deg 44   34.273 22.727 ? 'X-RAY DIFFRACTION' ? 
r_dihedral_angle_3_deg 171  11.685 15.000 ? 'X-RAY DIFFRACTION' ? 
r_dihedral_angle_4_deg 8    15.447 15.000 ? 'X-RAY DIFFRACTION' ? 
r_chiral_restr         140  0.079  0.200  ? 'X-RAY DIFFRACTION' ? 
r_gen_planes_refined   741  0.006  0.021  ? 'X-RAY DIFFRACTION' ? 
r_mcbond_it            581  0.660  1.500  ? 'X-RAY DIFFRACTION' ? 
r_mcangle_it           943  1.244  2.000  ? 'X-RAY DIFFRACTION' ? 
r_scbond_it            379  2.120  3.000  ? 'X-RAY DIFFRACTION' ? 
r_scangle_it           362  3.662  4.500  ? 'X-RAY DIFFRACTION' ? 
# 
_refine_ls_shell.d_res_high                       1.4020 
_refine_ls_shell.d_res_low                        1.4390 
_refine_ls_shell.pdbx_total_number_of_bins_used   20 
_refine_ls_shell.percent_reflns_obs               72.9000 
_refine_ls_shell.number_reflns_R_work             1608 
_refine_ls_shell.R_factor_all                     ? 
_refine_ls_shell.R_factor_R_work                  0.2790 
_refine_ls_shell.R_factor_R_free                  0.3100 
_refine_ls_shell.percent_reflns_R_free            ? 
_refine_ls_shell.number_reflns_R_free             84 
_refine_ls_shell.R_factor_R_free_error            ? 
_refine_ls_shell.number_reflns_all                1692 
_refine_ls_shell.number_reflns_obs                ? 
_refine_ls_shell.redundancy_reflns_obs            ? 
_refine_ls_shell.pdbx_refine_id                   'X-RAY DIFFRACTION' 
# 
_struct.entry_id                  3PLW 
_struct.title                     'Ref protein from P1 bacteriophage' 
_struct.pdbx_model_details        ? 
_struct.pdbx_CASP_flag            ? 
_struct.pdbx_model_type_details   ? 
# 
_struct_keywords.entry_id        3PLW 
_struct_keywords.text            'HNH nuclease, DNase, HYDROLASE' 
_struct_keywords.pdbx_keywords   HYDROLASE 
# 
loop_
_struct_asym.id 
_struct_asym.pdbx_blank_PDB_chainid_flag 
_struct_asym.pdbx_modified 
_struct_asym.entity_id 
_struct_asym.details 
A N N 1 ? 
B N N 2 ? 
C N N 2 ? 
D N N 3 ? 
E N N 4 ? 
# 
_struct_ref.id                         1 
_struct_ref.db_name                    UNP 
_struct_ref.db_code                    REF_BPP1 
_struct_ref.pdbx_db_accession          P35926 
_struct_ref.entity_id                  1 
_struct_ref.pdbx_seq_one_letter_code   
;MKTIEQKIEQCRKWQKAARERAIARQREKLADPVWRESQYQKMRDTLDRRIAKQKERPPASKTRKSAVKIKSRGLKGRTP
TAEERRIANALGALPCIACYMHGVISNEVSLHHIAGRTAPGCHKKQLPLCRWHHQHAAPAEVREKYPWLVPVHADGVVGG
KKEFTLLNKSEMELLADAYEMANIMH
;
_struct_ref.pdbx_align_begin           1 
_struct_ref.pdbx_db_isoform            ? 
# 
_struct_ref_seq.align_id                      1 
_struct_ref_seq.ref_id                        1 
_struct_ref_seq.pdbx_PDB_id_code              3PLW 
_struct_ref_seq.pdbx_strand_id                A 
_struct_ref_seq.seq_align_beg                 1 
_struct_ref_seq.pdbx_seq_align_beg_ins_code   ? 
_struct_ref_seq.seq_align_end                 186 
_struct_ref_seq.pdbx_seq_align_end_ins_code   ? 
_struct_ref_seq.pdbx_db_accession             P35926 
_struct_ref_seq.db_align_beg                  1 
_struct_ref_seq.pdbx_db_align_beg_ins_code    ? 
_struct_ref_seq.db_align_end                  186 
_struct_ref_seq.pdbx_db_align_end_ins_code    ? 
_struct_ref_seq.pdbx_auth_seq_align_beg       1 
_struct_ref_seq.pdbx_auth_seq_align_end       186 
# 
_pdbx_struct_assembly.id                   1 
_pdbx_struct_assembly.details              author_and_software_defined_assembly 
_pdbx_struct_assembly.method_details       PISA 
_pdbx_struct_assembly.oligomeric_details   monomeric 
_pdbx_struct_assembly.oligomeric_count     1 
# 
_pdbx_struct_assembly_gen.assembly_id       1 
_pdbx_struct_assembly_gen.oper_expression   1 
_pdbx_struct_assembly_gen.asym_id_list      A,B,C,D,E 
# 
_pdbx_struct_oper_list.id                   1 
_pdbx_struct_oper_list.type                 'identity operation' 
_pdbx_struct_oper_list.name                 1_555 
_pdbx_struct_oper_list.symmetry_operation   x,y,z 
_pdbx_struct_oper_list.matrix[1][1]         1.0000000000 
_pdbx_struct_oper_list.matrix[1][2]         0.0000000000 
_pdbx_struct_oper_list.matrix[1][3]         0.0000000000 
_pdbx_struct_oper_list.vector[1]            0.0000000000 
_pdbx_struct_oper_list.matrix[2][1]         0.0000000000 
_pdbx_struct_oper_list.matrix[2][2]         1.0000000000 
_pdbx_struct_oper_list.matrix[2][3]         0.0000000000 
_pdbx_struct_oper_list.vector[2]            0.0000000000 
_pdbx_struct_oper_list.matrix[3][1]         0.0000000000 
_pdbx_struct_oper_list.matrix[3][2]         0.0000000000 
_pdbx_struct_oper_list.matrix[3][3]         1.0000000000 
_pdbx_struct_oper_list.vector[3]            0.0000000000 
# 
loop_
_struct_conf.conf_type_id 
_struct_conf.id 
_struct_conf.pdbx_PDB_helix_id 
_struct_conf.beg_label_comp_id 
_struct_conf.beg_label_asym_id 
_struct_conf.beg_label_seq_id 
_struct_conf.pdbx_beg_PDB_ins_code 
_struct_conf.end_label_comp_id 
_struct_conf.end_label_asym_id 
_struct_conf.end_label_seq_id 
_struct_conf.pdbx_end_PDB_ins_code 
_struct_conf.beg_auth_comp_id 
_struct_conf.beg_auth_asym_id 
_struct_conf.beg_auth_seq_id 
_struct_conf.end_auth_comp_id 
_struct_conf.end_auth_asym_id 
_struct_conf.end_auth_seq_id 
_struct_conf.pdbx_PDB_helix_class 
_struct_conf.details 
_struct_conf.pdbx_PDB_helix_length 
HELX_P HELX_P1 1 THR A 81  ? ALA A 93  ? THR A 81  ALA A 93  1 ? 13 
HELX_P HELX_P2 2 CYS A 96  ? HIS A 102 ? CYS A 96  HIS A 102 1 ? 7  
HELX_P HELX_P3 3 GLY A 121 ? LYS A 124 ? GLY A 121 LYS A 124 5 ? 4  
HELX_P HELX_P4 4 ARG A 131 ? GLN A 135 ? ARG A 131 GLN A 135 1 ? 5  
HELX_P HELX_P5 5 PRO A 139 ? TYR A 146 ? PRO A 139 TYR A 146 1 ? 8  
HELX_P HELX_P6 6 GLY A 160 ? ASN A 168 ? GLY A 160 ASN A 168 1 ? 9  
HELX_P HELX_P7 7 SER A 170 ? ALA A 182 ? SER A 170 ALA A 182 1 ? 13 
# 
_struct_conf_type.id          HELX_P 
_struct_conf_type.criteria    ? 
_struct_conf_type.reference   ? 
# 
loop_
_struct_conn.id 
_struct_conn.conn_type_id 
_struct_conn.pdbx_leaving_atom_flag 
_struct_conn.pdbx_PDB_id 
_struct_conn.ptnr1_label_asym_id 
_struct_conn.ptnr1_label_comp_id 
_struct_conn.ptnr1_label_seq_id 
_struct_conn.ptnr1_label_atom_id 
_struct_conn.pdbx_ptnr1_label_alt_id 
_struct_conn.pdbx_ptnr1_PDB_ins_code 
_struct_conn.pdbx_ptnr1_standard_comp_id 
_struct_conn.ptnr1_symmetry 
_struct_conn.ptnr2_label_asym_id 
_struct_conn.ptnr2_label_comp_id 
_struct_conn.ptnr2_label_seq_id 
_struct_conn.ptnr2_label_atom_id 
_struct_conn.pdbx_ptnr2_label_alt_id 
_struct_conn.pdbx_ptnr2_PDB_ins_code 
_struct_conn.ptnr1_auth_asym_id 
_struct_conn.ptnr1_auth_comp_id 
_struct_conn.ptnr1_auth_seq_id 
_struct_conn.ptnr2_auth_asym_id 
_struct_conn.ptnr2_auth_comp_id 
_struct_conn.ptnr2_auth_seq_id 
_struct_conn.ptnr2_symmetry 
_struct_conn.pdbx_ptnr3_label_atom_id 
_struct_conn.pdbx_ptnr3_label_seq_id 
_struct_conn.pdbx_ptnr3_label_comp_id 
_struct_conn.pdbx_ptnr3_label_asym_id 
_struct_conn.pdbx_ptnr3_label_alt_id 
_struct_conn.pdbx_ptnr3_PDB_ins_code 
_struct_conn.details 
_struct_conn.pdbx_dist_value 
_struct_conn.pdbx_value_order 
_struct_conn.pdbx_role 
metalc1 metalc ? ? A CYS 96  SG  ? ? ? 1_555 C ZN  . ZN ? ? A CYS 96  A ZN  188 1_555 ? ? ? ? ? ? ? 2.350 ? ? 
metalc2 metalc ? ? A CYS 99  SG  ? ? ? 1_555 C ZN  . ZN ? ? A CYS 99  A ZN  188 1_555 ? ? ? ? ? ? ? 2.286 ? ? 
metalc3 metalc ? ? A HIS 112 ND1 ? ? ? 1_555 B ZN  . ZN ? ? A HIS 112 A ZN  187 1_555 ? ? ? ? ? ? ? 2.084 ? ? 
metalc4 metalc ? ? A CYS 130 SG  ? ? ? 1_555 C ZN  . ZN ? ? A CYS 130 A ZN  188 1_555 ? ? ? ? ? ? ? 2.355 ? ? 
metalc5 metalc ? ? A HIS 133 ND1 ? ? ? 1_555 C ZN  . ZN ? ? A HIS 133 A ZN  188 1_555 ? ? ? ? ? ? ? 2.092 ? ? 
metalc6 metalc ? ? A HIS 134 NE2 ? ? ? 1_555 B ZN  . ZN ? ? A HIS 134 A ZN  187 1_555 ? ? ? ? ? ? ? 2.050 ? ? 
metalc7 metalc ? ? A HIS 153 NE2 ? ? ? 1_555 B ZN  . ZN ? ? A HIS 153 A ZN  187 1_555 ? ? ? ? ? ? ? 2.025 ? ? 
metalc8 metalc ? ? B ZN  .   ZN  ? ? ? 1_555 D SO4 . O4 ? ? A ZN  187 A SO4 189 1_555 ? ? ? ? ? ? ? 1.916 ? ? 
# 
_struct_conn_type.id          metalc 
_struct_conn_type.criteria    ? 
_struct_conn_type.reference   ? 
# 
loop_
_pdbx_struct_conn_angle.id 
_pdbx_struct_conn_angle.ptnr1_label_atom_id 
_pdbx_struct_conn_angle.ptnr1_label_alt_id 
_pdbx_struct_conn_angle.ptnr1_label_asym_id 
_pdbx_struct_conn_angle.ptnr1_label_comp_id 
_pdbx_struct_conn_angle.ptnr1_label_seq_id 
_pdbx_struct_conn_angle.ptnr1_auth_atom_id 
_pdbx_struct_conn_angle.ptnr1_auth_asym_id 
_pdbx_struct_conn_angle.ptnr1_auth_comp_id 
_pdbx_struct_conn_angle.ptnr1_auth_seq_id 
_pdbx_struct_conn_angle.ptnr1_PDB_ins_code 
_pdbx_struct_conn_angle.ptnr1_symmetry 
_pdbx_struct_conn_angle.ptnr2_label_atom_id 
_pdbx_struct_conn_angle.ptnr2_label_alt_id 
_pdbx_struct_conn_angle.ptnr2_label_asym_id 
_pdbx_struct_conn_angle.ptnr2_label_comp_id 
_pdbx_struct_conn_angle.ptnr2_label_seq_id 
_pdbx_struct_conn_angle.ptnr2_auth_atom_id 
_pdbx_struct_conn_angle.ptnr2_auth_asym_id 
_pdbx_struct_conn_angle.ptnr2_auth_comp_id 
_pdbx_struct_conn_angle.ptnr2_auth_seq_id 
_pdbx_struct_conn_angle.ptnr2_PDB_ins_code 
_pdbx_struct_conn_angle.ptnr2_symmetry 
_pdbx_struct_conn_angle.ptnr3_label_atom_id 
_pdbx_struct_conn_angle.ptnr3_label_alt_id 
_pdbx_struct_conn_angle.ptnr3_label_asym_id 
_pdbx_struct_conn_angle.ptnr3_label_comp_id 
_pdbx_struct_conn_angle.ptnr3_label_seq_id 
_pdbx_struct_conn_angle.ptnr3_auth_atom_id 
_pdbx_struct_conn_angle.ptnr3_auth_asym_id 
_pdbx_struct_conn_angle.ptnr3_auth_comp_id 
_pdbx_struct_conn_angle.ptnr3_auth_seq_id 
_pdbx_struct_conn_angle.ptnr3_PDB_ins_code 
_pdbx_struct_conn_angle.ptnr3_symmetry 
_pdbx_struct_conn_angle.value 
_pdbx_struct_conn_angle.value_esd 
1  SG  ? A CYS 96  ? A CYS 96  ? 1_555 ZN ? C ZN . ? A ZN 188 ? 1_555 SG  ? A CYS 99  ? A CYS 99  ? 1_555 114.4 ? 
2  SG  ? A CYS 96  ? A CYS 96  ? 1_555 ZN ? C ZN . ? A ZN 188 ? 1_555 SG  ? A CYS 130 ? A CYS 130 ? 1_555 115.7 ? 
3  SG  ? A CYS 99  ? A CYS 99  ? 1_555 ZN ? C ZN . ? A ZN 188 ? 1_555 SG  ? A CYS 130 ? A CYS 130 ? 1_555 112.7 ? 
4  SG  ? A CYS 96  ? A CYS 96  ? 1_555 ZN ? C ZN . ? A ZN 188 ? 1_555 ND1 ? A HIS 133 ? A HIS 133 ? 1_555 100.7 ? 
5  SG  ? A CYS 99  ? A CYS 99  ? 1_555 ZN ? C ZN . ? A ZN 188 ? 1_555 ND1 ? A HIS 133 ? A HIS 133 ? 1_555 106.4 ? 
6  SG  ? A CYS 130 ? A CYS 130 ? 1_555 ZN ? C ZN . ? A ZN 188 ? 1_555 ND1 ? A HIS 133 ? A HIS 133 ? 1_555 105.3 ? 
7  ND1 ? A HIS 112 ? A HIS 112 ? 1_555 ZN ? B ZN . ? A ZN 187 ? 1_555 NE2 ? A HIS 134 ? A HIS 134 ? 1_555 103.1 ? 
8  ND1 ? A HIS 112 ? A HIS 112 ? 1_555 ZN ? B ZN . ? A ZN 187 ? 1_555 NE2 ? A HIS 153 ? A HIS 153 ? 1_555 103.6 ? 
9  NE2 ? A HIS 134 ? A HIS 134 ? 1_555 ZN ? B ZN . ? A ZN 187 ? 1_555 NE2 ? A HIS 153 ? A HIS 153 ? 1_555 106.1 ? 
10 ND1 ? A HIS 112 ? A HIS 112 ? 1_555 ZN ? B ZN . ? A ZN 187 ? 1_555 O4  ? D SO4 .   ? A SO4 189 ? 1_555 107.0 ? 
11 NE2 ? A HIS 134 ? A HIS 134 ? 1_555 ZN ? B ZN . ? A ZN 187 ? 1_555 O4  ? D SO4 .   ? A SO4 189 ? 1_555 108.1 ? 
12 NE2 ? A HIS 153 ? A HIS 153 ? 1_555 ZN ? B ZN . ? A ZN 187 ? 1_555 O4  ? D SO4 .   ? A SO4 189 ? 1_555 126.6 ? 
# 
_struct_sheet.id               A 
_struct_sheet.type             ? 
_struct_sheet.number_strands   2 
_struct_sheet.details          ? 
# 
_struct_sheet_order.sheet_id     A 
_struct_sheet_order.range_id_1   1 
_struct_sheet_order.range_id_2   2 
_struct_sheet_order.offset       ? 
_struct_sheet_order.sense        anti-parallel 
# 
loop_
_struct_sheet_range.sheet_id 
_struct_sheet_range.id 
_struct_sheet_range.beg_label_comp_id 
_struct_sheet_range.beg_label_asym_id 
_struct_sheet_range.beg_label_seq_id 
_struct_sheet_range.pdbx_beg_PDB_ins_code 
_struct_sheet_range.end_label_comp_id 
_struct_sheet_range.end_label_asym_id 
_struct_sheet_range.end_label_seq_id 
_struct_sheet_range.pdbx_end_PDB_ins_code 
_struct_sheet_range.beg_auth_comp_id 
_struct_sheet_range.beg_auth_asym_id 
_struct_sheet_range.beg_auth_seq_id 
_struct_sheet_range.end_auth_comp_id 
_struct_sheet_range.end_auth_asym_id 
_struct_sheet_range.end_auth_seq_id 
A 1 VAL A 109 ? HIS A 113 ? VAL A 109 HIS A 113 
A 2 GLN A 126 ? CYS A 130 ? GLN A 126 CYS A 130 
# 
_pdbx_struct_sheet_hbond.sheet_id                A 
_pdbx_struct_sheet_hbond.range_id_1              1 
_pdbx_struct_sheet_hbond.range_id_2              2 
_pdbx_struct_sheet_hbond.range_1_label_atom_id   N 
_pdbx_struct_sheet_hbond.range_1_label_comp_id   SER 
_pdbx_struct_sheet_hbond.range_1_label_asym_id   A 
_pdbx_struct_sheet_hbond.range_1_label_seq_id    110 
_pdbx_struct_sheet_hbond.range_1_PDB_ins_code    ? 
_pdbx_struct_sheet_hbond.range_1_auth_atom_id    N 
_pdbx_struct_sheet_hbond.range_1_auth_comp_id    SER 
_pdbx_struct_sheet_hbond.range_1_auth_asym_id    A 
_pdbx_struct_sheet_hbond.range_1_auth_seq_id     110 
_pdbx_struct_sheet_hbond.range_2_label_atom_id   O 
_pdbx_struct_sheet_hbond.range_2_label_comp_id   LEU 
_pdbx_struct_sheet_hbond.range_2_label_asym_id   A 
_pdbx_struct_sheet_hbond.range_2_label_seq_id    129 
_pdbx_struct_sheet_hbond.range_2_PDB_ins_code    ? 
_pdbx_struct_sheet_hbond.range_2_auth_atom_id    O 
_pdbx_struct_sheet_hbond.range_2_auth_comp_id    LEU 
_pdbx_struct_sheet_hbond.range_2_auth_asym_id    A 
_pdbx_struct_sheet_hbond.range_2_auth_seq_id     129 
# 
loop_
_struct_site.id 
_struct_site.pdbx_evidence_code 
_struct_site.pdbx_auth_asym_id 
_struct_site.pdbx_auth_comp_id 
_struct_site.pdbx_auth_seq_id 
_struct_site.pdbx_auth_ins_code 
_struct_site.pdbx_num_residues 
_struct_site.details 
AC1 Software A ZN  187 ? 4 'BINDING SITE FOR RESIDUE ZN A 187'  
AC2 Software A ZN  188 ? 4 'BINDING SITE FOR RESIDUE ZN A 188'  
AC3 Software A SO4 189 ? 8 'BINDING SITE FOR RESIDUE SO4 A 189' 
# 
loop_
_struct_site_gen.id 
_struct_site_gen.site_id 
_struct_site_gen.pdbx_num_res 
_struct_site_gen.label_comp_id 
_struct_site_gen.label_asym_id 
_struct_site_gen.label_seq_id 
_struct_site_gen.pdbx_auth_ins_code 
_struct_site_gen.auth_comp_id 
_struct_site_gen.auth_asym_id 
_struct_site_gen.auth_seq_id 
_struct_site_gen.label_atom_id 
_struct_site_gen.label_alt_id 
_struct_site_gen.symmetry 
_struct_site_gen.details 
1  AC1 4 HIS A 112 ? HIS A 112 . ? 1_555 ? 
2  AC1 4 HIS A 134 ? HIS A 134 . ? 1_555 ? 
3  AC1 4 HIS A 153 ? HIS A 153 . ? 1_555 ? 
4  AC1 4 SO4 D .   ? SO4 A 189 . ? 1_555 ? 
5  AC2 4 CYS A 96  ? CYS A 96  . ? 1_555 ? 
6  AC2 4 CYS A 99  ? CYS A 99  . ? 1_555 ? 
7  AC2 4 CYS A 130 ? CYS A 130 . ? 1_555 ? 
8  AC2 4 HIS A 133 ? HIS A 133 . ? 1_555 ? 
9  AC3 8 HIS A 112 ? HIS A 112 . ? 1_555 ? 
10 AC3 8 HIS A 113 ? HIS A 113 . ? 1_555 ? 
11 AC3 8 ARG A 117 ? ARG A 117 . ? 1_555 ? 
12 AC3 8 HIS A 134 ? HIS A 134 . ? 1_555 ? 
13 AC3 8 HIS A 153 ? HIS A 153 . ? 1_555 ? 
14 AC3 8 ZN  B .   ? ZN  A 187 . ? 1_555 ? 
15 AC3 8 HOH E .   ? HOH A 270 . ? 1_555 ? 
16 AC3 8 HOH E .   ? HOH A 271 . ? 1_555 ? 
# 
_pdbx_validate_symm_contact.id                1 
_pdbx_validate_symm_contact.PDB_model_num     1 
_pdbx_validate_symm_contact.auth_atom_id_1    OG 
_pdbx_validate_symm_contact.auth_asym_id_1    A 
_pdbx_validate_symm_contact.auth_comp_id_1    SER 
_pdbx_validate_symm_contact.auth_seq_id_1     106 
_pdbx_validate_symm_contact.PDB_ins_code_1    ? 
_pdbx_validate_symm_contact.label_alt_id_1    B 
_pdbx_validate_symm_contact.site_symmetry_1   1_555 
_pdbx_validate_symm_contact.auth_atom_id_2    O 
_pdbx_validate_symm_contact.auth_asym_id_2    A 
_pdbx_validate_symm_contact.auth_comp_id_2    HOH 
_pdbx_validate_symm_contact.auth_seq_id_2     229 
_pdbx_validate_symm_contact.PDB_ins_code_2    ? 
_pdbx_validate_symm_contact.label_alt_id_2    ? 
_pdbx_validate_symm_contact.site_symmetry_2   2_654 
_pdbx_validate_symm_contact.dist              2.05 
# 
loop_
_pdbx_validate_torsion.id 
_pdbx_validate_torsion.PDB_model_num 
_pdbx_validate_torsion.auth_comp_id 
_pdbx_validate_torsion.auth_asym_id 
_pdbx_validate_torsion.auth_seq_id 
_pdbx_validate_torsion.PDB_ins_code 
_pdbx_validate_torsion.label_alt_id 
_pdbx_validate_torsion.phi 
_pdbx_validate_torsion.psi 
1 1 LYS A 125 ? ? -107.47 70.91   
2 1 HIS A 134 ? ? -99.15  -69.08  
3 1 ASN A 168 ? ? -130.36 -115.03 
# 
_diffrn_reflns.diffrn_id                   1 
_diffrn_reflns.pdbx_d_res_high             1.400 
_diffrn_reflns.pdbx_d_res_low              50.000 
_diffrn_reflns.pdbx_number_obs             30636 
_diffrn_reflns.pdbx_Rmerge_I_obs           0.086 
_diffrn_reflns.pdbx_Rsym_value             ? 
_diffrn_reflns.pdbx_chi_squared            1.22 
_diffrn_reflns.av_sigmaI_over_netI         29.26 
_diffrn_reflns.pdbx_redundancy             13.10 
_diffrn_reflns.pdbx_percent_possible_obs   95.90 
_diffrn_reflns.number                      401946 
_diffrn_reflns.pdbx_observed_criterion     ? 
_diffrn_reflns.limit_h_max                 ? 
_diffrn_reflns.limit_h_min                 ? 
_diffrn_reflns.limit_k_max                 ? 
_diffrn_reflns.limit_k_min                 ? 
_diffrn_reflns.limit_l_max                 ? 
_diffrn_reflns.limit_l_min                 ? 
# 
loop_
_pdbx_diffrn_reflns_shell.diffrn_id 
_pdbx_diffrn_reflns_shell.d_res_high 
_pdbx_diffrn_reflns_shell.d_res_low 
_pdbx_diffrn_reflns_shell.number_obs 
_pdbx_diffrn_reflns_shell.rejects 
_pdbx_diffrn_reflns_shell.Rmerge_I_obs 
_pdbx_diffrn_reflns_shell.Rsym_value 
_pdbx_diffrn_reflns_shell.chi_squared 
_pdbx_diffrn_reflns_shell.redundancy 
_pdbx_diffrn_reflns_shell.percent_possible_obs 
1 3.80 50.00 ? ? 0.048 ? 1.112 13.60 98.80 
1 3.02 3.80  ? ? 0.051 ? 1.103 14.50 99.80 
1 2.63 3.02  ? ? 0.060 ? 1.315 14.70 99.60 
1 2.39 2.63  ? ? 0.073 ? 1.524 14.90 99.50 
1 2.22 2.39  ? ? 0.085 ? 1.652 14.90 99.20 
1 2.09 2.22  ? ? 0.091 ? 1.542 15.00 99.40 
1 1.99 2.09  ? ? 0.112 ? 1.466 15.00 98.40 
1 1.90 1.99  ? ? 0.133 ? 1.384 15.00 99.00 
1 1.83 1.90  ? ? 0.155 ? 1.312 15.00 98.80 
1 1.76 1.83  ? ? 0.185 ? 1.210 15.00 98.60 
1 1.71 1.76  ? ? 0.226 ? 1.118 15.00 98.30 
1 1.66 1.71  ? ? 0.251 ? 1.040 14.80 98.00 
1 1.62 1.66  ? ? 0.288 ? 0.992 14.30 97.90 
1 1.58 1.62  ? ? 0.346 ? 0.950 13.50 98.00 
1 1.54 1.58  ? ? 0.365 ? 0.958 12.50 97.90 
1 1.51 1.54  ? ? 0.377 ? 0.966 10.90 97.50 
1 1.48 1.51  ? ? 0.430 ? 0.969 9.40  96.00 
1 1.45 1.48  ? ? 0.446 ? 0.972 7.80  90.40 
1 1.42 1.45  ? ? 0.445 ? 0.964 6.70  81.70 
1 1.40 1.42  ? ? 0.435 ? 0.941 5.60  69.40 
# 
_pdbx_phasing_dm.entry_id          3PLW 
_pdbx_phasing_dm.fom_acentric      0.660 
_pdbx_phasing_dm.fom_centric       0.630 
_pdbx_phasing_dm.fom               0.660 
_pdbx_phasing_dm.reflns_acentric   27632 
_pdbx_phasing_dm.reflns_centric    2282 
_pdbx_phasing_dm.reflns            29914 
# 
loop_
_pdbx_phasing_dm_shell.d_res_high 
_pdbx_phasing_dm_shell.d_res_low 
_pdbx_phasing_dm_shell.delta_phi_final 
_pdbx_phasing_dm_shell.delta_phi_initial 
_pdbx_phasing_dm_shell.fom_acentric 
_pdbx_phasing_dm_shell.fom_centric 
_pdbx_phasing_dm_shell.fom 
_pdbx_phasing_dm_shell.reflns_acentric 
_pdbx_phasing_dm_shell.reflns_centric 
_pdbx_phasing_dm_shell.reflns 
4.000 50.00 ? ? 0.950 0.830 0.930 1152 306 1458 
2.500 4.000 ? ? 0.920 0.800 0.900 3799 491 4290 
2.000 2.500 ? ? 0.810 0.680 0.800 4868 431 5299 
1.800 2.000 ? ? 0.680 0.530 0.670 4895 349 5244 
1.500 1.800 ? ? 0.530 0.440 0.520 8628 494 9122 
1.400 1.500 ? ? 0.430 0.390 0.430 4290 211 4501 
# 
loop_
_pdbx_unobs_or_zero_occ_residues.id 
_pdbx_unobs_or_zero_occ_residues.PDB_model_num 
_pdbx_unobs_or_zero_occ_residues.polymer_flag 
_pdbx_unobs_or_zero_occ_residues.occupancy_flag 
_pdbx_unobs_or_zero_occ_residues.auth_asym_id 
_pdbx_unobs_or_zero_occ_residues.auth_comp_id 
_pdbx_unobs_or_zero_occ_residues.auth_seq_id 
_pdbx_unobs_or_zero_occ_residues.PDB_ins_code 
_pdbx_unobs_or_zero_occ_residues.label_asym_id 
_pdbx_unobs_or_zero_occ_residues.label_comp_id 
_pdbx_unobs_or_zero_occ_residues.label_seq_id 
1  1 Y 1 A MET 1  ? A MET 1  
2  1 Y 1 A LYS 2  ? A LYS 2  
3  1 Y 1 A THR 3  ? A THR 3  
4  1 Y 1 A ILE 4  ? A ILE 4  
5  1 Y 1 A GLU 5  ? A GLU 5  
6  1 Y 1 A GLN 6  ? A GLN 6  
7  1 Y 1 A LYS 7  ? A LYS 7  
8  1 Y 1 A ILE 8  ? A ILE 8  
9  1 Y 1 A GLU 9  ? A GLU 9  
10 1 Y 1 A GLN 10 ? A GLN 10 
11 1 Y 1 A CYS 11 ? A CYS 11 
12 1 Y 1 A ARG 12 ? A ARG 12 
13 1 Y 1 A LYS 13 ? A LYS 13 
14 1 Y 1 A TRP 14 ? A TRP 14 
15 1 Y 1 A GLN 15 ? A GLN 15 
16 1 Y 1 A LYS 16 ? A LYS 16 
17 1 Y 1 A ALA 17 ? A ALA 17 
18 1 Y 1 A ALA 18 ? A ALA 18 
19 1 Y 1 A ARG 19 ? A ARG 19 
20 1 Y 1 A GLU 20 ? A GLU 20 
21 1 Y 1 A ARG 21 ? A ARG 21 
22 1 Y 1 A ALA 22 ? A ALA 22 
23 1 Y 1 A ILE 23 ? A ILE 23 
24 1 Y 1 A ALA 24 ? A ALA 24 
25 1 Y 1 A ARG 25 ? A ARG 25 
26 1 Y 1 A GLN 26 ? A GLN 26 
27 1 Y 1 A ARG 27 ? A ARG 27 
28 1 Y 1 A GLU 28 ? A GLU 28 
29 1 Y 1 A LYS 29 ? A LYS 29 
30 1 Y 1 A LEU 30 ? A LEU 30 
31 1 Y 1 A ALA 31 ? A ALA 31 
32 1 Y 1 A ASP 32 ? A ASP 32 
33 1 Y 1 A PRO 33 ? A PRO 33 
34 1 Y 1 A VAL 34 ? A VAL 34 
35 1 Y 1 A TRP 35 ? A TRP 35 
36 1 Y 1 A ARG 36 ? A ARG 36 
37 1 Y 1 A GLU 37 ? A GLU 37 
38 1 Y 1 A SER 38 ? A SER 38 
39 1 Y 1 A GLN 39 ? A GLN 39 
40 1 Y 1 A TYR 40 ? A TYR 40 
41 1 Y 1 A GLN 41 ? A GLN 41 
42 1 Y 1 A LYS 42 ? A LYS 42 
43 1 Y 1 A MET 43 ? A MET 43 
44 1 Y 1 A ARG 44 ? A ARG 44 
45 1 Y 1 A ASP 45 ? A ASP 45 
46 1 Y 1 A THR 46 ? A THR 46 
47 1 Y 1 A LEU 47 ? A LEU 47 
48 1 Y 1 A ASP 48 ? A ASP 48 
49 1 Y 1 A ARG 49 ? A ARG 49 
50 1 Y 1 A ARG 50 ? A ARG 50 
51 1 Y 1 A ILE 51 ? A ILE 51 
52 1 Y 1 A ALA 52 ? A ALA 52 
53 1 Y 1 A LYS 53 ? A LYS 53 
54 1 Y 1 A GLN 54 ? A GLN 54 
55 1 Y 1 A LYS 55 ? A LYS 55 
56 1 Y 1 A GLU 56 ? A GLU 56 
57 1 Y 1 A ARG 57 ? A ARG 57 
58 1 Y 1 A PRO 58 ? A PRO 58 
59 1 Y 1 A PRO 59 ? A PRO 59 
60 1 Y 1 A ALA 60 ? A ALA 60 
61 1 Y 1 A SER 61 ? A SER 61 
62 1 Y 1 A LYS 62 ? A LYS 62 
63 1 Y 1 A THR 63 ? A THR 63 
64 1 Y 1 A ARG 64 ? A ARG 64 
65 1 Y 1 A LYS 65 ? A LYS 65 
66 1 Y 1 A SER 66 ? A SER 66 
67 1 Y 1 A ALA 67 ? A ALA 67 
68 1 Y 1 A VAL 68 ? A VAL 68 
69 1 Y 1 A LYS 69 ? A LYS 69 
70 1 Y 1 A ILE 70 ? A ILE 70 
71 1 Y 1 A LYS 71 ? A LYS 71 
72 1 Y 1 A SER 72 ? A SER 72 
73 1 Y 1 A ARG 73 ? A ARG 73 
74 1 Y 1 A GLY 74 ? A GLY 74 
75 1 Y 1 A LEU 75 ? A LEU 75 
76 1 Y 1 A LYS 76 ? A LYS 76 
# 
loop_
_chem_comp_atom.comp_id 
_chem_comp_atom.atom_id 
_chem_comp_atom.type_symbol 
_chem_comp_atom.pdbx_aromatic_flag 
_chem_comp_atom.pdbx_stereo_config 
_chem_comp_atom.pdbx_ordinal 
ALA N    N  N N 1   
ALA CA   C  N S 2   
ALA C    C  N N 3   
ALA O    O  N N 4   
ALA CB   C  N N 5   
ALA OXT  O  N N 6   
ALA H    H  N N 7   
ALA H2   H  N N 8   
ALA HA   H  N N 9   
ALA HB1  H  N N 10  
ALA HB2  H  N N 11  
ALA HB3  H  N N 12  
ALA HXT  H  N N 13  
ARG N    N  N N 14  
ARG CA   C  N S 15  
ARG C    C  N N 16  
ARG O    O  N N 17  
ARG CB   C  N N 18  
ARG CG   C  N N 19  
ARG CD   C  N N 20  
ARG NE   N  N N 21  
ARG CZ   C  N N 22  
ARG NH1  N  N N 23  
ARG NH2  N  N N 24  
ARG OXT  O  N N 25  
ARG H    H  N N 26  
ARG H2   H  N N 27  
ARG HA   H  N N 28  
ARG HB2  H  N N 29  
ARG HB3  H  N N 30  
ARG HG2  H  N N 31  
ARG HG3  H  N N 32  
ARG HD2  H  N N 33  
ARG HD3  H  N N 34  
ARG HE   H  N N 35  
ARG HH11 H  N N 36  
ARG HH12 H  N N 37  
ARG HH21 H  N N 38  
ARG HH22 H  N N 39  
ARG HXT  H  N N 40  
ASN N    N  N N 41  
ASN CA   C  N S 42  
ASN C    C  N N 43  
ASN O    O  N N 44  
ASN CB   C  N N 45  
ASN CG   C  N N 46  
ASN OD1  O  N N 47  
ASN ND2  N  N N 48  
ASN OXT  O  N N 49  
ASN H    H  N N 50  
ASN H2   H  N N 51  
ASN HA   H  N N 52  
ASN HB2  H  N N 53  
ASN HB3  H  N N 54  
ASN HD21 H  N N 55  
ASN HD22 H  N N 56  
ASN HXT  H  N N 57  
ASP N    N  N N 58  
ASP CA   C  N S 59  
ASP C    C  N N 60  
ASP O    O  N N 61  
ASP CB   C  N N 62  
ASP CG   C  N N 63  
ASP OD1  O  N N 64  
ASP OD2  O  N N 65  
ASP OXT  O  N N 66  
ASP H    H  N N 67  
ASP H2   H  N N 68  
ASP HA   H  N N 69  
ASP HB2  H  N N 70  
ASP HB3  H  N N 71  
ASP HD2  H  N N 72  
ASP HXT  H  N N 73  
CYS N    N  N N 74  
CYS CA   C  N R 75  
CYS C    C  N N 76  
CYS O    O  N N 77  
CYS CB   C  N N 78  
CYS SG   S  N N 79  
CYS OXT  O  N N 80  
CYS H    H  N N 81  
CYS H2   H  N N 82  
CYS HA   H  N N 83  
CYS HB2  H  N N 84  
CYS HB3  H  N N 85  
CYS HG   H  N N 86  
CYS HXT  H  N N 87  
GLN N    N  N N 88  
GLN CA   C  N S 89  
GLN C    C  N N 90  
GLN O    O  N N 91  
GLN CB   C  N N 92  
GLN CG   C  N N 93  
GLN CD   C  N N 94  
GLN OE1  O  N N 95  
GLN NE2  N  N N 96  
GLN OXT  O  N N 97  
GLN H    H  N N 98  
GLN H2   H  N N 99  
GLN HA   H  N N 100 
GLN HB2  H  N N 101 
GLN HB3  H  N N 102 
GLN HG2  H  N N 103 
GLN HG3  H  N N 104 
GLN HE21 H  N N 105 
GLN HE22 H  N N 106 
GLN HXT  H  N N 107 
GLU N    N  N N 108 
GLU CA   C  N S 109 
GLU C    C  N N 110 
GLU O    O  N N 111 
GLU CB   C  N N 112 
GLU CG   C  N N 113 
GLU CD   C  N N 114 
GLU OE1  O  N N 115 
GLU OE2  O  N N 116 
GLU OXT  O  N N 117 
GLU H    H  N N 118 
GLU H2   H  N N 119 
GLU HA   H  N N 120 
GLU HB2  H  N N 121 
GLU HB3  H  N N 122 
GLU HG2  H  N N 123 
GLU HG3  H  N N 124 
GLU HE2  H  N N 125 
GLU HXT  H  N N 126 
GLY N    N  N N 127 
GLY CA   C  N N 128 
GLY C    C  N N 129 
GLY O    O  N N 130 
GLY OXT  O  N N 131 
GLY H    H  N N 132 
GLY H2   H  N N 133 
GLY HA2  H  N N 134 
GLY HA3  H  N N 135 
GLY HXT  H  N N 136 
HIS N    N  N N 137 
HIS CA   C  N S 138 
HIS C    C  N N 139 
HIS O    O  N N 140 
HIS CB   C  N N 141 
HIS CG   C  Y N 142 
HIS ND1  N  Y N 143 
HIS CD2  C  Y N 144 
HIS CE1  C  Y N 145 
HIS NE2  N  Y N 146 
HIS OXT  O  N N 147 
HIS H    H  N N 148 
HIS H2   H  N N 149 
HIS HA   H  N N 150 
HIS HB2  H  N N 151 
HIS HB3  H  N N 152 
HIS HD1  H  N N 153 
HIS HD2  H  N N 154 
HIS HE1  H  N N 155 
HIS HE2  H  N N 156 
HIS HXT  H  N N 157 
HOH O    O  N N 158 
HOH H1   H  N N 159 
HOH H2   H  N N 160 
ILE N    N  N N 161 
ILE CA   C  N S 162 
ILE C    C  N N 163 
ILE O    O  N N 164 
ILE CB   C  N S 165 
ILE CG1  C  N N 166 
ILE CG2  C  N N 167 
ILE CD1  C  N N 168 
ILE OXT  O  N N 169 
ILE H    H  N N 170 
ILE H2   H  N N 171 
ILE HA   H  N N 172 
ILE HB   H  N N 173 
ILE HG12 H  N N 174 
ILE HG13 H  N N 175 
ILE HG21 H  N N 176 
ILE HG22 H  N N 177 
ILE HG23 H  N N 178 
ILE HD11 H  N N 179 
ILE HD12 H  N N 180 
ILE HD13 H  N N 181 
ILE HXT  H  N N 182 
LEU N    N  N N 183 
LEU CA   C  N S 184 
LEU C    C  N N 185 
LEU O    O  N N 186 
LEU CB   C  N N 187 
LEU CG   C  N N 188 
LEU CD1  C  N N 189 
LEU CD2  C  N N 190 
LEU OXT  O  N N 191 
LEU H    H  N N 192 
LEU H2   H  N N 193 
LEU HA   H  N N 194 
LEU HB2  H  N N 195 
LEU HB3  H  N N 196 
LEU HG   H  N N 197 
LEU HD11 H  N N 198 
LEU HD12 H  N N 199 
LEU HD13 H  N N 200 
LEU HD21 H  N N 201 
LEU HD22 H  N N 202 
LEU HD23 H  N N 203 
LEU HXT  H  N N 204 
LYS N    N  N N 205 
LYS CA   C  N S 206 
LYS C    C  N N 207 
LYS O    O  N N 208 
LYS CB   C  N N 209 
LYS CG   C  N N 210 
LYS CD   C  N N 211 
LYS CE   C  N N 212 
LYS NZ   N  N N 213 
LYS OXT  O  N N 214 
LYS H    H  N N 215 
LYS H2   H  N N 216 
LYS HA   H  N N 217 
LYS HB2  H  N N 218 
LYS HB3  H  N N 219 
LYS HG2  H  N N 220 
LYS HG3  H  N N 221 
LYS HD2  H  N N 222 
LYS HD3  H  N N 223 
LYS HE2  H  N N 224 
LYS HE3  H  N N 225 
LYS HZ1  H  N N 226 
LYS HZ2  H  N N 227 
LYS HZ3  H  N N 228 
LYS HXT  H  N N 229 
MET N    N  N N 230 
MET CA   C  N S 231 
MET C    C  N N 232 
MET O    O  N N 233 
MET CB   C  N N 234 
MET CG   C  N N 235 
MET SD   S  N N 236 
MET CE   C  N N 237 
MET OXT  O  N N 238 
MET H    H  N N 239 
MET H2   H  N N 240 
MET HA   H  N N 241 
MET HB2  H  N N 242 
MET HB3  H  N N 243 
MET HG2  H  N N 244 
MET HG3  H  N N 245 
MET HE1  H  N N 246 
MET HE2  H  N N 247 
MET HE3  H  N N 248 
MET HXT  H  N N 249 
PHE N    N  N N 250 
PHE CA   C  N S 251 
PHE C    C  N N 252 
PHE O    O  N N 253 
PHE CB   C  N N 254 
PHE CG   C  Y N 255 
PHE CD1  C  Y N 256 
PHE CD2  C  Y N 257 
PHE CE1  C  Y N 258 
PHE CE2  C  Y N 259 
PHE CZ   C  Y N 260 
PHE OXT  O  N N 261 
PHE H    H  N N 262 
PHE H2   H  N N 263 
PHE HA   H  N N 264 
PHE HB2  H  N N 265 
PHE HB3  H  N N 266 
PHE HD1  H  N N 267 
PHE HD2  H  N N 268 
PHE HE1  H  N N 269 
PHE HE2  H  N N 270 
PHE HZ   H  N N 271 
PHE HXT  H  N N 272 
PRO N    N  N N 273 
PRO CA   C  N S 274 
PRO C    C  N N 275 
PRO O    O  N N 276 
PRO CB   C  N N 277 
PRO CG   C  N N 278 
PRO CD   C  N N 279 
PRO OXT  O  N N 280 
PRO H    H  N N 281 
PRO HA   H  N N 282 
PRO HB2  H  N N 283 
PRO HB3  H  N N 284 
PRO HG2  H  N N 285 
PRO HG3  H  N N 286 
PRO HD2  H  N N 287 
PRO HD3  H  N N 288 
PRO HXT  H  N N 289 
SER N    N  N N 290 
SER CA   C  N S 291 
SER C    C  N N 292 
SER O    O  N N 293 
SER CB   C  N N 294 
SER OG   O  N N 295 
SER OXT  O  N N 296 
SER H    H  N N 297 
SER H2   H  N N 298 
SER HA   H  N N 299 
SER HB2  H  N N 300 
SER HB3  H  N N 301 
SER HG   H  N N 302 
SER HXT  H  N N 303 
SO4 S    S  N N 304 
SO4 O1   O  N N 305 
SO4 O2   O  N N 306 
SO4 O3   O  N N 307 
SO4 O4   O  N N 308 
THR N    N  N N 309 
THR CA   C  N S 310 
THR C    C  N N 311 
THR O    O  N N 312 
THR CB   C  N R 313 
THR OG1  O  N N 314 
THR CG2  C  N N 315 
THR OXT  O  N N 316 
THR H    H  N N 317 
THR H2   H  N N 318 
THR HA   H  N N 319 
THR HB   H  N N 320 
THR HG1  H  N N 321 
THR HG21 H  N N 322 
THR HG22 H  N N 323 
THR HG23 H  N N 324 
THR HXT  H  N N 325 
TRP N    N  N N 326 
TRP CA   C  N S 327 
TRP C    C  N N 328 
TRP O    O  N N 329 
TRP CB   C  N N 330 
TRP CG   C  Y N 331 
TRP CD1  C  Y N 332 
TRP CD2  C  Y N 333 
TRP NE1  N  Y N 334 
TRP CE2  C  Y N 335 
TRP CE3  C  Y N 336 
TRP CZ2  C  Y N 337 
TRP CZ3  C  Y N 338 
TRP CH2  C  Y N 339 
TRP OXT  O  N N 340 
TRP H    H  N N 341 
TRP H2   H  N N 342 
TRP HA   H  N N 343 
TRP HB2  H  N N 344 
TRP HB3  H  N N 345 
TRP HD1  H  N N 346 
TRP HE1  H  N N 347 
TRP HE3  H  N N 348 
TRP HZ2  H  N N 349 
TRP HZ3  H  N N 350 
TRP HH2  H  N N 351 
TRP HXT  H  N N 352 
TYR N    N  N N 353 
TYR CA   C  N S 354 
TYR C    C  N N 355 
TYR O    O  N N 356 
TYR CB   C  N N 357 
TYR CG   C  Y N 358 
TYR CD1  C  Y N 359 
TYR CD2  C  Y N 360 
TYR CE1  C  Y N 361 
TYR CE2  C  Y N 362 
TYR CZ   C  Y N 363 
TYR OH   O  N N 364 
TYR OXT  O  N N 365 
TYR H    H  N N 366 
TYR H2   H  N N 367 
TYR HA   H  N N 368 
TYR HB2  H  N N 369 
TYR HB3  H  N N 370 
TYR HD1  H  N N 371 
TYR HD2  H  N N 372 
TYR HE1  H  N N 373 
TYR HE2  H  N N 374 
TYR HH   H  N N 375 
TYR HXT  H  N N 376 
VAL N    N  N N 377 
VAL CA   C  N S 378 
VAL C    C  N N 379 
VAL O    O  N N 380 
VAL CB   C  N N 381 
VAL CG1  C  N N 382 
VAL CG2  C  N N 383 
VAL OXT  O  N N 384 
VAL H    H  N N 385 
VAL H2   H  N N 386 
VAL HA   H  N N 387 
VAL HB   H  N N 388 
VAL HG11 H  N N 389 
VAL HG12 H  N N 390 
VAL HG13 H  N N 391 
VAL HG21 H  N N 392 
VAL HG22 H  N N 393 
VAL HG23 H  N N 394 
VAL HXT  H  N N 395 
ZN  ZN   ZN N N 396 
# 
loop_
_chem_comp_bond.comp_id 
_chem_comp_bond.atom_id_1 
_chem_comp_bond.atom_id_2 
_chem_comp_bond.value_order 
_chem_comp_bond.pdbx_aromatic_flag 
_chem_comp_bond.pdbx_stereo_config 
_chem_comp_bond.pdbx_ordinal 
ALA N   CA   sing N N 1   
ALA N   H    sing N N 2   
ALA N   H2   sing N N 3   
ALA CA  C    sing N N 4   
ALA CA  CB   sing N N 5   
ALA CA  HA   sing N N 6   
ALA C   O    doub N N 7   
ALA C   OXT  sing N N 8   
ALA CB  HB1  sing N N 9   
ALA CB  HB2  sing N N 10  
ALA CB  HB3  sing N N 11  
ALA OXT HXT  sing N N 12  
ARG N   CA   sing N N 13  
ARG N   H    sing N N 14  
ARG N   H2   sing N N 15  
ARG CA  C    sing N N 16  
ARG CA  CB   sing N N 17  
ARG CA  HA   sing N N 18  
ARG C   O    doub N N 19  
ARG C   OXT  sing N N 20  
ARG CB  CG   sing N N 21  
ARG CB  HB2  sing N N 22  
ARG CB  HB3  sing N N 23  
ARG CG  CD   sing N N 24  
ARG CG  HG2  sing N N 25  
ARG CG  HG3  sing N N 26  
ARG CD  NE   sing N N 27  
ARG CD  HD2  sing N N 28  
ARG CD  HD3  sing N N 29  
ARG NE  CZ   sing N N 30  
ARG NE  HE   sing N N 31  
ARG CZ  NH1  sing N N 32  
ARG CZ  NH2  doub N N 33  
ARG NH1 HH11 sing N N 34  
ARG NH1 HH12 sing N N 35  
ARG NH2 HH21 sing N N 36  
ARG NH2 HH22 sing N N 37  
ARG OXT HXT  sing N N 38  
ASN N   CA   sing N N 39  
ASN N   H    sing N N 40  
ASN N   H2   sing N N 41  
ASN CA  C    sing N N 42  
ASN CA  CB   sing N N 43  
ASN CA  HA   sing N N 44  
ASN C   O    doub N N 45  
ASN C   OXT  sing N N 46  
ASN CB  CG   sing N N 47  
ASN CB  HB2  sing N N 48  
ASN CB  HB3  sing N N 49  
ASN CG  OD1  doub N N 50  
ASN CG  ND2  sing N N 51  
ASN ND2 HD21 sing N N 52  
ASN ND2 HD22 sing N N 53  
ASN OXT HXT  sing N N 54  
ASP N   CA   sing N N 55  
ASP N   H    sing N N 56  
ASP N   H2   sing N N 57  
ASP CA  C    sing N N 58  
ASP CA  CB   sing N N 59  
ASP CA  HA   sing N N 60  
ASP C   O    doub N N 61  
ASP C   OXT  sing N N 62  
ASP CB  CG   sing N N 63  
ASP CB  HB2  sing N N 64  
ASP CB  HB3  sing N N 65  
ASP CG  OD1  doub N N 66  
ASP CG  OD2  sing N N 67  
ASP OD2 HD2  sing N N 68  
ASP OXT HXT  sing N N 69  
CYS N   CA   sing N N 70  
CYS N   H    sing N N 71  
CYS N   H2   sing N N 72  
CYS CA  C    sing N N 73  
CYS CA  CB   sing N N 74  
CYS CA  HA   sing N N 75  
CYS C   O    doub N N 76  
CYS C   OXT  sing N N 77  
CYS CB  SG   sing N N 78  
CYS CB  HB2  sing N N 79  
CYS CB  HB3  sing N N 80  
CYS SG  HG   sing N N 81  
CYS OXT HXT  sing N N 82  
GLN N   CA   sing N N 83  
GLN N   H    sing N N 84  
GLN N   H2   sing N N 85  
GLN CA  C    sing N N 86  
GLN CA  CB   sing N N 87  
GLN CA  HA   sing N N 88  
GLN C   O    doub N N 89  
GLN C   OXT  sing N N 90  
GLN CB  CG   sing N N 91  
GLN CB  HB2  sing N N 92  
GLN CB  HB3  sing N N 93  
GLN CG  CD   sing N N 94  
GLN CG  HG2  sing N N 95  
GLN CG  HG3  sing N N 96  
GLN CD  OE1  doub N N 97  
GLN CD  NE2  sing N N 98  
GLN NE2 HE21 sing N N 99  
GLN NE2 HE22 sing N N 100 
GLN OXT HXT  sing N N 101 
GLU N   CA   sing N N 102 
GLU N   H    sing N N 103 
GLU N   H2   sing N N 104 
GLU CA  C    sing N N 105 
GLU CA  CB   sing N N 106 
GLU CA  HA   sing N N 107 
GLU C   O    doub N N 108 
GLU C   OXT  sing N N 109 
GLU CB  CG   sing N N 110 
GLU CB  HB2  sing N N 111 
GLU CB  HB3  sing N N 112 
GLU CG  CD   sing N N 113 
GLU CG  HG2  sing N N 114 
GLU CG  HG3  sing N N 115 
GLU CD  OE1  doub N N 116 
GLU CD  OE2  sing N N 117 
GLU OE2 HE2  sing N N 118 
GLU OXT HXT  sing N N 119 
GLY N   CA   sing N N 120 
GLY N   H    sing N N 121 
GLY N   H2   sing N N 122 
GLY CA  C    sing N N 123 
GLY CA  HA2  sing N N 124 
GLY CA  HA3  sing N N 125 
GLY C   O    doub N N 126 
GLY C   OXT  sing N N 127 
GLY OXT HXT  sing N N 128 
HIS N   CA   sing N N 129 
HIS N   H    sing N N 130 
HIS N   H2   sing N N 131 
HIS CA  C    sing N N 132 
HIS CA  CB   sing N N 133 
HIS CA  HA   sing N N 134 
HIS C   O    doub N N 135 
HIS C   OXT  sing N N 136 
HIS CB  CG   sing N N 137 
HIS CB  HB2  sing N N 138 
HIS CB  HB3  sing N N 139 
HIS CG  ND1  sing Y N 140 
HIS CG  CD2  doub Y N 141 
HIS ND1 CE1  doub Y N 142 
HIS ND1 HD1  sing N N 143 
HIS CD2 NE2  sing Y N 144 
HIS CD2 HD2  sing N N 145 
HIS CE1 NE2  sing Y N 146 
HIS CE1 HE1  sing N N 147 
HIS NE2 HE2  sing N N 148 
HIS OXT HXT  sing N N 149 
HOH O   H1   sing N N 150 
HOH O   H2   sing N N 151 
ILE N   CA   sing N N 152 
ILE N   H    sing N N 153 
ILE N   H2   sing N N 154 
ILE CA  C    sing N N 155 
ILE CA  CB   sing N N 156 
ILE CA  HA   sing N N 157 
ILE C   O    doub N N 158 
ILE C   OXT  sing N N 159 
ILE CB  CG1  sing N N 160 
ILE CB  CG2  sing N N 161 
ILE CB  HB   sing N N 162 
ILE CG1 CD1  sing N N 163 
ILE CG1 HG12 sing N N 164 
ILE CG1 HG13 sing N N 165 
ILE CG2 HG21 sing N N 166 
ILE CG2 HG22 sing N N 167 
ILE CG2 HG23 sing N N 168 
ILE CD1 HD11 sing N N 169 
ILE CD1 HD12 sing N N 170 
ILE CD1 HD13 sing N N 171 
ILE OXT HXT  sing N N 172 
LEU N   CA   sing N N 173 
LEU N   H    sing N N 174 
LEU N   H2   sing N N 175 
LEU CA  C    sing N N 176 
LEU CA  CB   sing N N 177 
LEU CA  HA   sing N N 178 
LEU C   O    doub N N 179 
LEU C   OXT  sing N N 180 
LEU CB  CG   sing N N 181 
LEU CB  HB2  sing N N 182 
LEU CB  HB3  sing N N 183 
LEU CG  CD1  sing N N 184 
LEU CG  CD2  sing N N 185 
LEU CG  HG   sing N N 186 
LEU CD1 HD11 sing N N 187 
LEU CD1 HD12 sing N N 188 
LEU CD1 HD13 sing N N 189 
LEU CD2 HD21 sing N N 190 
LEU CD2 HD22 sing N N 191 
LEU CD2 HD23 sing N N 192 
LEU OXT HXT  sing N N 193 
LYS N   CA   sing N N 194 
LYS N   H    sing N N 195 
LYS N   H2   sing N N 196 
LYS CA  C    sing N N 197 
LYS CA  CB   sing N N 198 
LYS CA  HA   sing N N 199 
LYS C   O    doub N N 200 
LYS C   OXT  sing N N 201 
LYS CB  CG   sing N N 202 
LYS CB  HB2  sing N N 203 
LYS CB  HB3  sing N N 204 
LYS CG  CD   sing N N 205 
LYS CG  HG2  sing N N 206 
LYS CG  HG3  sing N N 207 
LYS CD  CE   sing N N 208 
LYS CD  HD2  sing N N 209 
LYS CD  HD3  sing N N 210 
LYS CE  NZ   sing N N 211 
LYS CE  HE2  sing N N 212 
LYS CE  HE3  sing N N 213 
LYS NZ  HZ1  sing N N 214 
LYS NZ  HZ2  sing N N 215 
LYS NZ  HZ3  sing N N 216 
LYS OXT HXT  sing N N 217 
MET N   CA   sing N N 218 
MET N   H    sing N N 219 
MET N   H2   sing N N 220 
MET CA  C    sing N N 221 
MET CA  CB   sing N N 222 
MET CA  HA   sing N N 223 
MET C   O    doub N N 224 
MET C   OXT  sing N N 225 
MET CB  CG   sing N N 226 
MET CB  HB2  sing N N 227 
MET CB  HB3  sing N N 228 
MET CG  SD   sing N N 229 
MET CG  HG2  sing N N 230 
MET CG  HG3  sing N N 231 
MET SD  CE   sing N N 232 
MET CE  HE1  sing N N 233 
MET CE  HE2  sing N N 234 
MET CE  HE3  sing N N 235 
MET OXT HXT  sing N N 236 
PHE N   CA   sing N N 237 
PHE N   H    sing N N 238 
PHE N   H2   sing N N 239 
PHE CA  C    sing N N 240 
PHE CA  CB   sing N N 241 
PHE CA  HA   sing N N 242 
PHE C   O    doub N N 243 
PHE C   OXT  sing N N 244 
PHE CB  CG   sing N N 245 
PHE CB  HB2  sing N N 246 
PHE CB  HB3  sing N N 247 
PHE CG  CD1  doub Y N 248 
PHE CG  CD2  sing Y N 249 
PHE CD1 CE1  sing Y N 250 
PHE CD1 HD1  sing N N 251 
PHE CD2 CE2  doub Y N 252 
PHE CD2 HD2  sing N N 253 
PHE CE1 CZ   doub Y N 254 
PHE CE1 HE1  sing N N 255 
PHE CE2 CZ   sing Y N 256 
PHE CE2 HE2  sing N N 257 
PHE CZ  HZ   sing N N 258 
PHE OXT HXT  sing N N 259 
PRO N   CA   sing N N 260 
PRO N   CD   sing N N 261 
PRO N   H    sing N N 262 
PRO CA  C    sing N N 263 
PRO CA  CB   sing N N 264 
PRO CA  HA   sing N N 265 
PRO C   O    doub N N 266 
PRO C   OXT  sing N N 267 
PRO CB  CG   sing N N 268 
PRO CB  HB2  sing N N 269 
PRO CB  HB3  sing N N 270 
PRO CG  CD   sing N N 271 
PRO CG  HG2  sing N N 272 
PRO CG  HG3  sing N N 273 
PRO CD  HD2  sing N N 274 
PRO CD  HD3  sing N N 275 
PRO OXT HXT  sing N N 276 
SER N   CA   sing N N 277 
SER N   H    sing N N 278 
SER N   H2   sing N N 279 
SER CA  C    sing N N 280 
SER CA  CB   sing N N 281 
SER CA  HA   sing N N 282 
SER C   O    doub N N 283 
SER C   OXT  sing N N 284 
SER CB  OG   sing N N 285 
SER CB  HB2  sing N N 286 
SER CB  HB3  sing N N 287 
SER OG  HG   sing N N 288 
SER OXT HXT  sing N N 289 
SO4 S   O1   doub N N 290 
SO4 S   O2   doub N N 291 
SO4 S   O3   sing N N 292 
SO4 S   O4   sing N N 293 
THR N   CA   sing N N 294 
THR N   H    sing N N 295 
THR N   H2   sing N N 296 
THR CA  C    sing N N 297 
THR CA  CB   sing N N 298 
THR CA  HA   sing N N 299 
THR C   O    doub N N 300 
THR C   OXT  sing N N 301 
THR CB  OG1  sing N N 302 
THR CB  CG2  sing N N 303 
THR CB  HB   sing N N 304 
THR OG1 HG1  sing N N 305 
THR CG2 HG21 sing N N 306 
THR CG2 HG22 sing N N 307 
THR CG2 HG23 sing N N 308 
THR OXT HXT  sing N N 309 
TRP N   CA   sing N N 310 
TRP N   H    sing N N 311 
TRP N   H2   sing N N 312 
TRP CA  C    sing N N 313 
TRP CA  CB   sing N N 314 
TRP CA  HA   sing N N 315 
TRP C   O    doub N N 316 
TRP C   OXT  sing N N 317 
TRP CB  CG   sing N N 318 
TRP CB  HB2  sing N N 319 
TRP CB  HB3  sing N N 320 
TRP CG  CD1  doub Y N 321 
TRP CG  CD2  sing Y N 322 
TRP CD1 NE1  sing Y N 323 
TRP CD1 HD1  sing N N 324 
TRP CD2 CE2  doub Y N 325 
TRP CD2 CE3  sing Y N 326 
TRP NE1 CE2  sing Y N 327 
TRP NE1 HE1  sing N N 328 
TRP CE2 CZ2  sing Y N 329 
TRP CE3 CZ3  doub Y N 330 
TRP CE3 HE3  sing N N 331 
TRP CZ2 CH2  doub Y N 332 
TRP CZ2 HZ2  sing N N 333 
TRP CZ3 CH2  sing Y N 334 
TRP CZ3 HZ3  sing N N 335 
TRP CH2 HH2  sing N N 336 
TRP OXT HXT  sing N N 337 
TYR N   CA   sing N N 338 
TYR N   H    sing N N 339 
TYR N   H2   sing N N 340 
TYR CA  C    sing N N 341 
TYR CA  CB   sing N N 342 
TYR CA  HA   sing N N 343 
TYR C   O    doub N N 344 
TYR C   OXT  sing N N 345 
TYR CB  CG   sing N N 346 
TYR CB  HB2  sing N N 347 
TYR CB  HB3  sing N N 348 
TYR CG  CD1  doub Y N 349 
TYR CG  CD2  sing Y N 350 
TYR CD1 CE1  sing Y N 351 
TYR CD1 HD1  sing N N 352 
TYR CD2 CE2  doub Y N 353 
TYR CD2 HD2  sing N N 354 
TYR CE1 CZ   doub Y N 355 
TYR CE1 HE1  sing N N 356 
TYR CE2 CZ   sing Y N 357 
TYR CE2 HE2  sing N N 358 
TYR CZ  OH   sing N N 359 
TYR OH  HH   sing N N 360 
TYR OXT HXT  sing N N 361 
VAL N   CA   sing N N 362 
VAL N   H    sing N N 363 
VAL N   H2   sing N N 364 
VAL CA  C    sing N N 365 
VAL CA  CB   sing N N 366 
VAL CA  HA   sing N N 367 
VAL C   O    doub N N 368 
VAL C   OXT  sing N N 369 
VAL CB  CG1  sing N N 370 
VAL CB  CG2  sing N N 371 
VAL CB  HB   sing N N 372 
VAL CG1 HG11 sing N N 373 
VAL CG1 HG12 sing N N 374 
VAL CG1 HG13 sing N N 375 
VAL CG2 HG21 sing N N 376 
VAL CG2 HG22 sing N N 377 
VAL CG2 HG23 sing N N 378 
VAL OXT HXT  sing N N 379 
# 
_atom_sites.entry_id                    3PLW 
_atom_sites.fract_transf_matrix[1][1]   -0.01223452 
_atom_sites.fract_transf_matrix[1][2]   0.00401898 
_atom_sites.fract_transf_matrix[1][3]   -0.00965930 
_atom_sites.fract_transf_matrix[2][1]   -0.00041603 
_atom_sites.fract_transf_matrix[2][2]   -0.00543256 
_atom_sites.fract_transf_matrix[2][3]   -0.01514687 
_atom_sites.fract_transf_matrix[3][1]   -0.00931313 
_atom_sites.fract_transf_matrix[3][2]   -0.01489579 
_atom_sites.fract_transf_matrix[3][3]   0.00559831 
_atom_sites.fract_transf_vector[1]      0.562770 
_atom_sites.fract_transf_vector[2]      0.429661 
_atom_sites.fract_transf_vector[3]      0.217177 
# 
loop_
_atom_type.symbol 
C  
N  
O  
S  
ZN 
# 
loop_
_atom_site.group_PDB 
_atom_site.id 
_atom_site.type_symbol 
_atom_site.label_atom_id 
_atom_site.label_alt_id 
_atom_site.label_comp_id 
_atom_site.label_asym_id 
_atom_site.label_entity_id 
_atom_site.label_seq_id 
_atom_site.pdbx_PDB_ins_code 
_atom_site.Cartn_x 
_atom_site.Cartn_y 
_atom_site.Cartn_z 
_atom_site.occupancy 
_atom_site.B_iso_or_equiv 
_atom_site.pdbx_formal_charge 
_atom_site.auth_seq_id 
_atom_site.auth_comp_id 
_atom_site.auth_asym_id 
_atom_site.auth_atom_id 
_atom_site.pdbx_PDB_model_num 
ATOM   1    N  N   . GLY A 1 77  ? 16.545  -6.874  5.312   1.00 21.72 ? 77  GLY A N   1 
ATOM   2    C  CA  . GLY A 1 77  ? 16.136  -7.980  4.393   1.00 20.54 ? 77  GLY A CA  1 
ATOM   3    C  C   . GLY A 1 77  ? 17.065  -8.138  3.198   1.00 19.98 ? 77  GLY A C   1 
ATOM   4    O  O   . GLY A 1 77  ? 18.206  -7.663  3.206   1.00 21.06 ? 77  GLY A O   1 
ATOM   5    N  N   . ARG A 1 78  ? 16.563  -8.800  2.163   1.00 17.85 ? 78  ARG A N   1 
ATOM   6    C  CA  . ARG A 1 78  ? 17.330  -9.060  0.948   1.00 16.19 ? 78  ARG A CA  1 
ATOM   7    C  C   . ARG A 1 78  ? 17.352  -7.811  0.056   1.00 15.78 ? 78  ARG A C   1 
ATOM   8    O  O   . ARG A 1 78  ? 16.314  -7.187  -0.150  1.00 15.24 ? 78  ARG A O   1 
ATOM   9    C  CB  . ARG A 1 78  ? 16.685  -10.233 0.191   1.00 15.61 ? 78  ARG A CB  1 
ATOM   10   C  CG  . ARG A 1 78  ? 17.430  -10.636 -1.086  1.00 14.15 ? 78  ARG A CG  1 
ATOM   11   C  CD  . ARG A 1 78  ? 16.772  -11.822 -1.799  1.00 11.69 ? 78  ARG A CD  1 
ATOM   12   N  NE  . ARG A 1 78  ? 15.332  -11.619 -1.985  1.00 10.79 ? 78  ARG A NE  1 
ATOM   13   C  CZ  . ARG A 1 78  ? 14.784  -10.820 -2.896  1.00 11.00 ? 78  ARG A CZ  1 
ATOM   14   N  NH1 . ARG A 1 78  ? 15.531  -10.120 -3.753  1.00 11.14 ? 78  ARG A NH1 1 
ATOM   15   N  NH2 . ARG A 1 78  ? 13.468  -10.706 -2.942  1.00 10.32 ? 78  ARG A NH2 1 
ATOM   16   N  N   . THR A 1 79  ? 18.517  -7.439  -0.489  1.00 15.62 ? 79  THR A N   1 
ATOM   17   C  CA  A THR A 1 79  ? 18.543  -6.283  -1.403  0.00 15.92 ? 79  THR A CA  1 
ATOM   18   C  CA  B THR A 1 79  ? 18.548  -6.290  -1.403  1.00 16.27 ? 79  THR A CA  1 
ATOM   19   C  C   . THR A 1 79  ? 17.704  -6.616  -2.660  1.00 14.79 ? 79  THR A C   1 
ATOM   20   O  O   . THR A 1 79  ? 17.703  -7.762  -3.118  1.00 13.55 ? 79  THR A O   1 
ATOM   21   C  CB  A THR A 1 79  ? 19.983  -5.765  -1.725  0.00 17.00 ? 79  THR A CB  1 
ATOM   22   C  CB  B THR A 1 79  ? 19.995  -5.786  -1.733  1.00 17.42 ? 79  THR A CB  1 
ATOM   23   O  OG1 A THR A 1 79  ? 19.928  -4.399  -2.172  0.00 19.44 ? 79  THR A OG1 1 
ATOM   24   O  OG1 B THR A 1 79  ? 20.461  -6.321  -2.978  1.00 20.43 ? 79  THR A OG1 1 
ATOM   25   C  CG2 A THR A 1 79  ? 20.649  -6.583  -2.783  0.00 17.10 ? 79  THR A CG2 1 
ATOM   26   C  CG2 B THR A 1 79  ? 20.979  -6.166  -0.647  1.00 18.82 ? 79  THR A CG2 1 
ATOM   27   N  N   . PRO A 1 80  ? 16.945  -5.644  -3.180  1.00 14.73 ? 80  PRO A N   1 
ATOM   28   C  CA  . PRO A 1 80  ? 16.097  -5.942  -4.329  1.00 14.49 ? 80  PRO A CA  1 
ATOM   29   C  C   . PRO A 1 80  ? 16.889  -6.198  -5.609  1.00 13.61 ? 80  PRO A C   1 
ATOM   30   O  O   . PRO A 1 80  ? 17.966  -5.618  -5.817  1.00 14.43 ? 80  PRO A O   1 
ATOM   31   C  CB  . PRO A 1 80  ? 15.236  -4.679  -4.483  1.00 14.77 ? 80  PRO A CB  1 
ATOM   32   C  CG  . PRO A 1 80  ? 15.991  -3.617  -3.790  1.00 16.34 ? 80  PRO A CG  1 
ATOM   33   C  CD  . PRO A 1 80  ? 16.746  -4.264  -2.683  1.00 15.11 ? 80  PRO A CD  1 
ATOM   34   N  N   . THR A 1 81  ? 16.355  -7.060  -6.464  1.00 12.18 ? 81  THR A N   1 
ATOM   35   C  CA  . THR A 1 81  ? 16.912  -7.239  -7.802  1.00 11.65 ? 81  THR A CA  1 
ATOM   36   C  C   . THR A 1 81  ? 16.572  -6.026  -8.649  1.00 12.78 ? 81  THR A C   1 
ATOM   37   O  O   . THR A 1 81  ? 15.744  -5.203  -8.254  1.00 12.91 ? 81  THR A O   1 
ATOM   38   C  CB  . THR A 1 81  ? 16.342  -8.485  -8.490  1.00 11.73 ? 81  THR A CB  1 
ATOM   39   O  OG1 . THR A 1 81  ? 14.927  -8.319  -8.680  1.00 11.33 ? 81  THR A OG1 1 
ATOM   40   C  CG2 . THR A 1 81  ? 16.602  -9.754  -7.652  1.00 11.31 ? 81  THR A CG2 1 
ATOM   41   N  N   . ALA A 1 82  ? 17.197  -5.923  -9.816  1.00 13.25 ? 82  ALA A N   1 
ATOM   42   C  CA  . ALA A 1 82  ? 16.923  -4.816  -10.732 1.00 13.67 ? 82  ALA A CA  1 
ATOM   43   C  C   . ALA A 1 82  ? 15.451  -4.822  -11.143 1.00 14.43 ? 82  ALA A C   1 
ATOM   44   O  O   . ALA A 1 82  ? 14.819  -3.748  -11.190 1.00 14.16 ? 82  ALA A O   1 
ATOM   45   C  CB  . ALA A 1 82  ? 17.834  -4.891  -11.957 1.00 14.80 ? 82  ALA A CB  1 
ATOM   46   N  N   . GLU A 1 83  ? 14.897  -6.009  -11.406 1.00 14.16 ? 83  GLU A N   1 
ATOM   47   C  CA  A GLU A 1 83  ? 13.488  -6.133  -11.764 0.50 14.54 ? 83  GLU A CA  1 
ATOM   48   C  CA  B GLU A 1 83  ? 13.484  -6.133  -11.764 0.50 14.37 ? 83  GLU A CA  1 
ATOM   49   C  C   . GLU A 1 83  ? 12.596  -5.707  -10.602 1.00 14.06 ? 83  GLU A C   1 
ATOM   50   O  O   . GLU A 1 83  ? 11.612  -4.994  -10.804 1.00 13.73 ? 83  GLU A O   1 
ATOM   51   C  CB  A GLU A 1 83  ? 13.139  -7.546  -12.244 0.50 15.60 ? 83  GLU A CB  1 
ATOM   52   C  CB  B GLU A 1 83  ? 13.137  -7.550  -12.235 0.50 15.34 ? 83  GLU A CB  1 
ATOM   53   C  CG  A GLU A 1 83  ? 11.746  -7.644  -12.850 0.50 18.61 ? 83  GLU A CG  1 
ATOM   54   C  CG  B GLU A 1 83  ? 11.661  -7.761  -12.577 0.50 17.54 ? 83  GLU A CG  1 
ATOM   55   C  CD  A GLU A 1 83  ? 11.562  -8.845  -13.761 0.50 22.41 ? 83  GLU A CD  1 
ATOM   56   C  CD  B GLU A 1 83  ? 11.114  -6.731  -13.561 0.50 20.28 ? 83  GLU A CD  1 
ATOM   57   O  OE1 A GLU A 1 83  ? 12.507  -9.651  -13.908 0.50 24.70 ? 83  GLU A OE1 1 
ATOM   58   O  OE1 B GLU A 1 83  ? 11.833  -5.763  -13.889 0.50 22.34 ? 83  GLU A OE1 1 
ATOM   59   O  OE2 A GLU A 1 83  ? 10.458  -8.978  -14.334 0.50 25.33 ? 83  GLU A OE2 1 
ATOM   60   O  OE2 B GLU A 1 83  ? 9.955   -6.890  -14.006 0.50 22.15 ? 83  GLU A OE2 1 
ATOM   61   N  N   . GLU A 1 84  ? 12.950  -6.115  -9.387  1.00 12.90 ? 84  GLU A N   1 
ATOM   62   C  CA  . GLU A 1 84  ? 12.198  -5.656  -8.201  1.00 12.65 ? 84  GLU A CA  1 
ATOM   63   C  C   . GLU A 1 84  ? 12.251  -4.136  -8.041  1.00 13.32 ? 84  GLU A C   1 
ATOM   64   O  O   . GLU A 1 84  ? 11.250  -3.513  -7.684  1.00 13.39 ? 84  GLU A O   1 
ATOM   65   C  CB  . GLU A 1 84  ? 12.701  -6.319  -6.921  1.00 12.49 ? 84  GLU A CB  1 
ATOM   66   C  CG  . GLU A 1 84  ? 12.233  -7.764  -6.769  1.00 11.36 ? 84  GLU A CG  1 
ATOM   67   C  CD  . GLU A 1 84  ? 12.783  -8.409  -5.525  1.00 10.82 ? 84  GLU A CD  1 
ATOM   68   O  OE1 . GLU A 1 84  ? 14.009  -8.340  -5.312  1.00 10.63 ? 84  GLU A OE1 1 
ATOM   69   O  OE2 . GLU A 1 84  ? 11.993  -8.986  -4.745  1.00 10.71 ? 84  GLU A OE2 1 
ATOM   70   N  N   . ARG A 1 85  ? 13.417  -3.538  -8.293  1.00 13.28 ? 85  ARG A N   1 
ATOM   71   C  CA  A ARG A 1 85  ? 13.586  -2.082  -8.223  0.50 13.54 ? 85  ARG A CA  1 
ATOM   72   C  CA  B ARG A 1 85  ? 13.550  -2.085  -8.189  0.50 13.46 ? 85  ARG A CA  1 
ATOM   73   C  C   . ARG A 1 85  ? 12.669  -1.385  -9.221  1.00 13.42 ? 85  ARG A C   1 
ATOM   74   O  O   . ARG A 1 85  ? 12.034  -0.368  -8.901  1.00 13.52 ? 85  ARG A O   1 
ATOM   75   C  CB  A ARG A 1 85  ? 15.045  -1.702  -8.509  0.50 13.99 ? 85  ARG A CB  1 
ATOM   76   C  CB  B ARG A 1 85  ? 15.020  -1.643  -8.298  0.50 13.88 ? 85  ARG A CB  1 
ATOM   77   C  CG  A ARG A 1 85  ? 15.314  -0.203  -8.463  0.50 16.04 ? 85  ARG A CG  1 
ATOM   78   C  CG  B ARG A 1 85  ? 15.853  -1.985  -7.066  0.50 15.81 ? 85  ARG A CG  1 
ATOM   79   C  CD  A ARG A 1 85  ? 15.019  0.333   -7.084  0.50 20.35 ? 85  ARG A CD  1 
ATOM   80   C  CD  B ARG A 1 85  ? 16.977  -0.981  -6.814  0.50 19.15 ? 85  ARG A CD  1 
ATOM   81   N  NE  A ARG A 1 85  ? 16.110  0.075   -6.149  0.50 23.69 ? 85  ARG A NE  1 
ATOM   82   N  NE  B ARG A 1 85  ? 18.177  -1.231  -7.608  0.50 21.30 ? 85  ARG A NE  1 
ATOM   83   C  CZ  A ARG A 1 85  ? 15.957  -0.161  -4.847  0.50 25.24 ? 85  ARG A CZ  1 
ATOM   84   C  CZ  B ARG A 1 85  ? 18.324  -0.847  -8.879  0.50 22.80 ? 85  ARG A CZ  1 
ATOM   85   N  NH1 A ARG A 1 85  ? 14.746  -0.198  -4.305  0.50 26.28 ? 85  ARG A NH1 1 
ATOM   86   N  NH1 B ARG A 1 85  ? 17.341  -0.198  -9.508  0.50 24.31 ? 85  ARG A NH1 1 
ATOM   87   N  NH2 A ARG A 1 85  ? 17.017  -0.381  -4.087  0.50 26.95 ? 85  ARG A NH2 1 
ATOM   88   N  NH2 B ARG A 1 85  ? 19.457  -1.109  -9.521  0.50 21.87 ? 85  ARG A NH2 1 
ATOM   89   N  N   . ARG A 1 86  ? 12.606  -1.921  -10.438 1.00 13.14 ? 86  ARG A N   1 
ATOM   90   C  CA  A ARG A 1 86  ? 11.758  -1.333  -11.471 0.50 13.64 ? 86  ARG A CA  1 
ATOM   91   C  CA  B ARG A 1 86  ? 11.750  -1.348  -11.482 0.50 13.45 ? 86  ARG A CA  1 
ATOM   92   C  C   . ARG A 1 86  ? 10.289  -1.354  -11.050 1.00 13.50 ? 86  ARG A C   1 
ATOM   93   O  O   . ARG A 1 86  ? 9.582   -0.339  -11.167 1.00 13.94 ? 86  ARG A O   1 
ATOM   94   C  CB  A ARG A 1 86  ? 11.977  -2.014  -12.824 0.50 14.35 ? 86  ARG A CB  1 
ATOM   95   C  CB  B ARG A 1 86  ? 11.902  -2.093  -12.811 0.50 14.11 ? 86  ARG A CB  1 
ATOM   96   C  CG  A ARG A 1 86  ? 13.339  -1.705  -13.438 0.50 16.34 ? 86  ARG A CG  1 
ATOM   97   C  CG  B ARG A 1 86  ? 11.040  -1.506  -13.925 0.50 15.09 ? 86  ARG A CG  1 
ATOM   98   C  CD  A ARG A 1 86  ? 13.438  -2.157  -14.883 0.50 18.96 ? 86  ARG A CD  1 
ATOM   99   C  CD  B ARG A 1 86  ? 11.082  -2.347  -15.190 0.50 17.35 ? 86  ARG A CD  1 
ATOM   100  N  NE  A ARG A 1 86  ? 13.317  -3.605  -15.023 0.50 20.86 ? 86  ARG A NE  1 
ATOM   101  N  NE  B ARG A 1 86  ? 10.302  -3.574  -15.070 0.50 19.77 ? 86  ARG A NE  1 
ATOM   102  C  CZ  A ARG A 1 86  ? 14.349  -4.438  -15.121 0.50 21.01 ? 86  ARG A CZ  1 
ATOM   103  C  CZ  B ARG A 1 86  ? 8.998   -3.657  -15.319 0.50 21.17 ? 86  ARG A CZ  1 
ATOM   104  N  NH1 A ARG A 1 86  ? 15.591  -3.976  -15.104 0.50 22.07 ? 86  ARG A NH1 1 
ATOM   105  N  NH1 B ARG A 1 86  ? 8.320   -2.582  -15.702 0.50 21.98 ? 86  ARG A NH1 1 
ATOM   106  N  NH2 A ARG A 1 86  ? 14.136  -5.738  -15.242 0.50 21.68 ? 86  ARG A NH2 1 
ATOM   107  N  NH2 B ARG A 1 86  ? 8.369   -4.815  -15.186 0.50 22.93 ? 86  ARG A NH2 1 
ATOM   108  N  N   . ILE A 1 87  ? 9.837   -2.497  -10.543 1.00 12.55 ? 87  ILE A N   1 
ATOM   109  C  CA  A ILE A 1 87  ? 8.456   -2.659  -10.094 0.50 12.18 ? 87  ILE A CA  1 
ATOM   110  C  CA  B ILE A 1 87  ? 8.448   -2.622  -10.123 0.50 12.10 ? 87  ILE A CA  1 
ATOM   111  C  C   . ILE A 1 87  ? 8.156   -1.766  -8.889  1.00 11.71 ? 87  ILE A C   1 
ATOM   112  O  O   . ILE A 1 87  ? 7.144   -1.038  -8.875  1.00 11.12 ? 87  ILE A O   1 
ATOM   113  C  CB  A ILE A 1 87  ? 8.167   -4.127  -9.730  0.50 12.16 ? 87  ILE A CB  1 
ATOM   114  C  CB  B ILE A 1 87  ? 8.053   -4.092  -9.922  0.50 12.09 ? 87  ILE A CB  1 
ATOM   115  C  CG1 A ILE A 1 87  ? 8.264   -5.014  -10.972 0.50 13.45 ? 87  ILE A CG1 1 
ATOM   116  C  CG1 B ILE A 1 87  ? 8.098   -4.815  -11.265 0.50 12.92 ? 87  ILE A CG1 1 
ATOM   117  C  CG2 A ILE A 1 87  ? 6.796   -4.266  -9.048  0.50 12.23 ? 87  ILE A CG2 1 
ATOM   118  C  CG2 B ILE A 1 87  ? 6.645   -4.207  -9.317  0.50 12.28 ? 87  ILE A CG2 1 
ATOM   119  C  CD1 A ILE A 1 87  ? 7.434   -4.543  -12.137 0.50 14.72 ? 87  ILE A CD1 1 
ATOM   120  C  CD1 B ILE A 1 87  ? 7.812   -6.275  -11.164 0.50 13.95 ? 87  ILE A CD1 1 
ATOM   121  N  N   . ALA A 1 88  ? 9.027   -1.822  -7.885  1.00 11.21 ? 88  ALA A N   1 
ATOM   122  C  CA  . ALA A 1 88  ? 8.854   -1.021  -6.672  1.00 11.33 ? 88  ALA A CA  1 
ATOM   123  C  C   . ALA A 1 88  ? 8.805   0.464   -7.007  1.00 11.42 ? 88  ALA A C   1 
ATOM   124  O  O   . ALA A 1 88  ? 7.977   1.211   -6.454  1.00 11.94 ? 88  ALA A O   1 
ATOM   125  C  CB  . ALA A 1 88  ? 9.957   -1.317  -5.640  1.00 11.93 ? 88  ALA A CB  1 
ATOM   126  N  N   . ASN A 1 89  ? 9.683   0.901   -7.907  1.00 11.58 ? 89  ASN A N   1 
ATOM   127  C  CA  . ASN A 1 89  ? 9.707   2.309   -8.312  1.00 10.69 ? 89  ASN A CA  1 
ATOM   128  C  C   . ASN A 1 89  ? 8.422   2.717   -9.004  1.00 11.05 ? 89  ASN A C   1 
ATOM   129  O  O   . ASN A 1 89  ? 7.938   3.841   -8.793  1.00 11.35 ? 89  ASN A O   1 
ATOM   130  C  CB  . ASN A 1 89  ? 10.930  2.623   -9.178  1.00 10.75 ? 89  ASN A CB  1 
ATOM   131  C  CG  . ASN A 1 89  ? 12.195  2.806   -8.349  1.00 11.17 ? 89  ASN A CG  1 
ATOM   132  O  OD1 . ASN A 1 89  ? 12.268  2.421   -7.175  1.00 12.97 ? 89  ASN A OD1 1 
ATOM   133  N  ND2 . ASN A 1 89  ? 13.213  3.404   -8.967  1.00 12.30 ? 89  ASN A ND2 1 
ATOM   134  N  N   . ALA A 1 90  ? 7.862   1.827   -9.818  1.00 10.07 ? 90  ALA A N   1 
ATOM   135  C  CA  . ALA A 1 90  ? 6.556   2.104   -10.445 1.00 10.62 ? 90  ALA A CA  1 
ATOM   136  C  C   . ALA A 1 90  ? 5.435   2.210   -9.409  1.00 10.57 ? 90  ALA A C   1 
ATOM   137  O  O   . ALA A 1 90  ? 4.593   3.132   -9.471  1.00 11.18 ? 90  ALA A O   1 
ATOM   138  C  CB  . ALA A 1 90  ? 6.218   1.073   -11.514 1.00 10.52 ? 90  ALA A CB  1 
ATOM   139  N  N   . LEU A 1 91  ? 5.429   1.283   -8.459  1.00 10.91 ? 91  LEU A N   1 
ATOM   140  C  CA  . LEU A 1 91  ? 4.424   1.283   -7.389  1.00 10.82 ? 91  LEU A CA  1 
ATOM   141  C  C   . LEU A 1 91  ? 4.554   2.531   -6.529  1.00 11.37 ? 91  LEU A C   1 
ATOM   142  O  O   . LEU A 1 91  ? 3.536   3.126   -6.136  1.00 11.60 ? 91  LEU A O   1 
ATOM   143  C  CB  . LEU A 1 91  ? 4.548   0.017   -6.534  1.00 11.40 ? 91  LEU A CB  1 
ATOM   144  C  CG  . LEU A 1 91  ? 4.216   -1.298  -7.226  1.00 11.52 ? 91  LEU A CG  1 
ATOM   145  C  CD1 . LEU A 1 91  ? 4.733   -2.456  -6.403  1.00 12.98 ? 91  LEU A CD1 1 
ATOM   146  C  CD2 . LEU A 1 91  ? 2.707   -1.389  -7.443  1.00 12.52 ? 91  LEU A CD2 1 
ATOM   147  N  N   . GLY A 1 92  ? 5.793   2.955   -6.269  1.00 10.91 ? 92  GLY A N   1 
ATOM   148  C  CA  . GLY A 1 92  ? 6.053   4.086   -5.373  1.00 11.19 ? 92  GLY A CA  1 
ATOM   149  C  C   . GLY A 1 92  ? 5.701   5.447   -5.956  1.00 11.35 ? 92  GLY A C   1 
ATOM   150  O  O   . GLY A 1 92  ? 5.683   6.442   -5.229  1.00 12.66 ? 92  GLY A O   1 
ATOM   151  N  N   . ALA A 1 93  ? 5.434   5.485   -7.261  1.00 11.48 ? 93  ALA A N   1 
ATOM   152  C  CA  . ALA A 1 93  ? 5.000   6.697   -7.956  1.00 12.25 ? 93  ALA A CA  1 
ATOM   153  C  C   . ALA A 1 93  ? 3.470   6.869   -7.955  1.00 12.31 ? 93  ALA A C   1 
ATOM   154  O  O   . ALA A 1 93  ? 2.940   7.854   -8.479  1.00 13.78 ? 93  ALA A O   1 
ATOM   155  C  CB  . ALA A 1 93  ? 5.529   6.681   -9.388  1.00 12.38 ? 93  ALA A CB  1 
ATOM   156  N  N   . LEU A 1 94  ? 2.755   5.911   -7.366  1.00 11.03 ? 94  LEU A N   1 
ATOM   157  C  CA  . LEU A 1 94  ? 1.289   5.946   -7.312  1.00 10.50 ? 94  LEU A CA  1 
ATOM   158  C  C   . LEU A 1 94  ? 0.813   6.667   -6.061  1.00 9.70  ? 94  LEU A C   1 
ATOM   159  O  O   . LEU A 1 94  ? 1.537   6.746   -5.078  1.00 10.74 ? 94  LEU A O   1 
ATOM   160  C  CB  . LEU A 1 94  ? 0.739   4.520   -7.295  1.00 10.23 ? 94  LEU A CB  1 
ATOM   161  C  CG  . LEU A 1 94  ? 1.024   3.676   -8.536  1.00 10.73 ? 94  LEU A CG  1 
ATOM   162  C  CD1 . LEU A 1 94  ? 0.447   2.295   -8.313  1.00 11.04 ? 94  LEU A CD1 1 
ATOM   163  C  CD2 . LEU A 1 94  ? 0.471   4.300   -9.817  1.00 14.54 ? 94  LEU A CD2 1 
ATOM   164  N  N   . PRO A 1 95  ? -0.422  7.199   -6.102  1.00 9.76  ? 95  PRO A N   1 
ATOM   165  C  CA  . PRO A 1 95  ? -1.018  7.672   -4.849  1.00 9.06  ? 95  PRO A CA  1 
ATOM   166  C  C   . PRO A 1 95  ? -1.474  6.492   -3.982  1.00 8.63  ? 95  PRO A C   1 
ATOM   167  O  O   . PRO A 1 95  ? -1.401  5.333   -4.420  1.00 9.36  ? 95  PRO A O   1 
ATOM   168  C  CB  . PRO A 1 95  ? -2.219  8.484   -5.331  1.00 9.13  ? 95  PRO A CB  1 
ATOM   169  C  CG  . PRO A 1 95  ? -2.656  7.759   -6.561  1.00 9.90  ? 95  PRO A CG  1 
ATOM   170  C  CD  . PRO A 1 95  ? -1.366  7.301   -7.229  1.00 9.92  ? 95  PRO A CD  1 
ATOM   171  N  N   . CYS A 1 96  ? -1.936  6.777   -2.766  1.00 7.89  ? 96  CYS A N   1 
ATOM   172  C  CA  . CYS A 1 96  ? -2.307  5.713   -1.834  1.00 7.73  ? 96  CYS A CA  1 
ATOM   173  C  C   . CYS A 1 96  ? -3.380  4.825   -2.451  1.00 7.82  ? 96  CYS A C   1 
ATOM   174  O  O   . CYS A 1 96  ? -4.442  5.292   -2.831  1.00 7.51  ? 96  CYS A O   1 
ATOM   175  C  CB  . CYS A 1 96  ? -2.806  6.324   -0.528  1.00 7.71  ? 96  CYS A CB  1 
ATOM   176  S  SG  . CYS A 1 96  ? -3.388  5.070   0.629   1.00 7.62  ? 96  CYS A SG  1 
ATOM   177  N  N   . ILE A 1 97  ? -3.115  3.531   -2.547  1.00 8.06  ? 97  ILE A N   1 
ATOM   178  C  CA  . ILE A 1 97  ? -4.032  2.648   -3.242  1.00 8.83  ? 97  ILE A CA  1 
ATOM   179  C  C   . ILE A 1 97  ? -5.287  2.348   -2.406  1.00 8.63  ? 97  ILE A C   1 
ATOM   180  O  O   . ILE A 1 97  ? -6.343  2.047   -2.969  1.00 8.69  ? 97  ILE A O   1 
ATOM   181  C  CB  . ILE A 1 97  ? -3.283  1.357   -3.690  1.00 9.03  ? 97  ILE A CB  1 
ATOM   182  C  CG1 . ILE A 1 97  ? -4.085  0.578   -4.743  1.00 9.68  ? 97  ILE A CG1 1 
ATOM   183  C  CG2 . ILE A 1 97  ? -2.893  0.495   -2.486  1.00 9.96  ? 97  ILE A CG2 1 
ATOM   184  C  CD1 . ILE A 1 97  ? -4.306  1.318   -6.031  1.00 13.12 ? 97  ILE A CD1 1 
ATOM   185  N  N   . ALA A 1 98  ? -5.171  2.446   -1.076  1.00 8.06  ? 98  ALA A N   1 
ATOM   186  C  CA  . ALA A 1 98  ? -6.330  2.259   -0.202  1.00 8.26  ? 98  ALA A CA  1 
ATOM   187  C  C   . ALA A 1 98  ? -7.220  3.501   -0.275  1.00 8.30  ? 98  ALA A C   1 
ATOM   188  O  O   . ALA A 1 98  ? -8.427  3.382   -0.456  1.00 8.77  ? 98  ALA A O   1 
ATOM   189  C  CB  . ALA A 1 98  ? -5.895  1.972   1.224   1.00 8.39  ? 98  ALA A CB  1 
ATOM   190  N  N   . CYS A 1 99  ? -6.645  4.697   -0.147  1.00 7.78  ? 99  CYS A N   1 
ATOM   191  C  CA  . CYS A 1 99  ? -7.442  5.931   -0.313  1.00 7.99  ? 99  CYS A CA  1 
ATOM   192  C  C   . CYS A 1 99  ? -8.137  5.953   -1.676  1.00 7.82  ? 99  CYS A C   1 
ATOM   193  O  O   . CYS A 1 99  ? -9.297  6.381   -1.786  1.00 8.09  ? 99  CYS A O   1 
ATOM   194  C  CB  . CYS A 1 99  ? -6.570  7.174   -0.160  1.00 8.45  ? 99  CYS A CB  1 
ATOM   195  S  SG  . CYS A 1 99  ? -6.169  7.646   1.533   1.00 8.21  ? 99  CYS A SG  1 
ATOM   196  N  N   . TYR A 1 100 ? -7.453  5.462   -2.704  1.00 8.20  ? 100 TYR A N   1 
ATOM   197  C  CA  . TYR A 1 100 ? -7.962  5.527   -4.067  1.00 9.06  ? 100 TYR A CA  1 
ATOM   198  C  C   . TYR A 1 100 ? -9.309  4.819   -4.240  1.00 9.41  ? 100 TYR A C   1 
ATOM   199  O  O   . TYR A 1 100 ? -10.203 5.329   -4.938  1.00 10.08 ? 100 TYR A O   1 
ATOM   200  C  CB  . TYR A 1 100 ? -6.917  4.955   -5.031  1.00 10.05 ? 100 TYR A CB  1 
ATOM   201  C  CG  . TYR A 1 100 ? -7.165  5.303   -6.469  1.00 12.15 ? 100 TYR A CG  1 
ATOM   202  C  CD1 . TYR A 1 100 ? -6.675  6.498   -6.998  1.00 16.50 ? 100 TYR A CD1 1 
ATOM   203  C  CD2 . TYR A 1 100 ? -7.872  4.439   -7.307  1.00 15.38 ? 100 TYR A CD2 1 
ATOM   204  C  CE1 . TYR A 1 100 ? -6.887  6.831   -8.332  1.00 20.10 ? 100 TYR A CE1 1 
ATOM   205  C  CE2 . TYR A 1 100 ? -8.093  4.765   -8.649  1.00 19.42 ? 100 TYR A CE2 1 
ATOM   206  C  CZ  . TYR A 1 100 ? -7.599  5.962   -9.146  1.00 21.64 ? 100 TYR A CZ  1 
ATOM   207  O  OH  . TYR A 1 100 ? -7.806  6.295   -10.471 1.00 25.52 ? 100 TYR A OH  1 
ATOM   208  N  N   . MET A 1 101 ? -9.476  3.670   -3.590  1.00 9.43  ? 101 MET A N   1 
ATOM   209  C  CA  . MET A 1 101 ? -10.766 2.963   -3.696  1.00 9.42  ? 101 MET A CA  1 
ATOM   210  C  C   . MET A 1 101 ? -11.938 3.718   -3.061  1.00 9.44  ? 101 MET A C   1 
ATOM   211  O  O   . MET A 1 101 ? -13.113 3.413   -3.325  1.00 10.18 ? 101 MET A O   1 
ATOM   212  C  CB  . MET A 1 101 ? -10.682 1.542   -3.143  1.00 10.17 ? 101 MET A CB  1 
ATOM   213  C  CG  . MET A 1 101 ? -10.654 1.474   -1.637  1.00 10.37 ? 101 MET A CG  1 
ATOM   214  S  SD  . MET A 1 101 ? -10.796 -0.214  -0.982  1.00 11.64 ? 101 MET A SD  1 
ATOM   215  C  CE  . MET A 1 101 ? -12.534 -0.561  -1.182  1.00 13.55 ? 101 MET A CE  1 
ATOM   216  N  N   . HIS A 1 102 ? -11.601 4.689   -2.214  1.00 8.12  ? 102 HIS A N   1 
ATOM   217  C  CA  . HIS A 1 102 ? -12.574 5.534   -1.538  1.00 8.19  ? 102 HIS A CA  1 
ATOM   218  C  C   . HIS A 1 102 ? -12.724 6.879   -2.233  1.00 8.59  ? 102 HIS A C   1 
ATOM   219  O  O   . HIS A 1 102 ? -13.390 7.776   -1.719  1.00 9.40  ? 102 HIS A O   1 
ATOM   220  C  CB  . HIS A 1 102 ? -12.176 5.684   -0.074  1.00 9.00  ? 102 HIS A CB  1 
ATOM   221  C  CG  . HIS A 1 102 ? -12.297 4.410   0.682   1.00 7.80  ? 102 HIS A CG  1 
ATOM   222  N  ND1 . HIS A 1 102 ? -11.222 3.615   1.033   1.00 11.50 ? 102 HIS A ND1 1 
ATOM   223  C  CD2 . HIS A 1 102 ? -13.404 3.754   1.086   1.00 7.68  ? 102 HIS A CD2 1 
ATOM   224  C  CE1 . HIS A 1 102 ? -11.672 2.538   1.657   1.00 7.69  ? 102 HIS A CE1 1 
ATOM   225  N  NE2 . HIS A 1 102 ? -12.988 2.605   1.714   1.00 12.67 ? 102 HIS A NE2 1 
ATOM   226  N  N   . GLY A 1 103 ? -12.124 7.003   -3.409  1.00 8.82  ? 103 GLY A N   1 
ATOM   227  C  CA  . GLY A 1 103 ? -12.257 8.232   -4.184  1.00 8.75  ? 103 GLY A CA  1 
ATOM   228  C  C   . GLY A 1 103 ? -11.325 9.348   -3.769  1.00 8.88  ? 103 GLY A C   1 
ATOM   229  O  O   . GLY A 1 103 ? -11.481 10.475  -4.238  1.00 9.80  ? 103 GLY A O   1 
ATOM   230  N  N   . VAL A 1 104 ? -10.369 9.055   -2.881  1.00 8.66  ? 104 VAL A N   1 
ATOM   231  C  CA  . VAL A 1 104 ? -9.482  10.077  -2.324  1.00 8.89  ? 104 VAL A CA  1 
ATOM   232  C  C   . VAL A 1 104 ? -8.108  9.937   -2.944  1.00 8.73  ? 104 VAL A C   1 
ATOM   233  O  O   . VAL A 1 104 ? -7.601  8.823   -3.094  1.00 8.58  ? 104 VAL A O   1 
ATOM   234  C  CB  . VAL A 1 104 ? -9.420  9.956   -0.783  1.00 8.41  ? 104 VAL A CB  1 
ATOM   235  C  CG1 . VAL A 1 104 ? -8.334  10.845  -0.167  1.00 9.31  ? 104 VAL A CG1 1 
ATOM   236  C  CG2 . VAL A 1 104 ? -10.799 10.284  -0.179  1.00 9.56  ? 104 VAL A CG2 1 
ATOM   237  N  N   . ILE A 1 105 ? -7.522  11.067  -3.343  1.00 9.11  ? 105 ILE A N   1 
ATOM   238  C  CA  . ILE A 1 105 ? -6.165  11.086  -3.899  1.00 9.33  ? 105 ILE A CA  1 
ATOM   239  C  C   . ILE A 1 105 ? -5.205  11.595  -2.832  1.00 9.42  ? 105 ILE A C   1 
ATOM   240  O  O   . ILE A 1 105 ? -5.191  12.789  -2.474  1.00 9.27  ? 105 ILE A O   1 
ATOM   241  C  CB  . ILE A 1 105 ? -6.063  11.949  -5.185  1.00 9.33  ? 105 ILE A CB  1 
ATOM   242  C  CG1 . ILE A 1 105 ? -7.151  11.550  -6.198  1.00 10.27 ? 105 ILE A CG1 1 
ATOM   243  C  CG2 . ILE A 1 105 ? -4.632  11.870  -5.780  1.00 9.92  ? 105 ILE A CG2 1 
ATOM   244  C  CD1 . ILE A 1 105 ? -7.092  10.086  -6.660  1.00 11.72 ? 105 ILE A CD1 1 
ATOM   245  N  N   . SER A 1 106 ? -4.425  10.654  -2.300  1.00 9.24  ? 106 SER A N   1 
ATOM   246  C  CA  A SER A 1 106 ? -3.452  10.923  -1.249  0.50 9.84  ? 106 SER A CA  1 
ATOM   247  C  CA  B SER A 1 106 ? -3.460  10.946  -1.266  0.50 10.31 ? 106 SER A CA  1 
ATOM   248  C  C   . SER A 1 106 ? -2.087  10.613  -1.819  1.00 10.49 ? 106 SER A C   1 
ATOM   249  O  O   . SER A 1 106 ? -1.693  9.454   -1.881  1.00 10.62 ? 106 SER A O   1 
ATOM   250  C  CB  A SER A 1 106 ? -3.718  10.017  -0.045  0.50 10.08 ? 106 SER A CB  1 
ATOM   251  C  CB  B SER A 1 106 ? -3.772  10.116  -0.029  0.50 10.61 ? 106 SER A CB  1 
ATOM   252  O  OG  A SER A 1 106 ? -4.865  10.433  0.661   0.50 9.08  ? 106 SER A OG  1 
ATOM   253  O  OG  B SER A 1 106 ? -2.983  10.564  1.045   0.50 12.49 ? 106 SER A OG  1 
ATOM   254  N  N   . ASN A 1 107 ? -1.363  11.642  -2.242  1.00 10.83 ? 107 ASN A N   1 
ATOM   255  C  CA  . ASN A 1 107 ? -0.169  11.367  -3.033  1.00 11.63 ? 107 ASN A CA  1 
ATOM   256  C  C   . ASN A 1 107 ? 1.166   11.392  -2.287  1.00 12.79 ? 107 ASN A C   1 
ATOM   257  O  O   . ASN A 1 107 ? 2.212   11.209  -2.912  1.00 14.48 ? 107 ASN A O   1 
ATOM   258  C  CB  . ASN A 1 107 ? -0.174  12.156  -4.360  1.00 13.10 ? 107 ASN A CB  1 
ATOM   259  C  CG  . ASN A 1 107 ? 0.155   13.607  -4.189  1.00 12.70 ? 107 ASN A CG  1 
ATOM   260  O  OD1 . ASN A 1 107 ? 0.424   14.088  -3.084  1.00 14.18 ? 107 ASN A OD1 1 
ATOM   261  N  ND2 . ASN A 1 107 ? 0.135   14.337  -5.303  1.00 13.15 ? 107 ASN A ND2 1 
ATOM   262  N  N   . GLU A 1 108 ? 1.121   11.589  -0.969  1.00 12.14 ? 108 GLU A N   1 
ATOM   263  C  CA  A GLU A 1 108 ? 2.311   11.472  -0.140  0.50 12.66 ? 108 GLU A CA  1 
ATOM   264  C  CA  B GLU A 1 108 ? 2.300   11.481  -0.108  0.50 13.05 ? 108 GLU A CA  1 
ATOM   265  C  C   . GLU A 1 108 ? 2.307   10.073  0.475   1.00 12.61 ? 108 GLU A C   1 
ATOM   266  O  O   . GLU A 1 108 ? 1.582   9.794   1.441   1.00 13.71 ? 108 GLU A O   1 
ATOM   267  C  CB  A GLU A 1 108 ? 2.357   12.578  0.925   0.50 12.95 ? 108 GLU A CB  1 
ATOM   268  C  CB  B GLU A 1 108 ? 2.254   12.536  1.011   0.50 13.55 ? 108 GLU A CB  1 
ATOM   269  C  CG  A GLU A 1 108 ? 3.717   12.762  1.593   0.50 14.11 ? 108 GLU A CG  1 
ATOM   270  C  CG  B GLU A 1 108 ? 3.594   12.835  1.690   0.50 16.57 ? 108 GLU A CG  1 
ATOM   271  C  CD  A GLU A 1 108 ? 4.825   13.125  0.613   0.50 15.22 ? 108 GLU A CD  1 
ATOM   272  C  CD  B GLU A 1 108 ? 3.876   11.973  2.914   0.50 20.22 ? 108 GLU A CD  1 
ATOM   273  O  OE1 A GLU A 1 108 ? 4.532   13.666  -0.476  0.50 15.88 ? 108 GLU A OE1 1 
ATOM   274  O  OE1 B GLU A 1 108 ? 2.986   11.814  3.783   0.50 21.83 ? 108 GLU A OE1 1 
ATOM   275  O  OE2 A GLU A 1 108 ? 6.000   12.866  0.935   0.50 15.49 ? 108 GLU A OE2 1 
ATOM   276  O  OE2 B GLU A 1 108 ? 5.016   11.475  3.027   0.50 23.48 ? 108 GLU A OE2 1 
ATOM   277  N  N   . VAL A 1 109 ? 3.098   9.186   -0.116  1.00 11.80 ? 109 VAL A N   1 
ATOM   278  C  CA  . VAL A 1 109 ? 3.061   7.765   0.229   1.00 12.07 ? 109 VAL A CA  1 
ATOM   279  C  C   . VAL A 1 109 ? 4.421   7.185   0.572   1.00 11.70 ? 109 VAL A C   1 
ATOM   280  O  O   . VAL A 1 109 ? 5.463   7.777   0.272   1.00 13.17 ? 109 VAL A O   1 
ATOM   281  C  CB  . VAL A 1 109 ? 2.465   6.917   -0.920  1.00 11.57 ? 109 VAL A CB  1 
ATOM   282  C  CG1 . VAL A 1 109 ? 1.047   7.396   -1.269  1.00 13.11 ? 109 VAL A CG1 1 
ATOM   283  C  CG2 . VAL A 1 109 ? 3.381   6.927   -2.171  1.00 13.47 ? 109 VAL A CG2 1 
ATOM   284  N  N   . SER A 1 110 ? 4.378   6.025   1.212   1.00 11.51 ? 110 SER A N   1 
ATOM   285  C  CA  . SER A 1 110 ? 5.541   5.152   1.368   1.00 12.22 ? 110 SER A CA  1 
ATOM   286  C  C   . SER A 1 110 ? 5.125   3.763   0.922   1.00 11.65 ? 110 SER A C   1 
ATOM   287  O  O   . SER A 1 110 ? 3.931   3.461   0.836   1.00 10.86 ? 110 SER A O   1 
ATOM   288  C  CB  . SER A 1 110 ? 6.046   5.129   2.819   1.00 12.66 ? 110 SER A CB  1 
ATOM   289  O  OG  . SER A 1 110 ? 5.066   4.646   3.714   1.00 17.13 ? 110 SER A OG  1 
ATOM   290  N  N   . LEU A 1 111 ? 6.103   2.908   0.648   1.00 10.77 ? 111 LEU A N   1 
ATOM   291  C  CA  . LEU A 1 111 ? 5.815   1.540   0.284   1.00 10.58 ? 111 LEU A CA  1 
ATOM   292  C  C   . LEU A 1 111 ? 5.722   0.614   1.488   1.00 10.30 ? 111 LEU A C   1 
ATOM   293  O  O   . LEU A 1 111 ? 6.535   0.670   2.427   1.00 12.13 ? 111 LEU A O   1 
ATOM   294  C  CB  . LEU A 1 111 ? 6.850   1.020   -0.710  1.00 10.36 ? 111 LEU A CB  1 
ATOM   295  C  CG  . LEU A 1 111 ? 6.830   1.603   -2.122  1.00 11.09 ? 111 LEU A CG  1 
ATOM   296  C  CD1 . LEU A 1 111 ? 8.006   1.059   -2.921  1.00 13.78 ? 111 LEU A CD1 1 
ATOM   297  C  CD2 . LEU A 1 111 ? 5.534   1.251   -2.840  1.00 11.96 ? 111 LEU A CD2 1 
ATOM   298  N  N   . HIS A 1 112 ? 4.718   -0.257  1.418   1.00 10.11 ? 112 HIS A N   1 
ATOM   299  C  CA  . HIS A 1 112 ? 4.428   -1.245  2.439   1.00 10.05 ? 112 HIS A CA  1 
ATOM   300  C  C   . HIS A 1 112 ? 4.655   -2.662  1.890   1.00 9.92  ? 112 HIS A C   1 
ATOM   301  O  O   . HIS A 1 112 ? 4.078   -3.034  0.872   1.00 10.60 ? 112 HIS A O   1 
ATOM   302  C  CB  . HIS A 1 112 ? 2.964   -1.080  2.888   1.00 9.98  ? 112 HIS A CB  1 
ATOM   303  C  CG  . HIS A 1 112 ? 2.417   -2.273  3.609   1.00 10.21 ? 112 HIS A CG  1 
ATOM   304  N  ND1 . HIS A 1 112 ? 2.826   -2.626  4.875   1.00 11.53 ? 112 HIS A ND1 1 
ATOM   305  C  CD2 . HIS A 1 112 ? 1.491   -3.192  3.239   1.00 11.08 ? 112 HIS A CD2 1 
ATOM   306  C  CE1 . HIS A 1 112 ? 2.178   -3.715  5.258   1.00 10.94 ? 112 HIS A CE1 1 
ATOM   307  N  NE2 . HIS A 1 112 ? 1.368   -4.081  4.282   1.00 11.71 ? 112 HIS A NE2 1 
ATOM   308  N  N   . HIS A 1 113 ? 5.495   -3.436  2.577   1.00 10.02 ? 113 HIS A N   1 
ATOM   309  C  CA  . HIS A 1 113 ? 5.720   -4.832  2.213   1.00 10.76 ? 113 HIS A CA  1 
ATOM   310  C  C   . HIS A 1 113 ? 4.567   -5.695  2.674   1.00 10.74 ? 113 HIS A C   1 
ATOM   311  O  O   . HIS A 1 113 ? 4.233   -5.712  3.859   1.00 11.13 ? 113 HIS A O   1 
ATOM   312  C  CB  . HIS A 1 113 ? 7.022   -5.349  2.834   1.00 11.03 ? 113 HIS A CB  1 
ATOM   313  C  CG  . HIS A 1 113 ? 8.247   -4.886  2.124   1.00 11.67 ? 113 HIS A CG  1 
ATOM   314  N  ND1 . HIS A 1 113 ? 8.947   -3.761  2.502   1.00 13.77 ? 113 HIS A ND1 1 
ATOM   315  C  CD2 . HIS A 1 113 ? 8.907   -5.405  1.062   1.00 12.15 ? 113 HIS A CD2 1 
ATOM   316  C  CE1 . HIS A 1 113 ? 9.984   -3.604  1.698   1.00 13.34 ? 113 HIS A CE1 1 
ATOM   317  N  NE2 . HIS A 1 113 ? 9.979   -4.585  0.811   1.00 13.58 ? 113 HIS A NE2 1 
ATOM   318  N  N   . ILE A 1 114 ? 3.985   -6.422  1.733   1.00 11.77 ? 114 ILE A N   1 
ATOM   319  C  CA  . ILE A 1 114 ? 2.877   -7.340  2.003   1.00 12.82 ? 114 ILE A CA  1 
ATOM   320  C  C   . ILE A 1 114 ? 3.379   -8.707  2.470   1.00 14.26 ? 114 ILE A C   1 
ATOM   321  O  O   . ILE A 1 114 ? 2.745   -9.349  3.320   1.00 15.53 ? 114 ILE A O   1 
ATOM   322  C  CB  . ILE A 1 114 ? 2.023   -7.570  0.740   1.00 13.08 ? 114 ILE A CB  1 
ATOM   323  C  CG1 . ILE A 1 114 ? 1.423   -6.259  0.224   1.00 14.44 ? 114 ILE A CG1 1 
ATOM   324  C  CG2 . ILE A 1 114 ? 0.944   -8.617  0.996   1.00 14.19 ? 114 ILE A CG2 1 
ATOM   325  C  CD1 . ILE A 1 114 ? 0.948   -6.371  -1.215  1.00 14.89 ? 114 ILE A CD1 1 
ATOM   326  N  N   . ALA A 1 115 ? 4.512   -9.141  1.919   1.00 14.12 ? 115 ALA A N   1 
ATOM   327  C  CA  . ALA A 1 115 ? 4.970   -10.523 2.075   1.00 14.70 ? 115 ALA A CA  1 
ATOM   328  C  C   . ALA A 1 115 ? 6.435   -10.589 2.507   1.00 13.95 ? 115 ALA A C   1 
ATOM   329  O  O   . ALA A 1 115 ? 7.222   -11.403 1.996   1.00 13.82 ? 115 ALA A O   1 
ATOM   330  C  CB  . ALA A 1 115 ? 4.747   -11.273 0.782   1.00 15.27 ? 115 ALA A CB  1 
ATOM   331  N  N   . GLY A 1 116 ? 6.803   -9.729  3.446   1.00 13.54 ? 116 GLY A N   1 
ATOM   332  C  CA  . GLY A 1 116 ? 8.134   -9.744  4.030   1.00 13.45 ? 116 GLY A CA  1 
ATOM   333  C  C   . GLY A 1 116 ? 9.187   -9.097  3.153   1.00 13.34 ? 116 GLY A C   1 
ATOM   334  O  O   . GLY A 1 116 ? 8.881   -8.499  2.111   1.00 13.01 ? 116 GLY A O   1 
ATOM   335  N  N   . ARG A 1 117 ? 10.438  -9.245  3.575   1.00 13.46 ? 117 ARG A N   1 
ATOM   336  C  CA  . ARG A 1 117 ? 11.545  -8.551  2.939   1.00 13.94 ? 117 ARG A CA  1 
ATOM   337  C  C   . ARG A 1 117 ? 12.643  -9.489  2.453   1.00 13.84 ? 117 ARG A C   1 
ATOM   338  O  O   . ARG A 1 117 ? 13.705  -9.019  2.030   1.00 14.34 ? 117 ARG A O   1 
ATOM   339  C  CB  . ARG A 1 117 ? 12.154  -7.520  3.898   1.00 15.41 ? 117 ARG A CB  1 
ATOM   340  C  CG  . ARG A 1 117 ? 11.276  -6.328  4.179   1.00 19.02 ? 117 ARG A CG  1 
ATOM   341  C  CD  . ARG A 1 117 ? 11.858  -5.504  5.330   1.00 25.24 ? 117 ARG A CD  1 
ATOM   342  N  NE  . ARG A 1 117 ? 11.230  -4.188  5.418   1.00 29.99 ? 117 ARG A NE  1 
ATOM   343  C  CZ  . ARG A 1 117 ? 11.678  -3.091  4.804   1.00 32.33 ? 117 ARG A CZ  1 
ATOM   344  N  NH1 . ARG A 1 117 ? 12.773  -3.134  4.049   1.00 33.86 ? 117 ARG A NH1 1 
ATOM   345  N  NH2 . ARG A 1 117 ? 11.028  -1.941  4.948   1.00 32.48 ? 117 ARG A NH2 1 
ATOM   346  N  N   . THR A 1 118 ? 12.397  -10.802 2.473   1.00 12.89 ? 118 THR A N   1 
ATOM   347  C  CA  . THR A 1 118 ? 13.460  -11.759 2.111   1.00 12.71 ? 118 THR A CA  1 
ATOM   348  C  C   . THR A 1 118 ? 13.134  -12.756 0.991   1.00 12.01 ? 118 THR A C   1 
ATOM   349  O  O   . THR A 1 118 ? 14.018  -13.123 0.211   1.00 12.77 ? 118 THR A O   1 
ATOM   350  C  CB  . THR A 1 118 ? 13.951  -12.557 3.343   1.00 13.17 ? 118 THR A CB  1 
ATOM   351  O  OG1 . THR A 1 118 ? 12.845  -13.230 3.951   1.00 14.87 ? 118 THR A OG1 1 
ATOM   352  C  CG2 . THR A 1 118 ? 14.592  -11.633 4.371   1.00 14.02 ? 118 THR A CG2 1 
ATOM   353  N  N   . ALA A 1 119 ? 11.889  -13.223 0.916   1.00 11.21 ? 119 ALA A N   1 
ATOM   354  C  CA  . ALA A 1 119 ? 11.548  -14.264 -0.059  1.00 10.58 ? 119 ALA A CA  1 
ATOM   355  C  C   . ALA A 1 119 ? 11.665  -13.732 -1.495  1.00 10.98 ? 119 ALA A C   1 
ATOM   356  O  O   . ALA A 1 119 ? 11.498  -12.525 -1.725  1.00 10.36 ? 119 ALA A O   1 
ATOM   357  C  CB  . ALA A 1 119 ? 10.145  -14.794 0.205   1.00 10.96 ? 119 ALA A CB  1 
ATOM   358  N  N   . PRO A 1 120 ? 11.926  -14.610 -2.477  1.00 10.48 ? 120 PRO A N   1 
ATOM   359  C  CA  . PRO A 1 120 ? 12.047  -14.117 -3.846  1.00 10.56 ? 120 PRO A CA  1 
ATOM   360  C  C   . PRO A 1 120 ? 10.799  -13.369 -4.285  1.00 10.54 ? 120 PRO A C   1 
ATOM   361  O  O   . PRO A 1 120 ? 9.676   -13.791 -3.990  1.00 10.87 ? 120 PRO A O   1 
ATOM   362  C  CB  . PRO A 1 120 ? 12.199  -15.391 -4.684  1.00 11.02 ? 120 PRO A CB  1 
ATOM   363  C  CG  . PRO A 1 120 ? 12.500  -16.482 -3.731  1.00 12.92 ? 120 PRO A CG  1 
ATOM   364  C  CD  . PRO A 1 120 ? 12.103  -16.073 -2.370  1.00 10.66 ? 120 PRO A CD  1 
ATOM   365  N  N   . GLY A 1 121 ? 11.016  -12.250 -4.963  1.00 10.45 ? 121 GLY A N   1 
ATOM   366  C  CA  . GLY A 1 121 ? 9.942   -11.425 -5.494  1.00 10.36 ? 121 GLY A CA  1 
ATOM   367  C  C   . GLY A 1 121 ? 9.213   -10.588 -4.467  1.00 10.42 ? 121 GLY A C   1 
ATOM   368  O  O   . GLY A 1 121 ? 8.267   -9.890  -4.832  1.00 11.15 ? 121 GLY A O   1 
ATOM   369  N  N   . CYS A 1 122 ? 9.630   -10.636 -3.205  1.00 9.96  ? 122 CYS A N   1 
ATOM   370  C  CA  . CYS A 1 122 ? 8.873   -9.940  -2.145  1.00 10.16 ? 122 CYS A CA  1 
ATOM   371  C  C   . CYS A 1 122 ? 8.778   -8.433  -2.384  1.00 10.16 ? 122 CYS A C   1 
ATOM   372  O  O   . CYS A 1 122 ? 7.787   -7.798  -2.005  1.00 9.78  ? 122 CYS A O   1 
ATOM   373  C  CB  . CYS A 1 122 ? 9.447   -10.225 -0.761  1.00 9.88  ? 122 CYS A CB  1 
ATOM   374  S  SG  . CYS A 1 122 ? 11.155  -9.659  -0.539  1.00 12.14 ? 122 CYS A SG  1 
ATOM   375  N  N   . HIS A 1 123 ? 9.796   -7.849  -3.009  1.00 10.02 ? 123 HIS A N   1 
ATOM   376  C  CA  . HIS A 1 123 ? 9.795   -6.405  -3.236  1.00 10.24 ? 123 HIS A CA  1 
ATOM   377  C  C   . HIS A 1 123 ? 8.881   -5.990  -4.385  1.00 10.58 ? 123 HIS A C   1 
ATOM   378  O  O   . HIS A 1 123 ? 8.646   -4.793  -4.596  1.00 10.82 ? 123 HIS A O   1 
ATOM   379  C  CB  . HIS A 1 123 ? 11.231  -5.896  -3.417  1.00 10.92 ? 123 HIS A CB  1 
ATOM   380  C  CG  . HIS A 1 123 ? 12.119  -6.224  -2.264  1.00 10.66 ? 123 HIS A CG  1 
ATOM   381  N  ND1 . HIS A 1 123 ? 11.892  -5.764  -0.984  1.00 12.48 ? 123 HIS A ND1 1 
ATOM   382  C  CD2 . HIS A 1 123 ? 13.247  -6.970  -2.199  1.00 12.01 ? 123 HIS A CD2 1 
ATOM   383  C  CE1 . HIS A 1 123 ? 12.834  -6.218  -0.178  1.00 13.82 ? 123 HIS A CE1 1 
ATOM   384  N  NE2 . HIS A 1 123 ? 13.672  -6.951  -0.892  1.00 12.78 ? 123 HIS A NE2 1 
ATOM   385  N  N   . LYS A 1 124 ? 8.362   -6.965  -5.131  1.00 10.77 ? 124 LYS A N   1 
ATOM   386  C  CA  . LYS A 1 124 ? 7.309   -6.674  -6.106  1.00 11.11 ? 124 LYS A CA  1 
ATOM   387  C  C   . LYS A 1 124 ? 5.944   -6.596  -5.424  1.00 11.02 ? 124 LYS A C   1 
ATOM   388  O  O   . LYS A 1 124 ? 4.965   -6.142  -6.043  1.00 11.88 ? 124 LYS A O   1 
ATOM   389  C  CB  . LYS A 1 124 ? 7.237   -7.737  -7.203  1.00 11.80 ? 124 LYS A CB  1 
ATOM   390  C  CG  . LYS A 1 124 ? 8.559   -7.987  -7.911  1.00 12.92 ? 124 LYS A CG  1 
ATOM   391  C  CD  . LYS A 1 124 ? 8.433   -9.057  -8.979  1.00 15.44 ? 124 LYS A CD  1 
ATOM   392  C  CE  . LYS A 1 124 ? 9.797   -9.356  -9.607  1.00 17.45 ? 124 LYS A CE  1 
ATOM   393  N  NZ  . LYS A 1 124 ? 9.596   -10.312 -10.731 1.00 19.60 ? 124 LYS A NZ  1 
ATOM   394  N  N   . LYS A 1 125 ? 5.860   -7.062  -4.178  1.00 10.02 ? 125 LYS A N   1 
ATOM   395  C  CA  . LYS A 1 125 ? 4.577   -7.183  -3.485  1.00 10.23 ? 125 LYS A CA  1 
ATOM   396  C  C   . LYS A 1 125 ? 4.497   -6.099  -2.416  1.00 9.47  ? 125 LYS A C   1 
ATOM   397  O  O   . LYS A 1 125 ? 4.605   -6.353  -1.216  1.00 10.23 ? 125 LYS A O   1 
ATOM   398  C  CB  . LYS A 1 125 ? 4.422   -8.594  -2.900  1.00 10.30 ? 125 LYS A CB  1 
ATOM   399  C  CG  . LYS A 1 125 ? 4.467   -9.679  -3.968  1.00 11.85 ? 125 LYS A CG  1 
ATOM   400  C  CD  . LYS A 1 125 ? 4.568   -11.072 -3.366  1.00 15.05 ? 125 LYS A CD  1 
ATOM   401  C  CE  . LYS A 1 125 ? 4.875   -12.080 -4.475  1.00 17.61 ? 125 LYS A CE  1 
ATOM   402  N  NZ  . LYS A 1 125 ? 5.189   -13.429 -3.947  1.00 19.23 ? 125 LYS A NZ  1 
ATOM   403  N  N   . GLN A 1 126 ? 4.350   -4.861  -2.890  1.00 9.28  ? 126 GLN A N   1 
ATOM   404  C  CA  . GLN A 1 126 ? 4.305   -3.700  -1.995  1.00 8.95  ? 126 GLN A CA  1 
ATOM   405  C  C   . GLN A 1 126 ? 3.155   -2.793  -2.388  1.00 8.63  ? 126 GLN A C   1 
ATOM   406  O  O   . GLN A 1 126 ? 2.808   -2.681  -3.568  1.00 9.66  ? 126 GLN A O   1 
ATOM   407  C  CB  . GLN A 1 126 ? 5.609   -2.902  -2.046  1.00 9.06  ? 126 GLN A CB  1 
ATOM   408  C  CG  . GLN A 1 126 ? 6.849   -3.737  -1.738  1.00 9.38  ? 126 GLN A CG  1 
ATOM   409  C  CD  . GLN A 1 126 ? 8.071   -2.888  -1.544  1.00 10.74 ? 126 GLN A CD  1 
ATOM   410  O  OE1 . GLN A 1 126 ? 8.988   -2.890  -2.387  1.00 13.39 ? 126 GLN A OE1 1 
ATOM   411  N  NE2 . GLN A 1 126 ? 8.107   -2.152  -0.453  1.00 10.44 ? 126 GLN A NE2 1 
ATOM   412  N  N   . LEU A 1 127 ? 2.568   -2.144  -1.384  1.00 8.73  ? 127 LEU A N   1 
ATOM   413  C  CA  . LEU A 1 127 ? 1.506   -1.174  -1.643  1.00 9.08  ? 127 LEU A CA  1 
ATOM   414  C  C   . LEU A 1 127 ? 1.977   0.237   -1.349  1.00 8.79  ? 127 LEU A C   1 
ATOM   415  O  O   . LEU A 1 127 ? 2.598   0.482   -0.311  1.00 9.21  ? 127 LEU A O   1 
ATOM   416  C  CB  . LEU A 1 127 ? 0.299   -1.441  -0.750  1.00 9.04  ? 127 LEU A CB  1 
ATOM   417  C  CG  . LEU A 1 127 ? -0.313  -2.847  -0.733  1.00 9.85  ? 127 LEU A CG  1 
ATOM   418  C  CD1 . LEU A 1 127 ? -1.476  -2.902  0.267   1.00 10.63 ? 127 LEU A CD1 1 
ATOM   419  C  CD2 . LEU A 1 127 ? -0.785  -3.202  -2.121  1.00 11.14 ? 127 LEU A CD2 1 
ATOM   420  N  N   . PRO A 1 128 ? 1.614   1.190   -2.230  1.00 8.45  ? 128 PRO A N   1 
ATOM   421  C  CA  . PRO A 1 128 ? 1.804   2.609   -1.883  1.00 8.55  ? 128 PRO A CA  1 
ATOM   422  C  C   . PRO A 1 128 ? 0.694   3.039   -0.930  1.00 8.14  ? 128 PRO A C   1 
ATOM   423  O  O   . PRO A 1 128 ? -0.497  2.939   -1.285  1.00 8.49  ? 128 PRO A O   1 
ATOM   424  C  CB  . PRO A 1 128 ? 1.683   3.316   -3.233  1.00 8.56  ? 128 PRO A CB  1 
ATOM   425  C  CG  . PRO A 1 128 ? 0.799   2.425   -4.063  1.00 9.16  ? 128 PRO A CG  1 
ATOM   426  C  CD  . PRO A 1 128 ? 0.983   1.001   -3.550  1.00 8.59  ? 128 PRO A CD  1 
ATOM   427  N  N   . LEU A 1 129 ? 1.079   3.477   0.259   1.00 8.13  ? 129 LEU A N   1 
ATOM   428  C  CA  . LEU A 1 129 ? 0.096   3.853   1.273   1.00 8.13  ? 129 LEU A CA  1 
ATOM   429  C  C   . LEU A 1 129 ? 0.436   5.185   1.892   1.00 8.02  ? 129 LEU A C   1 
ATOM   430  O  O   . LEU A 1 129 ? 1.613   5.483   2.131   1.00 8.95  ? 129 LEU A O   1 
ATOM   431  C  CB  . LEU A 1 129 ? -0.011  2.788   2.384   1.00 8.22  ? 129 LEU A CB  1 
ATOM   432  C  CG  . LEU A 1 129 ? -0.444  1.378   1.961   1.00 8.20  ? 129 LEU A CG  1 
ATOM   433  C  CD1 . LEU A 1 129 ? -0.337  0.428   3.144   1.00 9.27  ? 129 LEU A CD1 1 
ATOM   434  C  CD2 . LEU A 1 129 ? -1.876  1.392   1.405   1.00 8.52  ? 129 LEU A CD2 1 
ATOM   435  N  N   . CYS A 1 130 ? -0.600  5.983   2.161   1.00 7.86  ? 130 CYS A N   1 
ATOM   436  C  CA  . CYS A 1 130 ? -0.421  7.238   2.902   1.00 7.68  ? 130 CYS A CA  1 
ATOM   437  C  C   . CYS A 1 130 ? -0.034  6.949   4.354   1.00 7.64  ? 130 CYS A C   1 
ATOM   438  O  O   . CYS A 1 130 ? -0.105  5.800   4.814   1.00 7.94  ? 130 CYS A O   1 
ATOM   439  C  CB  . CYS A 1 130 ? -1.694  8.101   2.862   1.00 7.69  ? 130 CYS A CB  1 
ATOM   440  S  SG  . CYS A 1 130 ? -3.072  7.417   3.830   1.00 8.66  ? 130 CYS A SG  1 
ATOM   441  N  N   . ARG A 1 131 ? 0.358   7.979   5.097   1.00 7.81  ? 131 ARG A N   1 
ATOM   442  C  CA  . ARG A 1 131 ? 0.848   7.748   6.462   1.00 8.20  ? 131 ARG A CA  1 
ATOM   443  C  C   . ARG A 1 131 ? -0.222  7.111   7.360   1.00 8.09  ? 131 ARG A C   1 
ATOM   444  O  O   . ARG A 1 131 ? 0.089   6.307   8.248   1.00 9.37  ? 131 ARG A O   1 
ATOM   445  C  CB  . ARG A 1 131 ? 1.360   9.050   7.090   1.00 8.15  ? 131 ARG A CB  1 
ATOM   446  C  CG  . ARG A 1 131 ? 0.269   10.092  7.379   1.00 9.00  ? 131 ARG A CG  1 
ATOM   447  C  CD  . ARG A 1 131 ? 0.875   11.496  7.578   1.00 10.25 ? 131 ARG A CD  1 
ATOM   448  N  NE  . ARG A 1 131 ? 1.941   11.544  8.585   1.00 11.27 ? 131 ARG A NE  1 
ATOM   449  C  CZ  . ARG A 1 131 ? 1.739   11.672  9.892   1.00 10.84 ? 131 ARG A CZ  1 
ATOM   450  N  NH1 . ARG A 1 131 ? 2.779   11.724  10.725  1.00 14.59 ? 131 ARG A NH1 1 
ATOM   451  N  NH2 . ARG A 1 131 ? 0.505   11.767  10.372  1.00 12.56 ? 131 ARG A NH2 1 
ATOM   452  N  N   . TRP A 1 132 ? -1.481  7.456   7.107   1.00 7.73  ? 132 TRP A N   1 
ATOM   453  C  CA  . TRP A 1 132 ? -2.591  7.006   7.929   1.00 7.90  ? 132 TRP A CA  1 
ATOM   454  C  C   . TRP A 1 132 ? -3.039  5.588   7.588   1.00 7.99  ? 132 TRP A C   1 
ATOM   455  O  O   . TRP A 1 132 ? -3.684  4.938   8.407   1.00 9.76  ? 132 TRP A O   1 
ATOM   456  C  CB  . TRP A 1 132 ? -3.772  7.932   7.743   1.00 8.00  ? 132 TRP A CB  1 
ATOM   457  C  CG  . TRP A 1 132 ? -3.549  9.393   8.000   1.00 8.33  ? 132 TRP A CG  1 
ATOM   458  C  CD1 . TRP A 1 132 ? -3.761  10.408  7.104   1.00 9.50  ? 132 TRP A CD1 1 
ATOM   459  C  CD2 . TRP A 1 132 ? -3.161  10.013  9.230   1.00 8.38  ? 132 TRP A CD2 1 
ATOM   460  N  NE1 . TRP A 1 132 ? -3.509  11.620  7.695   1.00 9.30  ? 132 TRP A NE1 1 
ATOM   461  C  CE2 . TRP A 1 132 ? -3.150  11.415  9.002   1.00 8.32  ? 132 TRP A CE2 1 
ATOM   462  C  CE3 . TRP A 1 132 ? -2.806  9.525   10.498  1.00 9.78  ? 132 TRP A CE3 1 
ATOM   463  C  CZ2 . TRP A 1 132 ? -2.810  12.332  10.005  1.00 9.36  ? 132 TRP A CZ2 1 
ATOM   464  C  CZ3 . TRP A 1 132 ? -2.461  10.450  11.502  1.00 9.58  ? 132 TRP A CZ3 1 
ATOM   465  C  CH2 . TRP A 1 132 ? -2.474  11.832  11.244  1.00 9.86  ? 132 TRP A CH2 1 
ATOM   466  N  N   . HIS A 1 133 ? -2.704  5.131   6.385   1.00 7.77  ? 133 HIS A N   1 
ATOM   467  C  CA  . HIS A 1 133 ? -2.989  3.761   5.971   1.00 7.38  ? 133 HIS A CA  1 
ATOM   468  C  C   . HIS A 1 133 ? -1.792  2.854   6.194   1.00 8.41  ? 133 HIS A C   1 
ATOM   469  O  O   . HIS A 1 133 ? -1.937  1.630   6.093   1.00 8.26  ? 133 HIS A O   1 
ATOM   470  C  CB  . HIS A 1 133 ? -3.385  3.706   4.494   1.00 6.75  ? 133 HIS A CB  1 
ATOM   471  C  CG  . HIS A 1 133 ? -4.853  3.841   4.259   1.00 6.73  ? 133 HIS A CG  1 
ATOM   472  N  ND1 . HIS A 1 133 ? -5.388  4.777   3.392   1.00 6.44  ? 133 HIS A ND1 1 
ATOM   473  C  CD2 . HIS A 1 133 ? -5.896  3.139   4.762   1.00 9.19  ? 133 HIS A CD2 1 
ATOM   474  C  CE1 . HIS A 1 133 ? -6.707  4.643   3.382   1.00 7.80  ? 133 HIS A CE1 1 
ATOM   475  N  NE2 . HIS A 1 133 ? -7.038  3.650   4.198   1.00 9.23  ? 133 HIS A NE2 1 
ATOM   476  N  N   . HIS A 1 134 ? -0.624  3.429   6.509   1.00 9.16  ? 134 HIS A N   1 
ATOM   477  C  CA  . HIS A 1 134 ? 0.553   2.592   6.731   1.00 9.72  ? 134 HIS A CA  1 
ATOM   478  C  C   . HIS A 1 134 ? 0.843   2.338   8.207   1.00 10.03 ? 134 HIS A C   1 
ATOM   479  O  O   . HIS A 1 134 ? 0.677   1.206   8.673   1.00 10.38 ? 134 HIS A O   1 
ATOM   480  C  CB  . HIS A 1 134 ? 1.793   3.111   5.997   1.00 9.54  ? 134 HIS A CB  1 
ATOM   481  C  CG  . HIS A 1 134 ? 2.855   2.066   5.857   1.00 10.26 ? 134 HIS A CG  1 
ATOM   482  N  ND1 . HIS A 1 134 ? 4.173   2.362   5.584   1.00 14.43 ? 134 HIS A ND1 1 
ATOM   483  C  CD2 . HIS A 1 134 ? 2.791   0.722   5.995   1.00 11.62 ? 134 HIS A CD2 1 
ATOM   484  C  CE1 . HIS A 1 134 ? 4.871   1.237   5.541   1.00 13.46 ? 134 HIS A CE1 1 
ATOM   485  N  NE2 . HIS A 1 134 ? 4.056   0.227   5.786   1.00 10.53 ? 134 HIS A NE2 1 
ATOM   486  N  N   . GLN A 1 135 ? 1.260   3.368   8.940   1.00 11.12 ? 135 GLN A N   1 
ATOM   487  C  CA  . GLN A 1 135 ? 1.698   3.160   10.330  1.00 12.40 ? 135 GLN A CA  1 
ATOM   488  C  C   . GLN A 1 135 ? 1.057   4.067   11.375  1.00 12.12 ? 135 GLN A C   1 
ATOM   489  O  O   . GLN A 1 135 ? 1.203   3.804   12.566  1.00 13.28 ? 135 GLN A O   1 
ATOM   490  C  CB  . GLN A 1 135 ? 3.226   3.297   10.445  1.00 13.61 ? 135 GLN A CB  1 
ATOM   491  C  CG  . GLN A 1 135 ? 4.030   2.305   9.635   1.00 17.19 ? 135 GLN A CG  1 
ATOM   492  C  CD  . GLN A 1 135 ? 5.516   2.498   9.823   1.00 22.99 ? 135 GLN A CD  1 
ATOM   493  O  OE1 . GLN A 1 135 ? 6.182   3.125   9.000   1.00 26.90 ? 135 GLN A OE1 1 
ATOM   494  N  NE2 . GLN A 1 135 ? 6.046   1.968   10.919  1.00 25.65 ? 135 GLN A NE2 1 
ATOM   495  N  N   . HIS A 1 136 ? 0.372   5.134   10.961  1.00 11.01 ? 136 HIS A N   1 
ATOM   496  C  CA  . HIS A 1 136 ? -0.106  6.151   11.914  1.00 11.40 ? 136 HIS A CA  1 
ATOM   497  C  C   . HIS A 1 136 ? -1.619  6.113   12.070  1.00 11.24 ? 136 HIS A C   1 
ATOM   498  O  O   . HIS A 1 136 ? -2.329  6.098   11.071  1.00 11.03 ? 136 HIS A O   1 
ATOM   499  C  CB  . HIS A 1 136 ? 0.282   7.553   11.431  1.00 11.84 ? 136 HIS A CB  1 
ATOM   500  C  CG  . HIS A 1 136 ? 1.753   7.827   11.452  1.00 14.23 ? 136 HIS A CG  1 
ATOM   501  N  ND1 . HIS A 1 136 ? 2.601   7.449   10.434  1.00 17.00 ? 136 HIS A ND1 1 
ATOM   502  C  CD2 . HIS A 1 136 ? 2.516   8.482   12.359  1.00 16.40 ? 136 HIS A CD2 1 
ATOM   503  C  CE1 . HIS A 1 136 ? 3.834   7.835   10.726  1.00 16.31 ? 136 HIS A CE1 1 
ATOM   504  N  NE2 . HIS A 1 136 ? 3.806   8.465   11.888  1.00 18.36 ? 136 HIS A NE2 1 
ATOM   505  N  N   . ALA A 1 137 ? -2.120  6.129   13.303  1.00 10.96 ? 137 ALA A N   1 
ATOM   506  C  CA  . ALA A 1 137 ? -3.562  6.232   13.521  1.00 11.05 ? 137 ALA A CA  1 
ATOM   507  C  C   . ALA A 1 137 ? -3.997  7.685   13.570  1.00 11.11 ? 137 ALA A C   1 
ATOM   508  O  O   . ALA A 1 137 ? -3.515  8.460   14.404  1.00 11.94 ? 137 ALA A O   1 
ATOM   509  C  CB  . ALA A 1 137 ? -3.966  5.518   14.800  1.00 11.77 ? 137 ALA A CB  1 
ATOM   510  N  N   . ALA A 1 138 ? -4.910  8.052   12.674  1.00 10.42 ? 138 ALA A N   1 
ATOM   511  C  CA  . ALA A 1 138 ? -5.465  9.393   12.664  1.00 10.77 ? 138 ALA A CA  1 
ATOM   512  C  C   . ALA A 1 138 ? -6.319  9.614   13.912  1.00 10.66 ? 138 ALA A C   1 
ATOM   513  O  O   . ALA A 1 138 ? -6.751  8.657   14.545  1.00 10.77 ? 138 ALA A O   1 
ATOM   514  C  CB  . ALA A 1 138 ? -6.285  9.604   11.383  1.00 10.70 ? 138 ALA A CB  1 
ATOM   515  N  N   . PRO A 1 139 ? -6.545  10.873  14.292  1.00 11.01 ? 139 PRO A N   1 
ATOM   516  C  CA  . PRO A 1 139 ? -7.439  11.131  15.423  1.00 11.20 ? 139 PRO A CA  1 
ATOM   517  C  C   . PRO A 1 139 ? -8.808  10.495  15.214  1.00 11.17 ? 139 PRO A C   1 
ATOM   518  O  O   . PRO A 1 139 ? -9.291  10.403  14.080  1.00 10.58 ? 139 PRO A O   1 
ATOM   519  C  CB  . PRO A 1 139 ? -7.542  12.661  15.442  1.00 11.89 ? 139 PRO A CB  1 
ATOM   520  C  CG  . PRO A 1 139 ? -6.251  13.124  14.804  1.00 12.23 ? 139 PRO A CG  1 
ATOM   521  C  CD  . PRO A 1 139 ? -5.961  12.110  13.742  1.00 11.49 ? 139 PRO A CD  1 
ATOM   522  N  N   . ALA A 1 140 ? -9.436  10.055  16.301  1.00 11.20 ? 140 ALA A N   1 
ATOM   523  C  CA  . ALA A 1 140 ? -10.731 9.378   16.209  1.00 11.25 ? 140 ALA A CA  1 
ATOM   524  C  C   . ALA A 1 140 ? -11.792 10.218  15.505  1.00 11.17 ? 140 ALA A C   1 
ATOM   525  O  O   . ALA A 1 140 ? -12.614 9.683   14.768  1.00 11.12 ? 140 ALA A O   1 
ATOM   526  C  CB  . ALA A 1 140 ? -11.220 8.969   17.606  1.00 11.88 ? 140 ALA A CB  1 
ATOM   527  N  N   . GLU A 1 141 ? -11.759 11.530  15.736  1.00 12.17 ? 141 GLU A N   1 
ATOM   528  C  CA  . GLU A 1 141 ? -12.691 12.469  15.122  1.00 12.90 ? 141 GLU A CA  1 
ATOM   529  C  C   . GLU A 1 141 ? -12.535 12.487  13.595  1.00 11.27 ? 141 GLU A C   1 
ATOM   530  O  O   . GLU A 1 141 ? -13.506 12.666  12.853  1.00 11.53 ? 141 GLU A O   1 
ATOM   531  C  CB  . GLU A 1 141 ? -12.501 13.881  15.715  1.00 14.74 ? 141 GLU A CB  1 
ATOM   532  C  CG  . GLU A 1 141 ? -11.027 14.295  16.026  1.00 21.71 ? 141 GLU A CG  1 
ATOM   533  C  CD  . GLU A 1 141 ? -10.303 15.011  14.869  1.00 28.71 ? 141 GLU A CD  1 
ATOM   534  O  OE1 . GLU A 1 141 ? -10.779 14.937  13.713  1.00 32.49 ? 141 GLU A OE1 1 
ATOM   535  O  OE2 . GLU A 1 141 ? -9.250  15.655  15.112  1.00 30.84 ? 141 GLU A OE2 1 
ATOM   536  N  N   . VAL A 1 142 ? -11.296 12.302  13.136  1.00 10.35 ? 142 VAL A N   1 
ATOM   537  C  CA  . VAL A 1 142 ? -11.007 12.239  11.698  1.00 9.70  ? 142 VAL A CA  1 
ATOM   538  C  C   . VAL A 1 142 ? -11.485 10.899  11.123  1.00 9.69  ? 142 VAL A C   1 
ATOM   539  O  O   . VAL A 1 142 ? -12.132 10.856  10.074  1.00 9.72  ? 142 VAL A O   1 
ATOM   540  C  CB  . VAL A 1 142 ? -9.492  12.464  11.416  1.00 9.30  ? 142 VAL A CB  1 
ATOM   541  C  CG1 . VAL A 1 142 ? -9.163  12.230  9.943   1.00 10.11 ? 142 VAL A CG1 1 
ATOM   542  C  CG2 . VAL A 1 142 ? -9.067  13.872  11.812  1.00 10.08 ? 142 VAL A CG2 1 
ATOM   543  N  N   . ARG A 1 143 ? -11.208 9.815   11.842  1.00 9.20  ? 143 ARG A N   1 
ATOM   544  C  CA  . ARG A 1 143 ? -11.695 8.496   11.443  1.00 9.39  ? 143 ARG A CA  1 
ATOM   545  C  C   . ARG A 1 143 ? -13.225 8.394   11.487  1.00 9.51  ? 143 ARG A C   1 
ATOM   546  O  O   . ARG A 1 143 ? -13.810 7.610   10.752  1.00 9.81  ? 143 ARG A O   1 
ATOM   547  C  CB  . ARG A 1 143 ? -11.019 7.398   12.268  1.00 9.01  ? 143 ARG A CB  1 
ATOM   548  C  CG  . ARG A 1 143 ? -9.580  7.170   11.799  1.00 10.71 ? 143 ARG A CG  1 
ATOM   549  C  CD  . ARG A 1 143 ? -8.865  6.074   12.596  1.00 11.27 ? 143 ARG A CD  1 
ATOM   550  N  NE  . ARG A 1 143 ? -8.508  6.531   13.937  1.00 11.68 ? 143 ARG A NE  1 
ATOM   551  C  CZ  . ARG A 1 143 ? -9.050  6.090   15.078  1.00 13.11 ? 143 ARG A CZ  1 
ATOM   552  N  NH1 . ARG A 1 143 ? -9.988  5.139   15.087  1.00 14.08 ? 143 ARG A NH1 1 
ATOM   553  N  NH2 . ARG A 1 143 ? -8.627  6.598   16.222  1.00 15.08 ? 143 ARG A NH2 1 
ATOM   554  N  N   . GLU A 1 144 ? -13.887 9.227   12.285  1.00 9.55  ? 144 GLU A N   1 
ATOM   555  C  CA  . GLU A 1 144 ? -15.342 9.264   12.239  1.00 10.26 ? 144 GLU A CA  1 
ATOM   556  C  C   . GLU A 1 144 ? -15.828 9.672   10.839  1.00 10.20 ? 144 GLU A C   1 
ATOM   557  O  O   . GLU A 1 144 ? -16.801 9.114   10.329  1.00 10.68 ? 144 GLU A O   1 
ATOM   558  C  CB  . GLU A 1 144 ? -15.904 10.198  13.310  1.00 10.79 ? 144 GLU A CB  1 
ATOM   559  C  CG  . GLU A 1 144 ? -17.409 10.111  13.411  1.00 12.66 ? 144 GLU A CG  1 
ATOM   560  C  CD  . GLU A 1 144 ? -17.966 10.822  14.620  1.00 16.41 ? 144 GLU A CD  1 
ATOM   561  O  OE1 . GLU A 1 144 ? -17.216 11.559  15.303  1.00 18.75 ? 144 GLU A OE1 1 
ATOM   562  O  OE2 . GLU A 1 144 ? -19.181 10.643  14.873  1.00 19.14 ? 144 GLU A OE2 1 
ATOM   563  N  N   . LYS A 1 145 ? -15.129 10.621  10.208  1.00 9.52  ? 145 LYS A N   1 
ATOM   564  C  CA  A LYS A 1 145 ? -15.471 11.064  8.854   0.50 9.62  ? 145 LYS A CA  1 
ATOM   565  C  CA  B LYS A 1 145 ? -15.481 11.058  8.857   0.50 9.67  ? 145 LYS A CA  1 
ATOM   566  C  C   . LYS A 1 145 ? -14.952 10.076  7.802   1.00 9.10  ? 145 LYS A C   1 
ATOM   567  O  O   . LYS A 1 145 ? -15.604 9.847   6.768   1.00 9.69  ? 145 LYS A O   1 
ATOM   568  C  CB  A LYS A 1 145 ? -14.913 12.470  8.589   0.50 10.15 ? 145 LYS A CB  1 
ATOM   569  C  CB  B LYS A 1 145 ? -14.964 12.479  8.594   0.50 10.25 ? 145 LYS A CB  1 
ATOM   570  C  CG  A LYS A 1 145 ? -15.312 13.048  7.229   0.50 10.99 ? 145 LYS A CG  1 
ATOM   571  C  CG  B LYS A 1 145 ? -15.392 13.043  7.240   0.50 11.30 ? 145 LYS A CG  1 
ATOM   572  C  CD  A LYS A 1 145 ? -14.971 14.527  7.126   0.50 13.22 ? 145 LYS A CD  1 
ATOM   573  C  CD  B LYS A 1 145 ? -14.982 14.494  7.062   0.50 13.84 ? 145 LYS A CD  1 
ATOM   574  C  CE  A LYS A 1 145 ? -15.527 15.134  5.838   0.50 15.29 ? 145 LYS A CE  1 
ATOM   575  C  CE  B LYS A 1 145 ? -15.345 14.964  5.660   0.50 15.83 ? 145 LYS A CE  1 
ATOM   576  N  NZ  A LYS A 1 145 ? -15.315 16.610  5.819   0.50 16.81 ? 145 LYS A NZ  1 
ATOM   577  N  NZ  B LYS A 1 145 ? -16.697 14.472  5.294   0.50 18.60 ? 145 LYS A NZ  1 
ATOM   578  N  N   . TYR A 1 146 ? -13.776 9.503   8.069   1.00 8.86  ? 146 TYR A N   1 
ATOM   579  C  CA  . TYR A 1 146 ? -13.108 8.566   7.137   1.00 8.69  ? 146 TYR A CA  1 
ATOM   580  C  C   . TYR A 1 146 ? -12.838 7.248   7.856   1.00 8.91  ? 146 TYR A C   1 
ATOM   581  O  O   . TYR A 1 146 ? -11.710 6.963   8.229   1.00 8.39  ? 146 TYR A O   1 
ATOM   582  C  CB  . TYR A 1 146 ? -11.784 9.170   6.635   1.00 8.51  ? 146 TYR A CB  1 
ATOM   583  C  CG  . TYR A 1 146 ? -11.918 10.590  6.122   1.00 7.81  ? 146 TYR A CG  1 
ATOM   584  C  CD1 . TYR A 1 146 ? -12.609 10.871  4.934   1.00 8.49  ? 146 TYR A CD1 1 
ATOM   585  C  CD2 . TYR A 1 146 ? -11.389 11.660  6.848   1.00 8.62  ? 146 TYR A CD2 1 
ATOM   586  C  CE1 . TYR A 1 146 ? -12.726 12.195  4.461   1.00 10.17 ? 146 TYR A CE1 1 
ATOM   587  C  CE2 . TYR A 1 146 ? -11.503 12.971  6.386   1.00 9.75  ? 146 TYR A CE2 1 
ATOM   588  C  CZ  . TYR A 1 146 ? -12.168 13.227  5.200   1.00 10.26 ? 146 TYR A CZ  1 
ATOM   589  O  OH  . TYR A 1 146 ? -12.263 14.541  4.770   1.00 12.93 ? 146 TYR A OH  1 
ATOM   590  N  N   . PRO A 1 147 ? -13.885 6.428   8.058   1.00 9.24  ? 147 PRO A N   1 
ATOM   591  C  CA  . PRO A 1 147 ? -13.696 5.292   8.967   1.00 9.72  ? 147 PRO A CA  1 
ATOM   592  C  C   . PRO A 1 147 ? -12.730 4.227   8.436   1.00 9.46  ? 147 PRO A C   1 
ATOM   593  O  O   . PRO A 1 147 ? -12.137 3.490   9.230   1.00 11.31 ? 147 PRO A O   1 
ATOM   594  C  CB  . PRO A 1 147 ? -15.113 4.731   9.152   1.00 10.64 ? 147 PRO A CB  1 
ATOM   595  C  CG  . PRO A 1 147 ? -15.955 5.424   8.207   1.00 12.20 ? 147 PRO A CG  1 
ATOM   596  C  CD  . PRO A 1 147 ? -15.300 6.666   7.738   1.00 9.82  ? 147 PRO A CD  1 
ATOM   597  N  N   . TRP A 1 148 ? -12.564 4.195   7.116   1.00 8.91  ? 148 TRP A N   1 
ATOM   598  C  CA  . TRP A 1 148 ? -11.635 3.304   6.424   1.00 8.57  ? 148 TRP A CA  1 
ATOM   599  C  C   . TRP A 1 148 ? -10.167 3.738   6.539   1.00 8.37  ? 148 TRP A C   1 
ATOM   600  O  O   . TRP A 1 148 ? -9.268  3.009   6.090   1.00 8.16  ? 148 TRP A O   1 
ATOM   601  C  CB  . TRP A 1 148 ? -12.025 3.234   4.946   1.00 9.06  ? 148 TRP A CB  1 
ATOM   602  C  CG  . TRP A 1 148 ? -12.406 4.581   4.387   1.00 8.99  ? 148 TRP A CG  1 
ATOM   603  C  CD1 . TRP A 1 148 ? -13.675 5.096   4.278   1.00 8.97  ? 148 TRP A CD1 1 
ATOM   604  C  CD2 . TRP A 1 148 ? -11.520 5.608   3.896   1.00 8.62  ? 148 TRP A CD2 1 
ATOM   605  N  NE1 . TRP A 1 148 ? -13.635 6.353   3.720   1.00 9.14  ? 148 TRP A NE1 1 
ATOM   606  C  CE2 . TRP A 1 148 ? -12.327 6.690   3.471   1.00 7.61  ? 148 TRP A CE2 1 
ATOM   607  C  CE3 . TRP A 1 148 ? -10.128 5.700   3.738   1.00 9.16  ? 148 TRP A CE3 1 
ATOM   608  C  CZ2 . TRP A 1 148 ? -11.785 7.868   2.931   1.00 8.50  ? 148 TRP A CZ2 1 
ATOM   609  C  CZ3 . TRP A 1 148 ? -9.587  6.859   3.198   1.00 8.56  ? 148 TRP A CZ3 1 
ATOM   610  C  CH2 . TRP A 1 148 ? -10.416 7.929   2.790   1.00 8.22  ? 148 TRP A CH2 1 
ATOM   611  N  N   . LEU A 1 149 ? -9.920  4.900   7.153   1.00 7.79  ? 149 LEU A N   1 
ATOM   612  C  CA  . LEU A 1 149 ? -8.567  5.452   7.258   1.00 7.81  ? 149 LEU A CA  1 
ATOM   613  C  C   . LEU A 1 149 ? -7.866  4.866   8.485   1.00 8.12  ? 149 LEU A C   1 
ATOM   614  O  O   . LEU A 1 149 ? -7.738  5.521   9.525   1.00 8.37  ? 149 LEU A O   1 
ATOM   615  C  CB  . LEU A 1 149 ? -8.645  6.976   7.342   1.00 8.06  ? 149 LEU A CB  1 
ATOM   616  C  CG  . LEU A 1 149 ? -7.307  7.702   7.197   1.00 8.77  ? 149 LEU A CG  1 
ATOM   617  C  CD1 . LEU A 1 149 ? -6.855  7.654   5.729   1.00 8.72  ? 149 LEU A CD1 1 
ATOM   618  C  CD2 . LEU A 1 149 ? -7.409  9.153   7.694   1.00 9.90  ? 149 LEU A CD2 1 
ATOM   619  N  N   . VAL A 1 150 ? -7.427  3.611   8.355   1.00 7.91  ? 150 VAL A N   1 
ATOM   620  C  CA  . VAL A 1 150 ? -6.767  2.890   9.456   1.00 8.51  ? 150 VAL A CA  1 
ATOM   621  C  C   . VAL A 1 150 ? -5.449  2.306   8.944   1.00 8.02  ? 150 VAL A C   1 
ATOM   622  O  O   . VAL A 1 150 ? -5.343  1.947   7.764   1.00 8.66  ? 150 VAL A O   1 
ATOM   623  C  CB  . VAL A 1 150 ? -7.638  1.752   10.077  1.00 8.53  ? 150 VAL A CB  1 
ATOM   624  C  CG1 . VAL A 1 150 ? -8.923  2.319   10.663  1.00 9.80  ? 150 VAL A CG1 1 
ATOM   625  C  CG2 . VAL A 1 150 ? -7.973  0.659   9.059   1.00 10.44 ? 150 VAL A CG2 1 
ATOM   626  N  N   . PRO A 1 151 ? -4.436  2.221   9.817   1.00 8.34  ? 151 PRO A N   1 
ATOM   627  C  CA  . PRO A 1 151 ? -3.122  1.760   9.376   1.00 8.54  ? 151 PRO A CA  1 
ATOM   628  C  C   . PRO A 1 151 ? -3.011  0.242   9.313   1.00 8.53  ? 151 PRO A C   1 
ATOM   629  O  O   . PRO A 1 151 ? -3.511  -0.460  10.197  1.00 9.73  ? 151 PRO A O   1 
ATOM   630  C  CB  . PRO A 1 151 ? -2.179  2.349   10.434  1.00 8.30  ? 151 PRO A CB  1 
ATOM   631  C  CG  . PRO A 1 151 ? -3.020  2.399   11.663  1.00 8.58  ? 151 PRO A CG  1 
ATOM   632  C  CD  . PRO A 1 151 ? -4.399  2.750   11.195  1.00 9.05  ? 151 PRO A CD  1 
ATOM   633  N  N   . VAL A 1 152 ? -2.360  -0.260  8.270   1.00 8.67  ? 152 VAL A N   1 
ATOM   634  C  CA  . VAL A 1 152 ? -2.195  -1.702  8.096   1.00 8.70  ? 152 VAL A CA  1 
ATOM   635  C  C   . VAL A 1 152 ? -1.282  -2.290  9.182   1.00 9.40  ? 152 VAL A C   1 
ATOM   636  O  O   . VAL A 1 152 ? -1.444  -3.455  9.550   1.00 10.24 ? 152 VAL A O   1 
ATOM   637  C  CB  . VAL A 1 152 ? -1.720  -2.033  6.673   1.00 8.55  ? 152 VAL A CB  1 
ATOM   638  C  CG1 . VAL A 1 152 ? -0.280  -1.579  6.439   1.00 9.02  ? 152 VAL A CG1 1 
ATOM   639  C  CG2 . VAL A 1 152 ? -1.861  -3.536  6.368   1.00 8.74  ? 152 VAL A CG2 1 
ATOM   640  N  N   . HIS A 1 153 ? -0.348  -1.488  9.700   1.00 10.14 ? 153 HIS A N   1 
ATOM   641  C  CA  . HIS A 1 153 ? 0.367   -1.814  10.944  1.00 10.76 ? 153 HIS A CA  1 
ATOM   642  C  C   . HIS A 1 153 ? -0.361  -1.128  12.086  1.00 11.52 ? 153 HIS A C   1 
ATOM   643  O  O   . HIS A 1 153 ? -0.455  0.103   12.105  1.00 12.27 ? 153 HIS A O   1 
ATOM   644  C  CB  . HIS A 1 153 ? 1.818   -1.310  10.910  1.00 10.50 ? 153 HIS A CB  1 
ATOM   645  C  CG  . HIS A 1 153 ? 2.626   -1.853  9.777   1.00 11.11 ? 153 HIS A CG  1 
ATOM   646  N  ND1 . HIS A 1 153 ? 3.074   -3.158  9.728   1.00 14.34 ? 153 HIS A ND1 1 
ATOM   647  C  CD2 . HIS A 1 153 ? 3.073   -1.259  8.646   1.00 11.35 ? 153 HIS A CD2 1 
ATOM   648  C  CE1 . HIS A 1 153 ? 3.761   -3.342  8.611   1.00 13.59 ? 153 HIS A CE1 1 
ATOM   649  N  NE2 . HIS A 1 153 ? 3.773   -2.206  7.934   1.00 12.20 ? 153 HIS A NE2 1 
ATOM   650  N  N   . ALA A 1 154 ? -0.870  -1.901  13.036  1.00 11.89 ? 154 ALA A N   1 
ATOM   651  C  CA  . ALA A 1 154 ? -1.634  -1.319  14.130  1.00 12.56 ? 154 ALA A CA  1 
ATOM   652  C  C   . ALA A 1 154 ? -0.843  -0.232  14.851  1.00 13.28 ? 154 ALA A C   1 
ATOM   653  O  O   . ALA A 1 154 ? 0.371   -0.357  15.066  1.00 13.98 ? 154 ALA A O   1 
ATOM   654  C  CB  . ALA A 1 154 ? -2.056  -2.405  15.119  1.00 12.67 ? 154 ALA A CB  1 
ATOM   655  N  N   . ASP A 1 155 ? -1.538  0.837   15.212  1.00 13.82 ? 155 ASP A N   1 
ATOM   656  C  CA  . ASP A 1 155 ? -0.958  1.903   16.022  1.00 15.17 ? 155 ASP A CA  1 
ATOM   657  C  C   . ASP A 1 155 ? -1.813  1.929   17.278  1.00 15.77 ? 155 ASP A C   1 
ATOM   658  O  O   . ASP A 1 155 ? -2.961  2.362   17.248  1.00 16.06 ? 155 ASP A O   1 
ATOM   659  C  CB  . ASP A 1 155 ? -0.989  3.235   15.254  1.00 14.89 ? 155 ASP A CB  1 
ATOM   660  C  CG  . ASP A 1 155 ? -0.384  4.398   16.040  1.00 16.99 ? 155 ASP A CG  1 
ATOM   661  O  OD1 . ASP A 1 155 ? 0.167   4.180   17.147  1.00 21.18 ? 155 ASP A OD1 1 
ATOM   662  O  OD2 . ASP A 1 155 ? -0.452  5.544   15.548  1.00 17.53 ? 155 ASP A OD2 1 
ATOM   663  N  N   . GLY A 1 156 ? -1.262  1.403   18.373  1.00 17.09 ? 156 GLY A N   1 
ATOM   664  C  CA  . GLY A 1 156 ? -2.079  1.097   19.556  1.00 18.55 ? 156 GLY A CA  1 
ATOM   665  C  C   . GLY A 1 156 ? -3.122  0.059   19.173  1.00 18.77 ? 156 GLY A C   1 
ATOM   666  O  O   . GLY A 1 156 ? -2.790  -0.967  18.570  1.00 19.73 ? 156 GLY A O   1 
ATOM   667  N  N   . VAL A 1 157 ? -4.384  0.341   19.477  1.00 19.30 ? 157 VAL A N   1 
ATOM   668  C  CA  . VAL A 1 157 ? -5.469  -0.585  19.150  1.00 19.38 ? 157 VAL A CA  1 
ATOM   669  C  C   . VAL A 1 157 ? -6.258  -0.174  17.899  1.00 18.48 ? 157 VAL A C   1 
ATOM   670  O  O   . VAL A 1 157 ? -7.377  -0.641  17.681  1.00 19.95 ? 157 VAL A O   1 
ATOM   671  C  CB  . VAL A 1 157 ? -6.437  -0.771  20.345  1.00 19.60 ? 157 VAL A CB  1 
ATOM   672  C  CG1 . VAL A 1 157 ? -5.688  -1.372  21.547  1.00 21.67 ? 157 VAL A CG1 1 
ATOM   673  C  CG2 . VAL A 1 157 ? -7.108  0.547   20.720  1.00 20.76 ? 157 VAL A CG2 1 
ATOM   674  N  N   . VAL A 1 158 ? -5.673  0.696   17.083  1.00 16.42 ? 158 VAL A N   1 
ATOM   675  C  CA  . VAL A 1 158 ? -6.313  1.129   15.843  1.00 14.55 ? 158 VAL A CA  1 
ATOM   676  C  C   . VAL A 1 158 ? -5.589  0.485   14.674  1.00 13.86 ? 158 VAL A C   1 
ATOM   677  O  O   . VAL A 1 158 ? -4.373  0.559   14.590  1.00 13.88 ? 158 VAL A O   1 
ATOM   678  C  CB  . VAL A 1 158 ? -6.249  2.672   15.696  1.00 13.87 ? 158 VAL A CB  1 
ATOM   679  C  CG1 . VAL A 1 158 ? -6.844  3.135   14.359  1.00 13.64 ? 158 VAL A CG1 1 
ATOM   680  C  CG2 . VAL A 1 158 ? -6.965  3.360   16.875  1.00 14.64 ? 158 VAL A CG2 1 
ATOM   681  N  N   . GLY A 1 159 ? -6.340  -0.143  13.774  1.00 12.95 ? 159 GLY A N   1 
ATOM   682  C  CA  . GLY A 1 159 ? -5.755  -0.717  12.579  1.00 12.30 ? 159 GLY A CA  1 
ATOM   683  C  C   . GLY A 1 159 ? -5.280  -2.146  12.749  1.00 11.85 ? 159 GLY A C   1 
ATOM   684  O  O   . GLY A 1 159 ? -5.840  -2.917  13.547  1.00 12.90 ? 159 GLY A O   1 
ATOM   685  N  N   . GLY A 1 160 ? -4.241  -2.482  12.001  1.00 10.73 ? 160 GLY A N   1 
ATOM   686  C  CA  . GLY A 1 160 ? -3.806  -3.865  11.841  1.00 10.46 ? 160 GLY A CA  1 
ATOM   687  C  C   . GLY A 1 160 ? -4.391  -4.441  10.563  1.00 10.87 ? 160 GLY A C   1 
ATOM   688  O  O   . GLY A 1 160 ? -5.338  -3.892  9.982   1.00 9.97  ? 160 GLY A O   1 
ATOM   689  N  N   . LYS A 1 161 ? -3.836  -5.566  10.127  1.00 10.38 ? 161 LYS A N   1 
ATOM   690  C  CA  . LYS A 1 161 ? -4.155  -6.144  8.832   1.00 11.26 ? 161 LYS A CA  1 
ATOM   691  C  C   . LYS A 1 161 ? -5.639  -6.473  8.687   1.00 10.36 ? 161 LYS A C   1 
ATOM   692  O  O   . LYS A 1 161 ? -6.223  -6.251  7.629   1.00 10.13 ? 161 LYS A O   1 
ATOM   693  C  CB  . LYS A 1 161 ? -3.311  -7.402  8.576   1.00 12.16 ? 161 LYS A CB  1 
ATOM   694  C  CG  . LYS A 1 161 ? -3.400  -7.968  7.176   1.00 16.59 ? 161 LYS A CG  1 
ATOM   695  C  CD  . LYS A 1 161 ? -2.559  -9.256  7.037   1.00 21.61 ? 161 LYS A CD  1 
ATOM   696  C  CE  . LYS A 1 161 ? -1.058  -8.993  7.149   1.00 26.45 ? 161 LYS A CE  1 
ATOM   697  N  NZ  . LYS A 1 161 ? -0.566  -9.014  8.560   1.00 30.24 ? 161 LYS A NZ  1 
ATOM   698  N  N   . LYS A 1 162 ? -6.232  -7.027  9.737   1.00 9.64  ? 162 LYS A N   1 
ATOM   699  C  CA  . LYS A 1 162 ? -7.620  -7.497  9.643   1.00 9.62  ? 162 LYS A CA  1 
ATOM   700  C  C   . LYS A 1 162 ? -8.598  -6.334  9.526   1.00 9.19  ? 162 LYS A C   1 
ATOM   701  O  O   . LYS A 1 162 ? -9.474  -6.356  8.657   1.00 9.25  ? 162 LYS A O   1 
ATOM   702  C  CB  . LYS A 1 162 ? -7.946  -8.411  10.828  1.00 10.26 ? 162 LYS A CB  1 
ATOM   703  C  CG  . LYS A 1 162 ? -7.092  -9.671  10.820  1.00 10.96 ? 162 LYS A CG  1 
ATOM   704  C  CD  . LYS A 1 162 ? -7.452  -10.553 11.984  1.00 14.67 ? 162 LYS A CD  1 
ATOM   705  C  CE  . LYS A 1 162 ? -6.513  -11.737 12.045  1.00 18.85 ? 162 LYS A CE  1 
ATOM   706  N  NZ  . LYS A 1 162 ? -7.138  -12.829 12.836  1.00 22.96 ? 162 LYS A NZ  1 
ATOM   707  N  N   . GLU A 1 163 ? -8.424  -5.309  10.363  1.00 9.04  ? 163 GLU A N   1 
ATOM   708  C  CA  . GLU A 1 163 ? -9.303  -4.142  10.299  1.00 9.51  ? 163 GLU A CA  1 
ATOM   709  C  C   . GLU A 1 163 ? -9.080  -3.357  8.998   1.00 8.96  ? 163 GLU A C   1 
ATOM   710  O  O   . GLU A 1 163 ? -10.030 -2.888  8.368   1.00 8.98  ? 163 GLU A O   1 
ATOM   711  C  CB  . GLU A 1 163 ? -9.098  -3.229  11.509  1.00 10.45 ? 163 GLU A CB  1 
ATOM   712  C  CG  . GLU A 1 163 ? -10.158 -2.131  11.501  1.00 13.31 ? 163 GLU A CG  1 
ATOM   713  C  CD  . GLU A 1 163 ? -10.058 -1.084  12.581  1.00 21.75 ? 163 GLU A CD  1 
ATOM   714  O  OE1 . GLU A 1 163 ? -9.046  -1.003  13.293  1.00 25.77 ? 163 GLU A OE1 1 
ATOM   715  O  OE2 . GLU A 1 163 ? -11.036 -0.301  12.690  1.00 25.90 ? 163 GLU A OE2 1 
ATOM   716  N  N   . PHE A 1 164 ? -7.822  -3.242  8.589   1.00 8.34  ? 164 PHE A N   1 
ATOM   717  C  CA  . PHE A 1 164 ? -7.505  -2.601  7.322   1.00 8.12  ? 164 PHE A CA  1 
ATOM   718  C  C   . PHE A 1 164 ? -8.216  -3.324  6.169   1.00 7.95  ? 164 PHE A C   1 
ATOM   719  O  O   . PHE A 1 164 ? -8.804  -2.685  5.293   1.00 7.71  ? 164 PHE A O   1 
ATOM   720  C  CB  . PHE A 1 164 ? -5.982  -2.596  7.146   1.00 8.01  ? 164 PHE A CB  1 
ATOM   721  C  CG  . PHE A 1 164 ? -5.513  -2.111  5.803   1.00 7.83  ? 164 PHE A CG  1 
ATOM   722  C  CD1 . PHE A 1 164 ? -5.392  -2.998  4.727   1.00 7.97  ? 164 PHE A CD1 1 
ATOM   723  C  CD2 . PHE A 1 164 ? -5.134  -0.782  5.625   1.00 8.76  ? 164 PHE A CD2 1 
ATOM   724  C  CE1 . PHE A 1 164 ? -4.936  -2.561  3.471   1.00 9.44  ? 164 PHE A CE1 1 
ATOM   725  C  CE2 . PHE A 1 164 ? -4.675  -0.325  4.384   1.00 8.40  ? 164 PHE A CE2 1 
ATOM   726  C  CZ  . PHE A 1 164 ? -4.565  -1.216  3.299   1.00 8.82  ? 164 PHE A CZ  1 
ATOM   727  N  N   . THR A 1 165 ? -8.186  -4.657  6.177   1.00 7.67  ? 165 THR A N   1 
ATOM   728  C  CA  . THR A 1 165 ? -8.829  -5.430  5.115   1.00 8.26  ? 165 THR A CA  1 
ATOM   729  C  C   . THR A 1 165 ? -10.352 -5.249  5.134   1.00 7.86  ? 165 THR A C   1 
ATOM   730  O  O   . THR A 1 165 ? -10.966 -5.030  4.088   1.00 7.81  ? 165 THR A O   1 
ATOM   731  C  CB  . THR A 1 165 ? -8.480  -6.922  5.241   1.00 8.09  ? 165 THR A CB  1 
ATOM   732  O  OG1 . THR A 1 165 ? -7.058  -7.072  5.133   1.00 9.30  ? 165 THR A OG1 1 
ATOM   733  C  CG2 . THR A 1 165 ? -9.145  -7.740  4.142   1.00 9.04  ? 165 THR A CG2 1 
ATOM   734  N  N   . LEU A 1 166 ? -10.946 -5.334  6.324   1.00 7.83  ? 166 LEU A N   1 
ATOM   735  C  CA  . LEU A 1 166 ? -12.381 -5.118  6.494   1.00 8.48  ? 166 LEU A CA  1 
ATOM   736  C  C   . LEU A 1 166 ? -12.846 -3.833  5.814   1.00 8.67  ? 166 LEU A C   1 
ATOM   737  O  O   . LEU A 1 166 ? -13.850 -3.820  5.087   1.00 9.24  ? 166 LEU A O   1 
ATOM   738  C  CB  . LEU A 1 166 ? -12.705 -5.047  7.998   1.00 9.02  ? 166 LEU A CB  1 
ATOM   739  C  CG  . LEU A 1 166 ? -14.067 -4.463  8.407   1.00 9.99  ? 166 LEU A CG  1 
ATOM   740  C  CD1 . LEU A 1 166 ? -15.157 -5.436  8.043   1.00 12.21 ? 166 LEU A CD1 1 
ATOM   741  C  CD2 . LEU A 1 166 ? -14.088 -4.164  9.908   1.00 12.04 ? 166 LEU A CD2 1 
ATOM   742  N  N   . LEU A 1 167 ? -12.094 -2.755  6.045   1.00 8.40  ? 167 LEU A N   1 
ATOM   743  C  CA  . LEU A 1 167 ? -12.534 -1.427  5.613   1.00 8.56  ? 167 LEU A CA  1 
ATOM   744  C  C   . LEU A 1 167 ? -12.005 -1.003  4.255   1.00 8.94  ? 167 LEU A C   1 
ATOM   745  O  O   . LEU A 1 167 ? -12.404 0.044   3.736   1.00 8.78  ? 167 LEU A O   1 
ATOM   746  C  CB  . LEU A 1 167 ? -12.182 -0.386  6.675   1.00 9.29  ? 167 LEU A CB  1 
ATOM   747  C  CG  . LEU A 1 167 ? -12.839 -0.659  8.028   1.00 10.10 ? 167 LEU A CG  1 
ATOM   748  C  CD1 . LEU A 1 167 ? -12.180 0.133   9.155   1.00 11.39 ? 167 LEU A CD1 1 
ATOM   749  C  CD2 . LEU A 1 167 ? -14.322 -0.308  7.946   1.00 12.72 ? 167 LEU A CD2 1 
ATOM   750  N  N   . ASN A 1 168 ? -11.139 -1.825  3.668   1.00 8.07  ? 168 ASN A N   1 
ATOM   751  C  CA  . ASN A 1 168 ? -10.558 -1.528  2.354   1.00 8.09  ? 168 ASN A CA  1 
ATOM   752  C  C   . ASN A 1 168 ? -10.703 -2.756  1.444   1.00 8.64  ? 168 ASN A C   1 
ATOM   753  O  O   . ASN A 1 168 ? -11.837 -3.138  1.131   1.00 9.11  ? 168 ASN A O   1 
ATOM   754  C  CB  . ASN A 1 168 ? -9.138  -0.979  2.526   1.00 8.77  ? 168 ASN A CB  1 
ATOM   755  C  CG  . ASN A 1 168 ? -9.129  0.316   3.338   1.00 8.21  ? 168 ASN A CG  1 
ATOM   756  O  OD1 . ASN A 1 168 ? -9.376  1.392   2.800   1.00 9.88  ? 168 ASN A OD1 1 
ATOM   757  N  ND2 . ASN A 1 168 ? -8.892  0.215   4.630   1.00 7.89  ? 168 ASN A ND2 1 
ATOM   758  N  N   . LYS A 1 169 ? -9.598  -3.376  1.036   1.00 9.09  ? 169 LYS A N   1 
ATOM   759  C  CA  . LYS A 1 169 ? -9.625  -4.711  0.402   1.00 9.15  ? 169 LYS A CA  1 
ATOM   760  C  C   . LYS A 1 169 ? -8.474  -5.491  1.013   1.00 9.32  ? 169 LYS A C   1 
ATOM   761  O  O   . LYS A 1 169 ? -7.696  -4.929  1.782   1.00 9.41  ? 169 LYS A O   1 
ATOM   762  C  CB  . LYS A 1 169 ? -9.424  -4.648  -1.122  1.00 9.60  ? 169 LYS A CB  1 
ATOM   763  C  CG  . LYS A 1 169 ? -10.365 -3.732  -1.877  1.00 10.77 ? 169 LYS A CG  1 
ATOM   764  C  CD  . LYS A 1 169 ? -10.078 -3.776  -3.366  1.00 11.92 ? 169 LYS A CD  1 
ATOM   765  C  CE  . LYS A 1 169 ? -10.867 -2.701  -4.077  1.00 12.33 ? 169 LYS A CE  1 
ATOM   766  N  NZ  . LYS A 1 169 ? -10.674 -2.761  -5.558  1.00 13.16 ? 169 LYS A NZ  1 
ATOM   767  N  N   . SER A 1 170 ? -8.333  -6.773  0.664   1.00 9.91  ? 170 SER A N   1 
ATOM   768  C  CA  . SER A 1 170 ? -7.129  -7.492  1.071   1.00 10.05 ? 170 SER A CA  1 
ATOM   769  C  C   . SER A 1 170 ? -5.896  -6.858  0.422   1.00 9.91  ? 170 SER A C   1 
ATOM   770  O  O   . SER A 1 170 ? -5.992  -6.198  -0.619  1.00 9.72  ? 170 SER A O   1 
ATOM   771  C  CB  . SER A 1 170 ? -7.233  -8.969  0.710   1.00 10.19 ? 170 SER A CB  1 
ATOM   772  O  OG  . SER A 1 170 ? -7.024  -9.167  -0.679  1.00 12.72 ? 170 SER A OG  1 
ATOM   773  N  N   . GLU A 1 171 ? -4.745  -7.070  1.042   1.00 10.55 ? 171 GLU A N   1 
ATOM   774  C  CA  . GLU A 1 171 ? -3.504  -6.518  0.502   1.00 10.75 ? 171 GLU A CA  1 
ATOM   775  C  C   . GLU A 1 171 ? -3.225  -6.978  -0.933  1.00 10.77 ? 171 GLU A C   1 
ATOM   776  O  O   . GLU A 1 171 ? -2.835  -6.157  -1.766  1.00 10.46 ? 171 GLU A O   1 
ATOM   777  C  CB  . GLU A 1 171 ? -2.318  -6.837  1.406   1.00 11.34 ? 171 GLU A CB  1 
ATOM   778  C  CG  . GLU A 1 171 ? -2.358  -6.158  2.784   1.00 13.37 ? 171 GLU A CG  1 
ATOM   779  C  CD  . GLU A 1 171 ? -1.367  -6.797  3.734   1.00 19.15 ? 171 GLU A CD  1 
ATOM   780  O  OE1 . GLU A 1 171 ? -0.354  -6.161  4.078   1.00 20.50 ? 171 GLU A OE1 1 
ATOM   781  O  OE2 . GLU A 1 171 ? -1.574  -7.973  4.096   1.00 22.22 ? 171 GLU A OE2 1 
ATOM   782  N  N   . MET A 1 172 ? -3.444  -8.262  -1.232  1.00 10.86 ? 172 MET A N   1 
ATOM   783  C  CA  . MET A 1 172 ? -3.224  -8.750  -2.590  1.00 11.75 ? 172 MET A CA  1 
ATOM   784  C  C   . MET A 1 172 ? -4.214  -8.198  -3.613  1.00 11.15 ? 172 MET A C   1 
ATOM   785  O  O   . MET A 1 172 ? -3.867  -8.020  -4.785  1.00 11.66 ? 172 MET A O   1 
ATOM   786  C  CB  . MET A 1 172 ? -3.142  -10.284 -2.625  1.00 12.84 ? 172 MET A CB  1 
ATOM   787  C  CG  . MET A 1 172 ? -1.896  -10.840 -1.920  1.00 15.45 ? 172 MET A CG  1 
ATOM   788  S  SD  . MET A 1 172 ? -0.289  -10.213 -2.513  1.00 20.71 ? 172 MET A SD  1 
ATOM   789  C  CE  . MET A 1 172 ? -0.137  -11.067 -4.083  1.00 22.23 ? 172 MET A CE  1 
ATOM   790  N  N   . GLU A 1 173 ? -5.443  -7.905  -3.186  1.00 10.60 ? 173 GLU A N   1 
ATOM   791  C  CA  . GLU A 1 173 ? -6.386  -7.250  -4.086  1.00 10.18 ? 173 GLU A CA  1 
ATOM   792  C  C   . GLU A 1 173 ? -5.935  -5.807  -4.368  1.00 9.56  ? 173 GLU A C   1 
ATOM   793  O  O   . GLU A 1 173 ? -5.987  -5.342  -5.509  1.00 9.88  ? 173 GLU A O   1 
ATOM   794  C  CB  . GLU A 1 173 ? -7.797  -7.242  -3.495  1.00 10.84 ? 173 GLU A CB  1 
ATOM   795  C  CG  . GLU A 1 173 ? -8.529  -8.584  -3.588  1.00 12.45 ? 173 GLU A CG  1 
ATOM   796  C  CD  . GLU A 1 173 ? -9.854  -8.517  -2.863  1.00 16.04 ? 173 GLU A CD  1 
ATOM   797  O  OE1 . GLU A 1 173 ? -9.841  -8.172  -1.669  1.00 15.78 ? 173 GLU A OE1 1 
ATOM   798  O  OE2 . GLU A 1 173 ? -10.898 -8.787  -3.485  1.00 19.73 ? 173 GLU A OE2 1 
ATOM   799  N  N   . LEU A 1 174 ? -5.510  -5.088  -3.329  1.00 8.99  ? 174 LEU A N   1 
ATOM   800  C  CA  . LEU A 1 174 ? -4.961  -3.759  -3.565  1.00 8.85  ? 174 LEU A CA  1 
ATOM   801  C  C   . LEU A 1 174 ? -3.702  -3.801  -4.442  1.00 8.95  ? 174 LEU A C   1 
ATOM   802  O  O   . LEU A 1 174 ? -3.469  -2.889  -5.232  1.00 8.68  ? 174 LEU A O   1 
ATOM   803  C  CB  . LEU A 1 174 ? -4.662  -3.055  -2.245  1.00 8.57  ? 174 LEU A CB  1 
ATOM   804  C  CG  . LEU A 1 174 ? -5.911  -2.704  -1.413  1.00 9.11  ? 174 LEU A CG  1 
ATOM   805  C  CD1 . LEU A 1 174 ? -5.468  -2.194  -0.039  1.00 10.90 ? 174 LEU A CD1 1 
ATOM   806  C  CD2 . LEU A 1 174 ? -6.827  -1.694  -2.119  1.00 9.38  ? 174 LEU A CD2 1 
ATOM   807  N  N   . LEU A 1 175 ? -2.886  -4.852  -4.301  1.00 8.41  ? 175 LEU A N   1 
ATOM   808  C  CA  . LEU A 1 175 ? -1.713  -5.006  -5.160  1.00 9.13  ? 175 LEU A CA  1 
ATOM   809  C  C   . LEU A 1 175 ? -2.122  -5.118  -6.626  1.00 9.55  ? 175 LEU A C   1 
ATOM   810  O  O   . LEU A 1 175 ? -1.516  -4.463  -7.490  1.00 9.97  ? 175 LEU A O   1 
ATOM   811  C  CB  . LEU A 1 175 ? -0.873  -6.210  -4.731  1.00 9.13  ? 175 LEU A CB  1 
ATOM   812  C  CG  . LEU A 1 175 ? 0.451   -6.320  -5.490  1.00 9.00  ? 175 LEU A CG  1 
ATOM   813  C  CD1 . LEU A 1 175 ? 1.394   -5.175  -5.147  1.00 11.07 ? 175 LEU A CD1 1 
ATOM   814  C  CD2 . LEU A 1 175 ? 1.087   -7.661  -5.131  1.00 10.66 ? 175 LEU A CD2 1 
ATOM   815  N  N   . ALA A 1 176 ? -3.139  -5.934  -6.911  1.00 9.94  ? 176 ALA A N   1 
ATOM   816  C  CA  . ALA A 1 176 ? -3.672  -6.008  -8.277  1.00 10.43 ? 176 ALA A CA  1 
ATOM   817  C  C   . ALA A 1 176 ? -4.147  -4.637  -8.781  1.00 10.89 ? 176 ALA A C   1 
ATOM   818  O  O   . ALA A 1 176 ? -3.849  -4.250  -9.915  1.00 12.11 ? 176 ALA A O   1 
ATOM   819  C  CB  . ALA A 1 176 ? -4.786  -7.041  -8.373  1.00 11.44 ? 176 ALA A CB  1 
ATOM   820  N  N   . ASP A 1 177 ? -4.877  -3.891  -7.948  1.00 10.88 ? 177 ASP A N   1 
ATOM   821  C  CA  . ASP A 1 177 ? -5.277  -2.523  -8.312  1.00 10.96 ? 177 ASP A CA  1 
ATOM   822  C  C   . ASP A 1 177 ? -4.064  -1.655  -8.647  1.00 10.90 ? 177 ASP A C   1 
ATOM   823  O  O   . ASP A 1 177 ? -4.098  -0.882  -9.615  1.00 11.69 ? 177 ASP A O   1 
ATOM   824  C  CB  . ASP A 1 177 ? -6.057  -1.839  -7.173  1.00 11.28 ? 177 ASP A CB  1 
ATOM   825  C  CG  . ASP A 1 177 ? -7.400  -2.465  -6.885  1.00 13.60 ? 177 ASP A CG  1 
ATOM   826  O  OD1 . ASP A 1 177 ? -7.898  -3.287  -7.680  1.00 16.26 ? 177 ASP A OD1 1 
ATOM   827  O  OD2 . ASP A 1 177 ? -7.989  -2.089  -5.849  1.00 13.74 ? 177 ASP A OD2 1 
ATOM   828  N  N   . ALA A 1 178 ? -3.010  -1.760  -7.836  1.00 10.52 ? 178 ALA A N   1 
ATOM   829  C  CA  . ALA A 1 178 ? -1.820  -0.939  -8.033  1.00 10.85 ? 178 ALA A CA  1 
ATOM   830  C  C   . ALA A 1 178 ? -1.107  -1.315  -9.331  1.00 11.87 ? 178 ALA A C   1 
ATOM   831  O  O   . ALA A 1 178 ? -0.667  -0.424  -10.071 1.00 12.03 ? 178 ALA A O   1 
ATOM   832  C  CB  . ALA A 1 178 ? -0.891  -1.051  -6.840  1.00 10.40 ? 178 ALA A CB  1 
ATOM   833  N  N   . TYR A 1 179 ? -1.012  -2.616  -9.620  1.00 12.18 ? 179 TYR A N   1 
ATOM   834  C  CA  A TYR A 1 179 ? -0.405  -3.068  -10.876 0.50 13.05 ? 179 TYR A CA  1 
ATOM   835  C  CA  B TYR A 1 179 ? -0.410  -3.077  -10.875 0.50 13.31 ? 179 TYR A CA  1 
ATOM   836  C  C   . TYR A 1 179 ? -1.174  -2.527  -12.078 1.00 13.87 ? 179 TYR A C   1 
ATOM   837  O  O   . TYR A 1 179 ? -0.569  -2.069  -13.055 1.00 14.32 ? 179 TYR A O   1 
ATOM   838  C  CB  A TYR A 1 179 ? -0.327  -4.593  -10.931 0.50 12.66 ? 179 TYR A CB  1 
ATOM   839  C  CB  B TYR A 1 179 ? -0.371  -4.603  -10.944 0.50 13.11 ? 179 TYR A CB  1 
ATOM   840  C  CG  A TYR A 1 179 ? 0.934   -5.181  -10.324 0.50 12.63 ? 179 TYR A CG  1 
ATOM   841  C  CG  B TYR A 1 179 ? 0.656   -5.276  -10.051 0.50 14.19 ? 179 TYR A CG  1 
ATOM   842  C  CD1 A TYR A 1 179 ? 1.331   -4.861  -9.033  0.50 11.86 ? 179 TYR A CD1 1 
ATOM   843  C  CD1 B TYR A 1 179 ? 1.714   -4.571  -9.493  0.50 15.14 ? 179 TYR A CD1 1 
ATOM   844  C  CD2 A TYR A 1 179 ? 1.715   -6.077  -11.043 0.50 13.80 ? 179 TYR A CD2 1 
ATOM   845  C  CD2 B TYR A 1 179 ? 0.573   -6.636  -9.796  0.50 15.23 ? 179 TYR A CD2 1 
ATOM   846  C  CE1 A TYR A 1 179 ? 2.483   -5.404  -8.479  0.50 11.17 ? 179 TYR A CE1 1 
ATOM   847  C  CE1 B TYR A 1 179 ? 2.654   -5.213  -8.684  0.50 14.70 ? 179 TYR A CE1 1 
ATOM   848  C  CE2 A TYR A 1 179 ? 2.854   -6.632  -10.497 0.50 13.63 ? 179 TYR A CE2 1 
ATOM   849  C  CE2 B TYR A 1 179 ? 1.497   -7.277  -9.003  0.50 16.11 ? 179 TYR A CE2 1 
ATOM   850  C  CZ  A TYR A 1 179 ? 3.233   -6.291  -9.214  0.50 12.92 ? 179 TYR A CZ  1 
ATOM   851  C  CZ  B TYR A 1 179 ? 2.535   -6.569  -8.452  0.50 16.22 ? 179 TYR A CZ  1 
ATOM   852  O  OH  A TYR A 1 179 ? 4.366   -6.845  -8.676  0.50 13.35 ? 179 TYR A OH  1 
ATOM   853  O  OH  B TYR A 1 179 ? 3.438   -7.244  -7.666  0.50 17.61 ? 179 TYR A OH  1 
ATOM   854  N  N   . GLU A 1 180 ? -2.503  -2.563  -12.002 1.00 14.54 ? 180 GLU A N   1 
ATOM   855  C  CA  A GLU A 1 180 ? -3.353  -2.035  -13.066 0.50 15.56 ? 180 GLU A CA  1 
ATOM   856  C  CA  B GLU A 1 180 ? -3.351  -2.032  -13.068 0.50 15.62 ? 180 GLU A CA  1 
ATOM   857  C  C   . GLU A 1 180 ? -3.064  -0.545  -13.284 1.00 15.78 ? 180 GLU A C   1 
ATOM   858  O  O   . GLU A 1 180 ? -2.863  -0.099  -14.419 1.00 16.10 ? 180 GLU A O   1 
ATOM   859  C  CB  A GLU A 1 180 ? -4.828  -2.262  -12.714 0.50 15.85 ? 180 GLU A CB  1 
ATOM   860  C  CB  B GLU A 1 180 ? -4.829  -2.253  -12.737 0.50 15.97 ? 180 GLU A CB  1 
ATOM   861  C  CG  A GLU A 1 180 ? -5.811  -1.996  -13.850 0.50 18.57 ? 180 GLU A CG  1 
ATOM   862  C  CG  B GLU A 1 180 ? -5.802  -1.610  -13.725 0.50 18.95 ? 180 GLU A CG  1 
ATOM   863  C  CD  A GLU A 1 180 ? -7.256  -2.271  -13.449 0.50 20.67 ? 180 GLU A CD  1 
ATOM   864  C  CD  B GLU A 1 180 ? -5.716  -2.222  -15.106 0.50 22.11 ? 180 GLU A CD  1 
ATOM   865  O  OE1 A GLU A 1 180 ? -7.547  -2.349  -12.233 0.50 22.55 ? 180 GLU A OE1 1 
ATOM   866  O  OE1 B GLU A 1 180 ? -5.337  -3.409  -15.212 0.50 24.16 ? 180 GLU A OE1 1 
ATOM   867  O  OE2 A GLU A 1 180 ? -8.108  -2.412  -14.353 0.50 23.70 ? 180 GLU A OE2 1 
ATOM   868  O  OE2 B GLU A 1 180 ? -6.025  -1.512  -16.088 0.50 24.63 ? 180 GLU A OE2 1 
ATOM   869  N  N   . MET A 1 181 ? -3.022  0.218   -12.192 1.00 15.72 ? 181 MET A N   1 
ATOM   870  C  CA  A MET A 1 181 ? -2.812  1.659   -12.263 0.50 16.33 ? 181 MET A CA  1 
ATOM   871  C  CA  B MET A 1 181 ? -2.799  1.662   -12.270 0.50 16.95 ? 181 MET A CA  1 
ATOM   872  C  C   . MET A 1 181 ? -1.438  2.020   -12.842 1.00 17.31 ? 181 MET A C   1 
ATOM   873  O  O   . MET A 1 181 ? -1.303  3.007   -13.582 1.00 17.64 ? 181 MET A O   1 
ATOM   874  C  CB  A MET A 1 181 ? -2.999  2.276   -10.871 0.50 16.20 ? 181 MET A CB  1 
ATOM   875  C  CB  B MET A 1 181 ? -2.929  2.297   -10.891 0.50 17.27 ? 181 MET A CB  1 
ATOM   876  C  CG  A MET A 1 181 ? -3.050  3.787   -10.853 0.50 15.88 ? 181 MET A CG  1 
ATOM   877  C  CG  B MET A 1 181 ? -4.305  2.242   -10.332 0.50 19.65 ? 181 MET A CG  1 
ATOM   878  S  SD  A MET A 1 181 ? -3.258  4.393   -9.174  0.50 17.06 ? 181 MET A SD  1 
ATOM   879  S  SD  B MET A 1 181 ? -4.291  3.000   -8.726  0.50 25.65 ? 181 MET A SD  1 
ATOM   880  C  CE  A MET A 1 181 ? -4.880  3.766   -8.809  0.50 19.31 ? 181 MET A CE  1 
ATOM   881  C  CE  B MET A 1 181 ? -3.769  4.656   -9.155  0.50 23.58 ? 181 MET A CE  1 
ATOM   882  N  N   . ALA A 1 182 ? -0.429  1.224   -12.499 1.00 17.64 ? 182 ALA A N   1 
ATOM   883  C  CA  . ALA A 1 182 ? 0.943   1.477   -12.924 1.00 19.38 ? 182 ALA A CA  1 
ATOM   884  C  C   . ALA A 1 182 ? 1.257   0.833   -14.272 1.00 21.26 ? 182 ALA A C   1 
ATOM   885  O  O   . ALA A 1 182 ? 2.387   0.923   -14.755 1.00 21.32 ? 182 ALA A O   1 
ATOM   886  C  CB  . ALA A 1 182 ? 1.905   0.988   -11.862 1.00 18.79 ? 182 ALA A CB  1 
ATOM   887  N  N   . ASN A 1 183 ? 0.254   0.196   -14.874 1.00 23.44 ? 183 ASN A N   1 
ATOM   888  C  CA  . ASN A 1 183 ? 0.416   -0.509  -16.148 1.00 26.79 ? 183 ASN A CA  1 
ATOM   889  C  C   . ASN A 1 183 ? 1.519   -1.576  -16.102 1.00 28.21 ? 183 ASN A C   1 
ATOM   890  O  O   . ASN A 1 183 ? 2.347   -1.682  -17.017 1.00 28.74 ? 183 ASN A O   1 
ATOM   891  C  CB  . ASN A 1 183 ? 0.632   0.492   -17.301 1.00 27.28 ? 183 ASN A CB  1 
ATOM   892  C  CG  . ASN A 1 183 ? 0.473   -0.145  -18.674 1.00 30.34 ? 183 ASN A CG  1 
ATOM   893  O  OD1 . ASN A 1 183 ? -0.290  -1.100  -18.848 1.00 33.78 ? 183 ASN A OD1 1 
ATOM   894  N  ND2 . ASN A 1 183 ? 1.204   0.380   -19.660 1.00 33.25 ? 183 ASN A ND2 1 
ATOM   895  N  N   . ILE A 1 184 ? 1.533   -2.351  -15.019 1.00 30.14 ? 184 ILE A N   1 
ATOM   896  C  CA  . ILE A 1 184 ? 2.408   -3.518  -14.891 1.00 32.43 ? 184 ILE A CA  1 
ATOM   897  C  C   . ILE A 1 184 ? 1.576   -4.779  -15.146 1.00 34.29 ? 184 ILE A C   1 
ATOM   898  O  O   . ILE A 1 184 ? 0.489   -4.926  -14.571 1.00 34.29 ? 184 ILE A O   1 
ATOM   899  C  CB  . ILE A 1 184 ? 3.044   -3.603  -13.481 1.00 32.34 ? 184 ILE A CB  1 
ATOM   900  C  CG1 . ILE A 1 184 ? 3.707   -2.276  -13.094 1.00 32.33 ? 184 ILE A CG1 1 
ATOM   901  C  CG2 . ILE A 1 184 ? 4.048   -4.756  -13.410 1.00 32.80 ? 184 ILE A CG2 1 
ATOM   902  C  CD1 . ILE A 1 184 ? 3.956   -2.120  -11.600 1.00 31.75 ? 184 ILE A CD1 1 
ATOM   903  N  N   . MET A 1 185 ? 2.072   -5.681  -16.000 1.00 36.14 ? 185 MET A N   1 
ATOM   904  C  CA  A MET A 1 185 ? 1.343   -6.917  -16.313 0.50 37.16 ? 185 MET A CA  1 
ATOM   905  C  CA  B MET A 1 185 ? 1.356   -6.918  -16.323 0.50 37.17 ? 185 MET A CA  1 
ATOM   906  C  C   . MET A 1 185 ? 1.286   -7.851  -15.107 1.00 37.69 ? 185 MET A C   1 
ATOM   907  O  O   . MET A 1 185 ? 2.302   -8.087  -14.437 1.00 37.82 ? 185 MET A O   1 
ATOM   908  C  CB  A MET A 1 185 ? 1.951   -7.653  -17.515 0.50 37.43 ? 185 MET A CB  1 
ATOM   909  C  CB  B MET A 1 185 ? 2.010   -7.633  -17.514 0.50 37.45 ? 185 MET A CB  1 
ATOM   910  C  CG  A MET A 1 185 ? 0.992   -8.666  -18.148 0.50 38.20 ? 185 MET A CG  1 
ATOM   911  C  CG  B MET A 1 185 ? 2.022   -6.831  -18.819 0.50 38.31 ? 185 MET A CG  1 
ATOM   912  S  SD  A MET A 1 185 ? 1.797   -10.072 -18.948 0.50 40.31 ? 185 MET A SD  1 
ATOM   913  S  SD  B MET A 1 185 ? 0.379   -6.376  -19.414 0.50 40.48 ? 185 MET A SD  1 
ATOM   914  C  CE  A MET A 1 185 ? 2.478   -10.938 -17.530 0.50 39.62 ? 185 MET A CE  1 
ATOM   915  C  CE  B MET A 1 185 ? -0.380  -7.990  -19.604 0.50 39.88 ? 185 MET A CE  1 
ATOM   916  N  N   . HIS A 1 186 ? 0.089   -8.380  -14.837 1.00 38.40 ? 186 HIS A N   1 
ATOM   917  C  CA  . HIS A 1 186 ? -0.145  -9.262  -13.686 1.00 39.20 ? 186 HIS A CA  1 
ATOM   918  C  C   . HIS A 1 186 ? -1.227  -10.320 -13.919 1.00 39.47 ? 186 HIS A C   1 
ATOM   919  C  CB  . HIS A 1 186 ? -0.475  -8.442  -12.429 1.00 39.38 ? 186 HIS A CB  1 
ATOM   920  C  CG  . HIS A 1 186 ? -1.711  -7.597  -12.542 1.00 39.87 ? 186 HIS A CG  1 
ATOM   921  N  ND1 . HIS A 1 186 ? -1.865  -6.615  -13.498 1.00 40.39 ? 186 HIS A ND1 1 
ATOM   922  C  CD2 . HIS A 1 186 ? -2.837  -7.564  -11.788 1.00 40.50 ? 186 HIS A CD2 1 
ATOM   923  C  CE1 . HIS A 1 186 ? -3.040  -6.030  -13.343 1.00 41.06 ? 186 HIS A CE1 1 
ATOM   924  N  NE2 . HIS A 1 186 ? -3.647  -6.582  -12.308 1.00 39.94 ? 186 HIS A NE2 1 
HETATM 925  ZN ZN  . ZN  B 2 .   ? 4.341   -1.788  6.035   1.00 11.73 ? 187 ZN  A ZN  1 
HETATM 926  ZN ZN  . ZN  C 2 .   ? -4.479  6.312   2.299   1.00 7.93  ? 188 ZN  A ZN  1 
HETATM 927  S  S   . SO4 D 3 .   ? 7.345   -2.308  5.829   1.00 20.84 ? 189 SO4 A S   1 
HETATM 928  O  O1  . SO4 D 3 .   ? 7.559   -1.138  6.668   1.00 22.67 ? 189 SO4 A O1  1 
HETATM 929  O  O2  . SO4 D 3 .   ? 7.447   -3.532  6.634   1.00 22.61 ? 189 SO4 A O2  1 
HETATM 930  O  O3  . SO4 D 3 .   ? 8.350   -2.379  4.763   1.00 21.76 ? 189 SO4 A O3  1 
HETATM 931  O  O4  . SO4 D 3 .   ? 6.004   -2.261  5.210   1.00 15.80 ? 189 SO4 A O4  1 
HETATM 932  O  O   . HOH E 4 .   ? 3.284   5.567   7.954   1.00 27.15 ? 190 HOH A O   1 
HETATM 933  O  O   . HOH E 4 .   ? 16.279  -8.597  -12.455 1.00 31.40 ? 191 HOH A O   1 
HETATM 934  O  O   . HOH E 4 .   ? -4.959  8.004   -3.340  1.00 8.02  ? 192 HOH A O   1 
HETATM 935  O  O   . HOH E 4 .   ? 10.041  -0.539  0.465   1.00 20.45 ? 193 HOH A O   1 
HETATM 936  O  O   . HOH E 4 .   ? 6.631   -7.977  0.547   1.00 12.04 ? 194 HOH A O   1 
HETATM 937  O  O   . HOH E 4 .   ? -10.235 5.327   18.366  1.00 25.66 ? 195 HOH A O   1 
HETATM 938  O  O   . HOH E 4 .   ? 12.621  -2.285  -0.161  1.00 39.13 ? 196 HOH A O   1 
HETATM 939  O  O   . HOH E 4 .   ? 4.039   4.273   -11.866 1.00 20.20 ? 197 HOH A O   1 
HETATM 940  O  O   . HOH E 4 .   ? 2.676   15.059  -1.907  1.00 12.34 ? 198 HOH A O   1 
HETATM 941  O  O   . HOH E 4 .   ? 19.625  -7.617  -10.040 1.00 10.58 ? 199 HOH A O   1 
HETATM 942  O  O   . HOH E 4 .   ? -5.332  6.190   10.552  1.00 11.51 ? 200 HOH A O   1 
HETATM 943  O  O   . HOH E 4 .   ? 5.260   -8.037  5.137   1.00 19.96 ? 201 HOH A O   1 
HETATM 944  O  O   . HOH E 4 .   ? 9.810   -12.359 2.700   1.00 12.54 ? 202 HOH A O   1 
HETATM 945  O  O   . HOH E 4 .   ? -7.836  0.614   -5.121  1.00 14.09 ? 203 HOH A O   1 
HETATM 946  O  O   . HOH E 4 .   ? 7.427   -12.953 -2.407  1.00 14.66 ? 204 HOH A O   1 
HETATM 947  O  O   . HOH E 4 .   ? -14.325 -2.612  2.175   1.00 14.71 ? 205 HOH A O   1 
HETATM 948  O  O   . HOH E 4 .   ? 0.933   17.098  -5.622  1.00 14.48 ? 206 HOH A O   1 
HETATM 949  O  O   . HOH E 4 .   ? -0.253  -4.730  13.113  1.00 17.02 ? 207 HOH A O   1 
HETATM 950  O  O   . HOH E 4 .   ? -4.446  9.054   17.170  1.00 37.96 ? 208 HOH A O   1 
HETATM 951  O  O   . HOH E 4 .   ? -8.317  -6.076  -7.153  1.00 29.35 ? 209 HOH A O   1 
HETATM 952  O  O   . HOH E 4 .   ? 10.922  -10.296 6.255   1.00 31.47 ? 210 HOH A O   1 
HETATM 953  O  O   . HOH E 4 .   ? -16.579 -2.241  0.591   1.00 14.15 ? 211 HOH A O   1 
HETATM 954  O  O   . HOH E 4 .   ? -7.587  -4.908  -10.191 1.00 37.90 ? 212 HOH A O   1 
HETATM 955  O  O   . HOH E 4 .   ? 2.103   1.519   13.635  1.00 16.95 ? 213 HOH A O   1 
HETATM 956  O  O   . HOH E 4 .   ? 2.150   -2.435  14.860  1.00 27.68 ? 214 HOH A O   1 
HETATM 957  O  O   . HOH E 4 .   ? 9.654   -14.743 4.062   1.00 20.71 ? 215 HOH A O   1 
HETATM 958  O  O   . HOH E 4 .   ? -18.321 7.074   11.313  1.00 23.60 ? 216 HOH A O   1 
HETATM 959  O  O   . HOH E 4 .   ? 3.206   6.322   4.342   1.00 17.73 ? 217 HOH A O   1 
HETATM 960  O  O   . HOH E 4 .   ? -11.930 -0.301  -6.333  1.00 22.90 ? 218 HOH A O   1 
HETATM 961  O  O   . HOH E 4 .   ? 6.582   -1.636  9.967   1.00 37.08 ? 219 HOH A O   1 
HETATM 962  O  O   . HOH E 4 .   ? -6.770  -0.003  -10.647 1.00 30.57 ? 220 HOH A O   1 
HETATM 963  O  O   . HOH E 4 .   ? -2.446  -9.774  -6.513  1.00 25.79 ? 221 HOH A O   1 
HETATM 964  O  O   . HOH E 4 .   ? 8.842   3.840   0.547   1.00 20.56 ? 222 HOH A O   1 
HETATM 965  O  O   . HOH E 4 .   ? 5.545   12.192  9.662   1.00 34.31 ? 223 HOH A O   1 
HETATM 966  O  O   . HOH E 4 .   ? 15.677  -4.901  1.453   1.00 34.78 ? 224 HOH A O   1 
HETATM 967  O  O   . HOH E 4 .   ? 2.462   6.489   -12.119 1.00 41.06 ? 225 HOH A O   1 
HETATM 968  O  O   . HOH E 4 .   ? 11.042  2.515   -4.709  1.00 31.73 ? 226 HOH A O   1 
HETATM 969  O  O   . HOH E 4 .   ? -16.141 14.173  14.959  1.00 47.13 ? 227 HOH A O   1 
HETATM 970  O  O   . HOH E 4 .   ? 18.340  -4.375  1.513   1.00 60.56 ? 228 HOH A O   1 
HETATM 971  O  O   . HOH E 4 .   ? -15.972 -2.305  4.603   1.00 24.32 ? 229 HOH A O   1 
HETATM 972  O  O   . HOH E 4 .   ? 3.564   5.204   14.478  1.00 41.55 ? 230 HOH A O   1 
HETATM 973  O  O   . HOH E 4 .   ? 8.408   13.319  -0.258  1.00 25.31 ? 231 HOH A O   1 
HETATM 974  O  O   . HOH E 4 .   ? -3.912  4.682   18.557  1.00 31.87 ? 232 HOH A O   1 
HETATM 975  O  O   . HOH E 4 .   ? -0.381  -2.429  18.555  1.00 42.56 ? 233 HOH A O   1 
HETATM 976  O  O   . HOH E 4 .   ? 6.354   10.192  1.170   1.00 40.76 ? 234 HOH A O   1 
HETATM 977  O  O   . HOH E 4 .   ? 8.247   -8.959  -12.829 1.00 33.95 ? 235 HOH A O   1 
HETATM 978  O  O   . HOH E 4 .   ? -4.876  3.076   20.466  1.00 33.89 ? 236 HOH A O   1 
HETATM 979  O  O   . HOH E 4 .   ? -9.938  7.308   -6.790  1.00 21.40 ? 237 HOH A O   1 
HETATM 980  O  O   . HOH E 4 .   ? 3.005   1.756   16.225  1.00 37.84 ? 238 HOH A O   1 
HETATM 981  O  O   . HOH E 4 .   ? 1.424   0.421   18.437  1.00 28.70 ? 239 HOH A O   1 
HETATM 982  O  O   . HOH E 4 .   ? -10.437 -2.635  -8.764  1.00 40.40 ? 240 HOH A O   1 
HETATM 983  O  O   . HOH E 4 .   ? 16.114  -14.412 -9.298  1.00 38.44 ? 241 HOH A O   1 
HETATM 984  O  O   . HOH E 4 .   ? 6.371   13.168  -2.660  1.00 39.19 ? 242 HOH A O   1 
HETATM 985  O  O   . HOH E 4 .   ? -13.741 -1.031  -4.660  1.00 47.14 ? 243 HOH A O   1 
HETATM 986  O  O   . HOH E 4 .   ? -18.033 11.894  4.342   1.00 47.06 ? 244 HOH A O   1 
HETATM 987  O  O   . HOH E 4 .   ? 8.678   -9.591  7.634   1.00 48.81 ? 245 HOH A O   1 
HETATM 988  O  O   . HOH E 4 .   ? 11.855  -12.734 6.358   1.00 39.36 ? 246 HOH A O   1 
HETATM 989  O  O   . HOH E 4 .   ? 7.657   8.522   2.801   1.00 76.82 ? 247 HOH A O   1 
HETATM 990  O  O   . HOH E 4 .   ? -2.720  -1.868  -16.707 1.00 58.97 ? 248 HOH A O   1 
HETATM 991  O  O   . HOH E 4 .   ? -7.973  -8.812  -7.504  1.00 37.73 ? 249 HOH A O   1 
HETATM 992  O  O   . HOH E 4 .   ? 14.581  -10.669 -12.651 1.00 66.38 ? 250 HOH A O   1 
HETATM 993  O  O   . HOH E 4 .   ? 16.395  -11.553 -10.719 1.00 41.78 ? 251 HOH A O   1 
HETATM 994  O  O   . HOH E 4 .   ? -1.478  -6.633  11.519  1.00 21.74 ? 252 HOH A O   1 
HETATM 995  O  O   . HOH E 4 .   ? 4.249   2.820   -14.158 1.00 25.99 ? 253 HOH A O   1 
HETATM 996  O  O   . HOH E 4 .   ? -5.237  -9.960  14.942  1.00 44.66 ? 254 HOH A O   1 
HETATM 997  O  O   . HOH E 4 .   ? 7.801   -7.017  6.194   1.00 33.42 ? 255 HOH A O   1 
HETATM 998  O  O   . HOH E 4 .   ? -0.054  -10.141 -7.700  1.00 50.76 ? 256 HOH A O   1 
HETATM 999  O  O   . HOH E 4 .   ? -6.687  1.977   -12.567 1.00 47.30 ? 257 HOH A O   1 
HETATM 1000 O  O   . HOH E 4 .   ? 9.180   4.772   -4.304  1.00 21.75 ? 258 HOH A O   1 
HETATM 1001 O  O   . HOH E 4 .   ? 2.411   -4.792  11.924  1.00 29.78 ? 259 HOH A O   1 
HETATM 1002 O  O   . HOH E 4 .   ? 4.648   0.361   12.736  1.00 29.79 ? 260 HOH A O   1 
HETATM 1003 O  O   . HOH E 4 .   ? -8.802  0.839   -9.348  1.00 45.18 ? 261 HOH A O   1 
HETATM 1004 O  O   . HOH E 4 .   ? 11.889  1.065   -2.684  1.00 27.52 ? 262 HOH A O   1 
HETATM 1005 O  O   . HOH E 4 .   ? -10.828 6.132   -8.940  1.00 33.32 ? 263 HOH A O   1 
HETATM 1006 O  O   . HOH E 4 .   ? 5.388   -8.270  -11.778 1.00 45.63 ? 264 HOH A O   1 
HETATM 1007 O  O   . HOH E 4 .   ? 15.141  3.571   -3.428  1.00 49.48 ? 265 HOH A O   1 
HETATM 1008 O  O   . HOH E 4 .   ? 9.016   5.739   -1.348  1.00 50.50 ? 266 HOH A O   1 
HETATM 1009 O  O   . HOH E 4 .   ? 3.623   -10.298 -7.646  1.00 39.77 ? 267 HOH A O   1 
HETATM 1010 O  O   . HOH E 4 .   ? -13.870 1.474   -5.111  1.00 26.62 ? 268 HOH A O   1 
HETATM 1011 O  O   . HOH E 4 .   ? -9.754  1.243   -6.859  1.00 20.06 ? 269 HOH A O   1 
HETATM 1012 O  O   . HOH E 4 .   ? 5.233   -4.998  6.342   1.00 22.79 ? 270 HOH A O   1 
HETATM 1013 O  O   . HOH E 4 .   ? 8.894   -0.398  3.194   1.00 27.85 ? 271 HOH A O   1 
HETATM 1014 O  O   . HOH E 4 .   ? 0.219   -5.655  9.198   1.00 20.09 ? 272 HOH A O   1 
HETATM 1015 O  O   . HOH E 4 .   ? -3.895  -10.317 0.823   1.00 16.45 ? 273 HOH A O   1 
HETATM 1016 O  O   . HOH E 4 .   ? -6.804  -5.578  12.807  1.00 14.29 ? 274 HOH A O   1 
HETATM 1017 O  O   . HOH E 4 .   ? -2.741  14.195  -1.756  1.00 10.65 ? 275 HOH A O   1 
HETATM 1018 O  O   . HOH E 4 .   ? -8.149  13.894  -2.904  1.00 25.31 ? 276 HOH A O   1 
HETATM 1019 O  O   . HOH E 4 .   ? 13.525  -11.874 -6.301  1.00 17.26 ? 277 HOH A O   1 
HETATM 1020 O  O   . HOH E 4 .   ? 10.014  1.937   -12.835 1.00 25.70 ? 278 HOH A O   1 
HETATM 1021 O  O   . HOH E 4 .   ? 4.301   11.338  7.073   1.00 32.19 ? 279 HOH A O   1 
HETATM 1022 O  O   . HOH E 4 .   ? -14.868 1.085   4.065   1.00 12.87 ? 280 HOH A O   1 
HETATM 1023 O  O   . HOH E 4 .   ? -4.887  -7.627  12.407  1.00 22.57 ? 281 HOH A O   1 
HETATM 1024 O  O   . HOH E 4 .   ? -0.885  11.459  1.247   1.00 13.84 ? 282 HOH A O   1 
HETATM 1025 O  O   . HOH E 4 .   ? -5.130  -8.484  3.525   1.00 24.06 ? 283 HOH A O   1 
HETATM 1026 O  O   . HOH E 4 .   ? 15.969  -12.922 -5.710  1.00 14.98 ? 284 HOH A O   1 
HETATM 1027 O  O   . HOH E 4 .   ? -11.689 3.866   12.212  1.00 23.70 ? 285 HOH A O   1 
HETATM 1028 O  O   . HOH E 4 .   ? -18.280 10.296  6.474   1.00 25.26 ? 286 HOH A O   1 
HETATM 1029 O  O   . HOH E 4 .   ? -6.681  -11.716 -1.343  1.00 30.08 ? 287 HOH A O   1 
HETATM 1030 O  O   . HOH E 4 .   ? 15.106  -15.339 -1.204  1.00 21.62 ? 288 HOH A O   1 
HETATM 1031 O  O   . HOH E 4 .   ? 15.367  -13.266 -12.182 1.00 24.80 ? 289 HOH A O   1 
HETATM 1032 O  O   . HOH E 4 .   ? 13.454  -10.494 -9.000  1.00 26.98 ? 290 HOH A O   1 
HETATM 1033 O  O   . HOH E 4 .   ? -11.720 11.699  20.442  1.00 39.84 ? 291 HOH A O   1 
HETATM 1034 O  O   . HOH E 4 .   ? 1.021   10.565  -7.389  1.00 37.74 ? 292 HOH A O   1 
HETATM 1035 O  O   . HOH E 4 .   ? -8.071  10.092  18.829  1.00 28.09 ? 293 HOH A O   1 
HETATM 1036 O  O   . HOH E 4 .   ? 13.720  1.947   -5.053  1.00 55.55 ? 294 HOH A O   1 
HETATM 1037 O  O   . HOH E 4 .   ? 11.728  -1.643  -2.439  1.00 29.19 ? 295 HOH A O   1 
HETATM 1038 O  O   . HOH E 4 .   ? 3.992   8.836   3.970   1.00 33.12 ? 296 HOH A O   1 
HETATM 1039 O  O   . HOH E 4 .   ? 2.125   9.480   -5.033  1.00 27.79 ? 297 HOH A O   1 
HETATM 1040 O  O   . HOH E 4 .   ? 5.189   5.053   6.661   1.00 42.75 ? 298 HOH A O   1 
HETATM 1041 O  O   . HOH E 4 .   ? -6.077  -11.903 -3.997  1.00 48.98 ? 299 HOH A O   1 
HETATM 1042 O  O   . HOH E 4 .   ? -10.732 -5.620  -6.526  1.00 30.34 ? 300 HOH A O   1 
HETATM 1043 O  O   . HOH E 4 .   ? -6.354  7.517   17.738  1.00 37.76 ? 301 HOH A O   1 
HETATM 1044 O  O   . HOH E 4 .   ? 0.684   -6.410  6.553   1.00 27.11 ? 302 HOH A O   1 
HETATM 1045 O  O   . HOH E 4 .   ? 12.127  -10.955 -11.496 1.00 33.72 ? 303 HOH A O   1 
HETATM 1046 O  O   . HOH E 4 .   ? -1.797  -8.887  -9.117  1.00 51.65 ? 304 HOH A O   1 
HETATM 1047 O  O   . HOH E 4 .   ? 16.555  -2.181  -13.492 1.00 81.88 ? 305 HOH A O   1 
HETATM 1048 O  O   . HOH E 4 .   ? 9.304   -12.748 -8.952  1.00 41.03 ? 306 HOH A O   1 
HETATM 1049 O  O   . HOH E 4 .   ? 0.797   8.241   15.088  1.00 53.83 ? 307 HOH A O   1 
HETATM 1050 O  O   . HOH E 4 .   ? -13.762 2.132   12.121  1.00 38.05 ? 308 HOH A O   1 
HETATM 1051 O  O   . HOH E 4 .   ? -10.003 10.127  21.510  1.00 45.52 ? 309 HOH A O   1 
HETATM 1052 O  O   . HOH E 4 .   ? 17.690  2.620   -7.962  1.00 49.57 ? 310 HOH A O   1 
HETATM 1053 O  O   . HOH E 4 .   ? -4.998  -12.540 0.357   1.00 44.05 ? 311 HOH A O   1 
HETATM 1054 O  O   . HOH E 4 .   ? -13.878 10.017  20.053  1.00 17.50 ? 312 HOH A O   1 
HETATM 1055 O  O   . HOH E 4 .   ? 7.088   -13.053 -7.802  1.00 33.84 ? 313 HOH A O   1 
HETATM 1056 O  O   . HOH E 4 .   ? -2.847  -14.038 -1.916  1.00 61.54 ? 314 HOH A O   1 
HETATM 1057 O  O   . HOH E 4 .   ? 18.376  -9.510  -11.698 1.00 21.10 ? 315 HOH A O   1 
# 
